data_2OTQ
# 
_entry.id   2OTQ 
# 
_audit_conform.dict_name       mmcif_pdbx.dic 
_audit_conform.dict_version    5.397 
_audit_conform.dict_location   http://mmcif.pdb.org/dictionaries/ascii/mmcif_pdbx.dic 
# 
loop_
_database_2.database_id 
_database_2.database_code 
_database_2.pdbx_database_accession 
_database_2.pdbx_DOI 
PDB   2OTQ         pdb_00002otq 10.2210/pdb2otq/pdb 
RCSB  RCSB041573   ?            ?                   
WWPDB D_1000041573 ?            ?                   
# 
loop_
_pdbx_audit_revision_history.ordinal 
_pdbx_audit_revision_history.data_content_type 
_pdbx_audit_revision_history.major_revision 
_pdbx_audit_revision_history.minor_revision 
_pdbx_audit_revision_history.revision_date 
1 'Structure model' 1 0 2007-12-25 
2 'Structure model' 1 1 2011-07-13 
3 'Structure model' 1 2 2022-03-16 
4 'Structure model' 1 3 2024-10-09 
# 
_pdbx_audit_revision_details.ordinal             1 
_pdbx_audit_revision_details.revision_ordinal    1 
_pdbx_audit_revision_details.data_content_type   'Structure model' 
_pdbx_audit_revision_details.provider            repository 
_pdbx_audit_revision_details.type                'Initial release' 
_pdbx_audit_revision_details.description         ? 
_pdbx_audit_revision_details.details             ? 
# 
loop_
_pdbx_audit_revision_group.ordinal 
_pdbx_audit_revision_group.revision_ordinal 
_pdbx_audit_revision_group.data_content_type 
_pdbx_audit_revision_group.group 
1 2 'Structure model' 'Version format compliance' 
2 3 'Structure model' 'Data collection'           
3 3 'Structure model' 'Database references'       
4 3 'Structure model' 'Derived calculations'      
5 4 'Structure model' 'Data collection'           
6 4 'Structure model' 'Structure summary'         
# 
loop_
_pdbx_audit_revision_category.ordinal 
_pdbx_audit_revision_category.revision_ordinal 
_pdbx_audit_revision_category.data_content_type 
_pdbx_audit_revision_category.category 
1 3 'Structure model' database_2                
2 3 'Structure model' pdbx_nmr_software         
3 3 'Structure model' pdbx_struct_assembly      
4 3 'Structure model' pdbx_struct_oper_list     
5 3 'Structure model' struct_conn               
6 4 'Structure model' chem_comp_atom            
7 4 'Structure model' chem_comp_bond            
8 4 'Structure model' pdbx_entry_details        
9 4 'Structure model' pdbx_modification_feature 
# 
loop_
_pdbx_audit_revision_item.ordinal 
_pdbx_audit_revision_item.revision_ordinal 
_pdbx_audit_revision_item.data_content_type 
_pdbx_audit_revision_item.item 
1 3 'Structure model' '_database_2.pdbx_DOI'                
2 3 'Structure model' '_database_2.pdbx_database_accession' 
3 3 'Structure model' '_pdbx_nmr_software.name'             
4 3 'Structure model' '_struct_conn.pdbx_leaving_atom_flag' 
# 
_pdbx_database_status.entry_id                        2OTQ 
_pdbx_database_status.deposit_site                    RCSB 
_pdbx_database_status.process_site                    RCSB 
_pdbx_database_status.recvd_initial_deposition_date   2007-02-09 
_pdbx_database_status.status_code                     REL 
_pdbx_database_status.status_code_sf                  ? 
_pdbx_database_status.status_code_mr                  REL 
_pdbx_database_status.SG_entry                        ? 
_pdbx_database_status.pdb_format_compatible           Y 
_pdbx_database_status.status_code_cs                  ? 
_pdbx_database_status.status_code_nmr_data            ? 
_pdbx_database_status.methods_development_category    ? 
# 
loop_
_pdbx_database_related.db_name 
_pdbx_database_related.db_id 
_pdbx_database_related.details 
_pdbx_database_related.content_type 
PDB 1QVK 'Related peptide' unspecified 
PDB 1QVL 'Related peptide' unspecified 
PDB 1SKI 'Related peptide' unspecified 
PDB 1SKK 'Related peptide' unspecified 
PDB 1SKL 'Related peptide' unspecified 
# 
loop_
_audit_author.name 
_audit_author.pdbx_ordinal 
'Appelt, C.'      1 
'Wesselowski, A.' 2 
'Soderhall, J.A.' 3 
'Dathe, M.'       4 
'Schmieder, P.'   5 
# 
_citation.id                        primary 
_citation.title                     
'Structures of cyclic, antimicrobial peptides in a membrane-mimicking environment define requirements for activity.' 
_citation.journal_abbrev            J.Pept.Sci. 
_citation.journal_volume            14 
_citation.page_first                524 
_citation.page_last                 527 
_citation.year                      2007 
_citation.journal_id_ASTM           JPSIEI 
_citation.country                   UK 
_citation.journal_id_ISSN           1075-2617 
_citation.journal_id_CSD            1225 
_citation.book_publisher            ? 
_citation.pdbx_database_id_PubMed   17985394 
_citation.pdbx_database_id_DOI      10.1002/psc.924 
# 
loop_
_citation_author.citation_id 
_citation_author.name 
_citation_author.ordinal 
_citation_author.identifier_ORCID 
primary 'Appelt, C.'      1 ? 
primary 'Wessolowski, A.' 2 ? 
primary 'Dathe, M.'       3 ? 
primary 'Schmieder, P.'   4 ? 
# 
_entity.id                         1 
_entity.type                       polymer 
_entity.src_method                 syn 
_entity.pdbx_description           'cRW3 cationic antimicrobial peptide' 
_entity.formula_weight             1009.190 
_entity.pdbx_number_of_molecules   1 
_entity.pdbx_ec                    ? 
_entity.pdbx_mutation              ? 
_entity.pdbx_fragment              ? 
_entity.details                    ? 
# 
_entity_poly.entity_id                      1 
_entity_poly.type                           'polypeptide(L)' 
_entity_poly.nstd_linkage                   no 
_entity_poly.nstd_monomer                   no 
_entity_poly.pdbx_seq_one_letter_code       RRWFWR 
_entity_poly.pdbx_seq_one_letter_code_can   RRWFWR 
_entity_poly.pdbx_strand_id                 A 
_entity_poly.pdbx_target_identifier         ? 
# 
loop_
_entity_poly_seq.entity_id 
_entity_poly_seq.num 
_entity_poly_seq.mon_id 
_entity_poly_seq.hetero 
1 1 ARG n 
1 2 ARG n 
1 3 TRP n 
1 4 PHE n 
1 5 TRP n 
1 6 ARG n 
# 
loop_
_chem_comp.id 
_chem_comp.type 
_chem_comp.mon_nstd_flag 
_chem_comp.name 
_chem_comp.pdbx_synonyms 
_chem_comp.formula 
_chem_comp.formula_weight 
ARG 'L-peptide linking' y ARGININE      ? 'C6 H15 N4 O2 1' 175.209 
PHE 'L-peptide linking' y PHENYLALANINE ? 'C9 H11 N O2'    165.189 
TRP 'L-peptide linking' y TRYPTOPHAN    ? 'C11 H12 N2 O2'  204.225 
# 
loop_
_pdbx_poly_seq_scheme.asym_id 
_pdbx_poly_seq_scheme.entity_id 
_pdbx_poly_seq_scheme.seq_id 
_pdbx_poly_seq_scheme.mon_id 
_pdbx_poly_seq_scheme.ndb_seq_num 
_pdbx_poly_seq_scheme.pdb_seq_num 
_pdbx_poly_seq_scheme.auth_seq_num 
_pdbx_poly_seq_scheme.pdb_mon_id 
_pdbx_poly_seq_scheme.auth_mon_id 
_pdbx_poly_seq_scheme.pdb_strand_id 
_pdbx_poly_seq_scheme.pdb_ins_code 
_pdbx_poly_seq_scheme.hetero 
A 1 1 ARG 1 1 1 ARG ARG A . n 
A 1 2 ARG 2 2 2 ARG ARG A . n 
A 1 3 TRP 3 3 3 TRP TRP A . n 
A 1 4 PHE 4 4 4 PHE PHE A . n 
A 1 5 TRP 5 5 5 TRP TRP A . n 
A 1 6 ARG 6 6 6 ARG ARG A . n 
# 
_cell.entry_id           2OTQ 
_cell.length_a           1.000 
_cell.length_b           1.000 
_cell.length_c           1.000 
_cell.angle_alpha        90.00 
_cell.angle_beta         90.00 
_cell.angle_gamma        90.00 
_cell.Z_PDB              1 
_cell.pdbx_unique_axis   ? 
# 
_symmetry.entry_id                         2OTQ 
_symmetry.space_group_name_H-M             'P 1' 
_symmetry.pdbx_full_space_group_name_H-M   ? 
_symmetry.cell_setting                     ? 
_symmetry.Int_Tables_number                1 
# 
_exptl.method            'SOLUTION NMR' 
_exptl.entry_id          2OTQ 
_exptl.crystals_number   ? 
# 
_exptl_crystal.id                    1 
_exptl_crystal.density_meas          ? 
_exptl_crystal.density_Matthews      ? 
_exptl_crystal.density_percent_sol   ? 
_exptl_crystal.description           ? 
# 
_diffrn.id                     1 
_diffrn.ambient_temp           ? 
_diffrn.ambient_temp_details   ? 
_diffrn.crystal_id             1 
# 
_diffrn_radiation.diffrn_id                        1 
_diffrn_radiation.wavelength_id                    1 
_diffrn_radiation.monochromator                    ? 
_diffrn_radiation.pdbx_monochromatic_or_laue_m_l   M 
_diffrn_radiation.pdbx_diffrn_protocol             'SINGLE WAVELENGTH' 
_diffrn_radiation.pdbx_scattering_type             ? 
# 
_diffrn_radiation_wavelength.id           1 
_diffrn_radiation_wavelength.wavelength   . 
_diffrn_radiation_wavelength.wt           1.0 
# 
_struct.entry_id                  2OTQ 
_struct.title                     'Structure of the antimicrobial peptide cyclo(RRWFWR) bound to DPC micelles' 
_struct.pdbx_model_details        ? 
_struct.pdbx_CASP_flag            ? 
_struct.pdbx_model_type_details   ? 
# 
_struct_keywords.entry_id        2OTQ 
_struct_keywords.pdbx_keywords   'ANTIMICROBIAL PROTEIN' 
_struct_keywords.text            'cationic antimicrobial peptide, ANTIMICROBIAL PROTEIN' 
# 
_struct_asym.id                            A 
_struct_asym.pdbx_blank_PDB_chainid_flag   N 
_struct_asym.pdbx_modified                 N 
_struct_asym.entity_id                     1 
_struct_asym.details                       ? 
# 
_struct_ref.id                         1 
_struct_ref.entity_id                  1 
_struct_ref.db_name                    PDB 
_struct_ref.db_code                    2OTQ 
_struct_ref.pdbx_db_accession          2OTQ 
_struct_ref.pdbx_db_isoform            ? 
_struct_ref.pdbx_seq_one_letter_code   ? 
_struct_ref.pdbx_align_begin           ? 
# 
_struct_ref_seq.align_id                      1 
_struct_ref_seq.ref_id                        1 
_struct_ref_seq.pdbx_PDB_id_code              2OTQ 
_struct_ref_seq.pdbx_strand_id                A 
_struct_ref_seq.seq_align_beg                 1 
_struct_ref_seq.pdbx_seq_align_beg_ins_code   ? 
_struct_ref_seq.seq_align_end                 6 
_struct_ref_seq.pdbx_seq_align_end_ins_code   ? 
_struct_ref_seq.pdbx_db_accession             2OTQ 
_struct_ref_seq.db_align_beg                  1 
_struct_ref_seq.pdbx_db_align_beg_ins_code    ? 
_struct_ref_seq.db_align_end                  6 
_struct_ref_seq.pdbx_db_align_end_ins_code    ? 
_struct_ref_seq.pdbx_auth_seq_align_beg       1 
_struct_ref_seq.pdbx_auth_seq_align_end       6 
# 
_pdbx_struct_assembly.id                   1 
_pdbx_struct_assembly.details              author_defined_assembly 
_pdbx_struct_assembly.method_details       ? 
_pdbx_struct_assembly.oligomeric_details   monomeric 
_pdbx_struct_assembly.oligomeric_count     1 
# 
_pdbx_struct_assembly_gen.assembly_id       1 
_pdbx_struct_assembly_gen.oper_expression   1 
_pdbx_struct_assembly_gen.asym_id_list      A 
# 
_pdbx_struct_oper_list.id                   1 
_pdbx_struct_oper_list.type                 'identity operation' 
_pdbx_struct_oper_list.name                 1_555 
_pdbx_struct_oper_list.symmetry_operation   x,y,z 
_pdbx_struct_oper_list.matrix[1][1]         1.0000000000 
_pdbx_struct_oper_list.matrix[1][2]         0.0000000000 
_pdbx_struct_oper_list.matrix[1][3]         0.0000000000 
_pdbx_struct_oper_list.vector[1]            0.0000000000 
_pdbx_struct_oper_list.matrix[2][1]         0.0000000000 
_pdbx_struct_oper_list.matrix[2][2]         1.0000000000 
_pdbx_struct_oper_list.matrix[2][3]         0.0000000000 
_pdbx_struct_oper_list.vector[2]            0.0000000000 
_pdbx_struct_oper_list.matrix[3][1]         0.0000000000 
_pdbx_struct_oper_list.matrix[3][2]         0.0000000000 
_pdbx_struct_oper_list.matrix[3][3]         1.0000000000 
_pdbx_struct_oper_list.vector[3]            0.0000000000 
# 
_struct_biol.id        1 
_struct_biol.details   ? 
# 
_struct_conn.id                            covale1 
_struct_conn.conn_type_id                  covale 
_struct_conn.pdbx_leaving_atom_flag        both 
_struct_conn.pdbx_PDB_id                   ? 
_struct_conn.ptnr1_label_asym_id           A 
_struct_conn.ptnr1_label_comp_id           ARG 
_struct_conn.ptnr1_label_seq_id            1 
_struct_conn.ptnr1_label_atom_id           N 
_struct_conn.pdbx_ptnr1_label_alt_id       ? 
_struct_conn.pdbx_ptnr1_PDB_ins_code       ? 
_struct_conn.pdbx_ptnr1_standard_comp_id   ? 
_struct_conn.ptnr1_symmetry                1_555 
_struct_conn.ptnr2_label_asym_id           A 
_struct_conn.ptnr2_label_comp_id           ARG 
_struct_conn.ptnr2_label_seq_id            6 
_struct_conn.ptnr2_label_atom_id           C 
_struct_conn.pdbx_ptnr2_label_alt_id       ? 
_struct_conn.pdbx_ptnr2_PDB_ins_code       ? 
_struct_conn.ptnr1_auth_asym_id            A 
_struct_conn.ptnr1_auth_comp_id            ARG 
_struct_conn.ptnr1_auth_seq_id             1 
_struct_conn.ptnr2_auth_asym_id            A 
_struct_conn.ptnr2_auth_comp_id            ARG 
_struct_conn.ptnr2_auth_seq_id             6 
_struct_conn.ptnr2_symmetry                1_555 
_struct_conn.pdbx_ptnr3_label_atom_id      ? 
_struct_conn.pdbx_ptnr3_label_seq_id       ? 
_struct_conn.pdbx_ptnr3_label_comp_id      ? 
_struct_conn.pdbx_ptnr3_label_asym_id      ? 
_struct_conn.pdbx_ptnr3_label_alt_id       ? 
_struct_conn.pdbx_ptnr3_PDB_ins_code       ? 
_struct_conn.details                       ? 
_struct_conn.pdbx_dist_value               1.341 
_struct_conn.pdbx_value_order              ? 
_struct_conn.pdbx_role                     ? 
# 
_struct_conn_type.id          covale 
_struct_conn_type.criteria    ? 
_struct_conn_type.reference   ? 
# 
_pdbx_modification_feature.ordinal                            1 
_pdbx_modification_feature.label_comp_id                      ARG 
_pdbx_modification_feature.label_asym_id                      A 
_pdbx_modification_feature.label_seq_id                       1 
_pdbx_modification_feature.label_alt_id                       ? 
_pdbx_modification_feature.modified_residue_label_comp_id     ARG 
_pdbx_modification_feature.modified_residue_label_asym_id     A 
_pdbx_modification_feature.modified_residue_label_seq_id      6 
_pdbx_modification_feature.modified_residue_label_alt_id      ? 
_pdbx_modification_feature.auth_comp_id                       ARG 
_pdbx_modification_feature.auth_asym_id                       A 
_pdbx_modification_feature.auth_seq_id                        1 
_pdbx_modification_feature.PDB_ins_code                       ? 
_pdbx_modification_feature.symmetry                           1_555 
_pdbx_modification_feature.modified_residue_auth_comp_id      ARG 
_pdbx_modification_feature.modified_residue_auth_asym_id      A 
_pdbx_modification_feature.modified_residue_auth_seq_id       6 
_pdbx_modification_feature.modified_residue_PDB_ins_code      ? 
_pdbx_modification_feature.modified_residue_symmetry          1_555 
_pdbx_modification_feature.comp_id_linking_atom               N 
_pdbx_modification_feature.modified_residue_id_linking_atom   C 
_pdbx_modification_feature.modified_residue_id                . 
_pdbx_modification_feature.ref_pcm_id                         . 
_pdbx_modification_feature.ref_comp_id                        . 
_pdbx_modification_feature.type                               None 
_pdbx_modification_feature.category                           'Non-standard linkage' 
# 
_pdbx_entry_details.entry_id                   2OTQ 
_pdbx_entry_details.compound_details           ? 
_pdbx_entry_details.source_details             ? 
_pdbx_entry_details.nonpolymer_details         ? 
_pdbx_entry_details.sequence_details           ? 
_pdbx_entry_details.has_ligand_of_interest     ? 
_pdbx_entry_details.has_protein_modification   Y 
# 
loop_
_pdbx_validate_torsion.id 
_pdbx_validate_torsion.PDB_model_num 
_pdbx_validate_torsion.auth_comp_id 
_pdbx_validate_torsion.auth_asym_id 
_pdbx_validate_torsion.auth_seq_id 
_pdbx_validate_torsion.PDB_ins_code 
_pdbx_validate_torsion.label_alt_id 
_pdbx_validate_torsion.phi 
_pdbx_validate_torsion.psi 
1  1  ARG A 2 ? ? -25.99  -52.37  
2  1  TRP A 3 ? ? -149.12 10.19   
3  2  ARG A 2 ? ? 76.35   -68.01  
4  2  TRP A 3 ? ? -164.73 2.85    
5  2  PHE A 4 ? ? -121.07 -162.53 
6  3  ARG A 2 ? ? 56.38   -76.41  
7  3  TRP A 3 ? ? -151.55 5.12    
8  3  PHE A 4 ? ? -119.36 -159.56 
9  4  ARG A 2 ? ? 79.75   -64.72  
10 4  TRP A 3 ? ? -163.08 6.91    
11 5  ARG A 2 ? ? 75.06   -59.97  
12 5  TRP A 3 ? ? -164.61 8.62    
13 6  ARG A 2 ? ? 59.35   -82.67  
14 6  TRP A 3 ? ? -151.52 -23.95  
15 7  ARG A 2 ? ? 61.11   -61.84  
16 8  ARG A 2 ? ? 59.24   -80.45  
17 9  ARG A 2 ? ? 52.12   -146.13 
18 10 ARG A 2 ? ? 79.61   -66.57  
19 10 TRP A 3 ? ? -165.18 -20.42  
# 
_pdbx_nmr_ensemble.entry_id                                      2OTQ 
_pdbx_nmr_ensemble.conformers_calculated_total_number            100 
_pdbx_nmr_ensemble.conformers_submitted_total_number             10 
_pdbx_nmr_ensemble.conformer_selection_criteria                  'structures with the lowest energy' 
_pdbx_nmr_ensemble.average_constraints_per_residue               ? 
_pdbx_nmr_ensemble.average_constraint_violations_per_residue     ? 
_pdbx_nmr_ensemble.maximum_distance_constraint_violation         ? 
_pdbx_nmr_ensemble.average_distance_constraint_violation         ? 
_pdbx_nmr_ensemble.maximum_upper_distance_constraint_violation   ? 
_pdbx_nmr_ensemble.maximum_lower_distance_constraint_violation   ? 
_pdbx_nmr_ensemble.distance_constraint_violation_method          ? 
_pdbx_nmr_ensemble.maximum_torsion_angle_constraint_violation    ? 
_pdbx_nmr_ensemble.average_torsion_angle_constraint_violation    ? 
_pdbx_nmr_ensemble.torsion_angle_constraint_violation_method     ? 
# 
_pdbx_nmr_representative.entry_id             2OTQ 
_pdbx_nmr_representative.conformer_id         1 
_pdbx_nmr_representative.selection_criteria   'lowest energy' 
# 
_pdbx_nmr_sample_details.solution_id      1 
_pdbx_nmr_sample_details.contents         '50mM DPC-d38, H2O:D2O 9:1' 
_pdbx_nmr_sample_details.solvent_system   'H2O:D2O 9:1' 
# 
_pdbx_nmr_exptl_sample_conditions.conditions_id       1 
_pdbx_nmr_exptl_sample_conditions.temperature         300 
_pdbx_nmr_exptl_sample_conditions.pressure            1 
_pdbx_nmr_exptl_sample_conditions.pH                  6.3 
_pdbx_nmr_exptl_sample_conditions.ionic_strength      ? 
_pdbx_nmr_exptl_sample_conditions.pressure_units      atm 
_pdbx_nmr_exptl_sample_conditions.temperature_units   K 
# 
loop_
_pdbx_nmr_exptl.experiment_id 
_pdbx_nmr_exptl.solution_id 
_pdbx_nmr_exptl.conditions_id 
_pdbx_nmr_exptl.type 
1 1 1 '2D NOESY' 
2 1 1 '2D TOCSY' 
3 1 1 DQF-COSY   
# 
_pdbx_nmr_details.entry_id   2OTQ 
_pdbx_nmr_details.text       'This structure was determined using standard 2D homonuclear techniques.' 
# 
_pdbx_nmr_refine.entry_id           2OTQ 
_pdbx_nmr_refine.method             'simulated annealing' 
_pdbx_nmr_refine.details            ? 
_pdbx_nmr_refine.software_ordinal   1 
# 
loop_
_pdbx_nmr_software.name 
_pdbx_nmr_software.version 
_pdbx_nmr_software.classification 
_pdbx_nmr_software.authors 
_pdbx_nmr_software.ordinal 
XwinNMR 2.6 collection           Bruker                         1 
Sparky  3.1 'data analysis'      'Goddard, T.D., Kneller, D.G.' 2 
Amber   6.0 'structure solution' 'Case, D.A.'                   3 
Amber   6.0 refinement           'Case, D.A.'                   4 
# 
loop_
_chem_comp_atom.comp_id 
_chem_comp_atom.atom_id 
_chem_comp_atom.type_symbol 
_chem_comp_atom.pdbx_aromatic_flag 
_chem_comp_atom.pdbx_stereo_config 
_chem_comp_atom.pdbx_ordinal 
ARG N    N N N 1  
ARG CA   C N S 2  
ARG C    C N N 3  
ARG O    O N N 4  
ARG CB   C N N 5  
ARG CG   C N N 6  
ARG CD   C N N 7  
ARG NE   N N N 8  
ARG CZ   C N N 9  
ARG NH1  N N N 10 
ARG NH2  N N N 11 
ARG OXT  O N N 12 
ARG H    H N N 13 
ARG H2   H N N 14 
ARG HA   H N N 15 
ARG HB2  H N N 16 
ARG HB3  H N N 17 
ARG HG2  H N N 18 
ARG HG3  H N N 19 
ARG HD2  H N N 20 
ARG HD3  H N N 21 
ARG HE   H N N 22 
ARG HH11 H N N 23 
ARG HH12 H N N 24 
ARG HH21 H N N 25 
ARG HH22 H N N 26 
ARG HXT  H N N 27 
PHE N    N N N 28 
PHE CA   C N S 29 
PHE C    C N N 30 
PHE O    O N N 31 
PHE CB   C N N 32 
PHE CG   C Y N 33 
PHE CD1  C Y N 34 
PHE CD2  C Y N 35 
PHE CE1  C Y N 36 
PHE CE2  C Y N 37 
PHE CZ   C Y N 38 
PHE OXT  O N N 39 
PHE H    H N N 40 
PHE H2   H N N 41 
PHE HA   H N N 42 
PHE HB2  H N N 43 
PHE HB3  H N N 44 
PHE HD1  H N N 45 
PHE HD2  H N N 46 
PHE HE1  H N N 47 
PHE HE2  H N N 48 
PHE HZ   H N N 49 
PHE HXT  H N N 50 
TRP N    N N N 51 
TRP CA   C N S 52 
TRP C    C N N 53 
TRP O    O N N 54 
TRP CB   C N N 55 
TRP CG   C Y N 56 
TRP CD1  C Y N 57 
TRP CD2  C Y N 58 
TRP NE1  N Y N 59 
TRP CE2  C Y N 60 
TRP CE3  C Y N 61 
TRP CZ2  C Y N 62 
TRP CZ3  C Y N 63 
TRP CH2  C Y N 64 
TRP OXT  O N N 65 
TRP H    H N N 66 
TRP H2   H N N 67 
TRP HA   H N N 68 
TRP HB2  H N N 69 
TRP HB3  H N N 70 
TRP HD1  H N N 71 
TRP HE1  H N N 72 
TRP HE3  H N N 73 
TRP HZ2  H N N 74 
TRP HZ3  H N N 75 
TRP HH2  H N N 76 
TRP HXT  H N N 77 
# 
loop_
_chem_comp_bond.comp_id 
_chem_comp_bond.atom_id_1 
_chem_comp_bond.atom_id_2 
_chem_comp_bond.value_order 
_chem_comp_bond.pdbx_aromatic_flag 
_chem_comp_bond.pdbx_stereo_config 
_chem_comp_bond.pdbx_ordinal 
ARG N   CA   sing N N 1  
ARG N   H    sing N N 2  
ARG N   H2   sing N N 3  
ARG CA  C    sing N N 4  
ARG CA  CB   sing N N 5  
ARG CA  HA   sing N N 6  
ARG C   O    doub N N 7  
ARG C   OXT  sing N N 8  
ARG CB  CG   sing N N 9  
ARG CB  HB2  sing N N 10 
ARG CB  HB3  sing N N 11 
ARG CG  CD   sing N N 12 
ARG CG  HG2  sing N N 13 
ARG CG  HG3  sing N N 14 
ARG CD  NE   sing N N 15 
ARG CD  HD2  sing N N 16 
ARG CD  HD3  sing N N 17 
ARG NE  CZ   sing N N 18 
ARG NE  HE   sing N N 19 
ARG CZ  NH1  sing N N 20 
ARG CZ  NH2  doub N N 21 
ARG NH1 HH11 sing N N 22 
ARG NH1 HH12 sing N N 23 
ARG NH2 HH21 sing N N 24 
ARG NH2 HH22 sing N N 25 
ARG OXT HXT  sing N N 26 
PHE N   CA   sing N N 27 
PHE N   H    sing N N 28 
PHE N   H2   sing N N 29 
PHE CA  C    sing N N 30 
PHE CA  CB   sing N N 31 
PHE CA  HA   sing N N 32 
PHE C   O    doub N N 33 
PHE C   OXT  sing N N 34 
PHE CB  CG   sing N N 35 
PHE CB  HB2  sing N N 36 
PHE CB  HB3  sing N N 37 
PHE CG  CD1  doub Y N 38 
PHE CG  CD2  sing Y N 39 
PHE CD1 CE1  sing Y N 40 
PHE CD1 HD1  sing N N 41 
PHE CD2 CE2  doub Y N 42 
PHE CD2 HD2  sing N N 43 
PHE CE1 CZ   doub Y N 44 
PHE CE1 HE1  sing N N 45 
PHE CE2 CZ   sing Y N 46 
PHE CE2 HE2  sing N N 47 
PHE CZ  HZ   sing N N 48 
PHE OXT HXT  sing N N 49 
TRP N   CA   sing N N 50 
TRP N   H    sing N N 51 
TRP N   H2   sing N N 52 
TRP CA  C    sing N N 53 
TRP CA  CB   sing N N 54 
TRP CA  HA   sing N N 55 
TRP C   O    doub N N 56 
TRP C   OXT  sing N N 57 
TRP CB  CG   sing N N 58 
TRP CB  HB2  sing N N 59 
TRP CB  HB3  sing N N 60 
TRP CG  CD1  doub Y N 61 
TRP CG  CD2  sing Y N 62 
TRP CD1 NE1  sing Y N 63 
TRP CD1 HD1  sing N N 64 
TRP CD2 CE2  doub Y N 65 
TRP CD2 CE3  sing Y N 66 
TRP NE1 CE2  sing Y N 67 
TRP NE1 HE1  sing N N 68 
TRP CE2 CZ2  sing Y N 69 
TRP CE3 CZ3  doub Y N 70 
TRP CE3 HE3  sing N N 71 
TRP CZ2 CH2  doub Y N 72 
TRP CZ2 HZ2  sing N N 73 
TRP CZ3 CH2  sing Y N 74 
TRP CZ3 HZ3  sing N N 75 
TRP CH2 HH2  sing N N 76 
TRP OXT HXT  sing N N 77 
# 
_pdbx_nmr_spectrometer.spectrometer_id   1 
_pdbx_nmr_spectrometer.type              ? 
_pdbx_nmr_spectrometer.manufacturer      Bruker 
_pdbx_nmr_spectrometer.model             DRX 
_pdbx_nmr_spectrometer.field_strength    600 
# 
_atom_sites.entry_id                    2OTQ 
_atom_sites.fract_transf_matrix[1][1]   1.000000 
_atom_sites.fract_transf_matrix[1][2]   0.000000 
_atom_sites.fract_transf_matrix[1][3]   0.000000 
_atom_sites.fract_transf_matrix[2][1]   0.000000 
_atom_sites.fract_transf_matrix[2][2]   1.000000 
_atom_sites.fract_transf_matrix[2][3]   0.000000 
_atom_sites.fract_transf_matrix[3][1]   0.000000 
_atom_sites.fract_transf_matrix[3][2]   0.000000 
_atom_sites.fract_transf_matrix[3][3]   1.000000 
_atom_sites.fract_transf_vector[1]      0.00000 
_atom_sites.fract_transf_vector[2]      0.00000 
_atom_sites.fract_transf_vector[3]      0.00000 
# 
loop_
_atom_type.symbol 
C 
H 
N 
O 
# 
loop_
_atom_site.group_PDB 
_atom_site.id 
_atom_site.type_symbol 
_atom_site.label_atom_id 
_atom_site.label_alt_id 
_atom_site.label_comp_id 
_atom_site.label_asym_id 
_atom_site.label_entity_id 
_atom_site.label_seq_id 
_atom_site.pdbx_PDB_ins_code 
_atom_site.Cartn_x 
_atom_site.Cartn_y 
_atom_site.Cartn_z 
_atom_site.occupancy 
_atom_site.B_iso_or_equiv 
_atom_site.pdbx_formal_charge 
_atom_site.auth_seq_id 
_atom_site.auth_comp_id 
_atom_site.auth_asym_id 
_atom_site.auth_atom_id 
_atom_site.pdbx_PDB_model_num 
ATOM 1    N N    . ARG A 1 1 ? -2.061  -0.166 1.222  1.00 0.00 ? 1 ARG A N    1  
ATOM 2    C CA   . ARG A 1 1 ? -2.538  -0.448 -0.135 1.00 0.00 ? 1 ARG A CA   1  
ATOM 3    C C    . ARG A 1 1 ? -1.499  -1.210 -0.981 1.00 0.00 ? 1 ARG A C    1  
ATOM 4    O O    . ARG A 1 1 ? -0.485  -1.671 -0.459 1.00 0.00 ? 1 ARG A O    1  
ATOM 5    C CB   . ARG A 1 1 ? -2.956  0.900  -0.770 1.00 0.00 ? 1 ARG A CB   1  
ATOM 6    C CG   . ARG A 1 1 ? -4.137  1.568  -0.038 1.00 0.00 ? 1 ARG A CG   1  
ATOM 7    C CD   . ARG A 1 1 ? -4.514  2.910  -0.664 1.00 0.00 ? 1 ARG A CD   1  
ATOM 8    N NE   . ARG A 1 1 ? -5.657  3.511  0.037  1.00 0.00 ? 1 ARG A NE   1  
ATOM 9    C CZ   . ARG A 1 1 ? -6.279  4.649  -0.316 1.00 0.00 ? 1 ARG A CZ   1  
ATOM 10   N NH1  . ARG A 1 1 ? -5.884  5.364  -1.378 1.00 0.00 ? 1 ARG A NH1  1  
ATOM 11   N NH2  . ARG A 1 1 ? -7.319  5.077  0.409  1.00 0.00 ? 1 ARG A NH2  1  
ATOM 12   H H1   . ARG A 1 1 ? -1.184  0.332  1.317  1.00 0.00 ? 1 ARG A H1   1  
ATOM 13   H HA   . ARG A 1 1 ? -3.425  -1.081 -0.089 1.00 0.00 ? 1 ARG A HA   1  
ATOM 14   H HB2  . ARG A 1 1 ? -2.099  1.572  -0.760 1.00 0.00 ? 1 ARG A HB2  1  
ATOM 15   H HB3  . ARG A 1 1 ? -3.258  0.743  -1.806 1.00 0.00 ? 1 ARG A HB3  1  
ATOM 16   H HG2  . ARG A 1 1 ? -4.999  0.901  -0.069 1.00 0.00 ? 1 ARG A HG2  1  
ATOM 17   H HG3  . ARG A 1 1 ? -3.879  1.759  1.002  1.00 0.00 ? 1 ARG A HG3  1  
ATOM 18   H HD2  . ARG A 1 1 ? -3.661  3.585  -0.589 1.00 0.00 ? 1 ARG A HD2  1  
ATOM 19   H HD3  . ARG A 1 1 ? -4.770  2.757  -1.711 1.00 0.00 ? 1 ARG A HD3  1  
ATOM 20   H HE   . ARG A 1 1 ? -5.998  3.017  0.850  1.00 0.00 ? 1 ARG A HE   1  
ATOM 21   H HH11 . ARG A 1 1 ? -5.102  5.051  -1.934 1.00 0.00 ? 1 ARG A HH11 1  
ATOM 22   H HH12 . ARG A 1 1 ? -6.374  6.212  -1.624 1.00 0.00 ? 1 ARG A HH12 1  
ATOM 23   H HH21 . ARG A 1 1 ? -7.629  4.545  1.210  1.00 0.00 ? 1 ARG A HH21 1  
ATOM 24   H HH22 . ARG A 1 1 ? -7.798  5.927  0.152  1.00 0.00 ? 1 ARG A HH22 1  
ATOM 25   N N    . ARG A 1 2 ? -1.821  -1.367 -2.279 1.00 0.00 ? 2 ARG A N    1  
ATOM 26   C CA   . ARG A 1 2 ? -1.183  -2.181 -3.323 1.00 0.00 ? 2 ARG A CA   1  
ATOM 27   C C    . ARG A 1 2 ? 0.312   -2.493 -3.146 1.00 0.00 ? 2 ARG A C    1  
ATOM 28   O O    . ARG A 1 2 ? 0.696   -3.658 -3.229 1.00 0.00 ? 2 ARG A O    1  
ATOM 29   C CB   . ARG A 1 2 ? -1.379  -1.477 -4.679 1.00 0.00 ? 2 ARG A CB   1  
ATOM 30   C CG   . ARG A 1 2 ? -2.845  -1.395 -5.142 1.00 0.00 ? 2 ARG A CG   1  
ATOM 31   C CD   . ARG A 1 2 ? -2.988  -0.607 -6.453 1.00 0.00 ? 2 ARG A CD   1  
ATOM 32   N NE   . ARG A 1 2 ? -2.217  -1.202 -7.559 1.00 0.00 ? 2 ARG A NE   1  
ATOM 33   C CZ   . ARG A 1 2 ? -2.634  -2.177 -8.385 1.00 0.00 ? 2 ARG A CZ   1  
ATOM 34   N NH1  . ARG A 1 2 ? -3.860  -2.712 -8.292 1.00 0.00 ? 2 ARG A NH1  1  
ATOM 35   N NH2  . ARG A 1 2 ? -1.799  -2.630 -9.328 1.00 0.00 ? 2 ARG A NH2  1  
ATOM 36   H H    . ARG A 1 2 ? -2.696  -0.948 -2.563 1.00 0.00 ? 2 ARG A H    1  
ATOM 37   H HA   . ARG A 1 2 ? -1.710  -3.136 -3.366 1.00 0.00 ? 2 ARG A HA   1  
ATOM 38   H HB2  . ARG A 1 2 ? -0.966  -0.468 -4.618 1.00 0.00 ? 2 ARG A HB2  1  
ATOM 39   H HB3  . ARG A 1 2 ? -0.813  -2.029 -5.429 1.00 0.00 ? 2 ARG A HB3  1  
ATOM 40   H HG2  . ARG A 1 2 ? -3.240  -2.402 -5.282 1.00 0.00 ? 2 ARG A HG2  1  
ATOM 41   H HG3  . ARG A 1 2 ? -3.445  -0.893 -4.383 1.00 0.00 ? 2 ARG A HG3  1  
ATOM 42   H HD2  . ARG A 1 2 ? -4.042  -0.555 -6.725 1.00 0.00 ? 2 ARG A HD2  1  
ATOM 43   H HD3  . ARG A 1 2 ? -2.632  0.411  -6.292 1.00 0.00 ? 2 ARG A HD3  1  
ATOM 44   H HE   . ARG A 1 2 ? -1.281  -0.845 -7.691 1.00 0.00 ? 2 ARG A HE   1  
ATOM 45   H HH11 . ARG A 1 2 ? -4.502  -2.381 -7.588 1.00 0.00 ? 2 ARG A HH11 1  
ATOM 46   H HH12 . ARG A 1 2 ? -4.141  -3.442 -8.930 1.00 0.00 ? 2 ARG A HH12 1  
ATOM 47   H HH21 . ARG A 1 2 ? -0.871  -2.241 -9.410 1.00 0.00 ? 2 ARG A HH21 1  
ATOM 48   H HH22 . ARG A 1 2 ? -2.096  -3.363 -9.957 1.00 0.00 ? 2 ARG A HH22 1  
ATOM 49   N N    . TRP A 1 3 ? 1.145   -1.465 -2.929 1.00 0.00 ? 3 TRP A N    1  
ATOM 50   C CA   . TRP A 1 3 ? 2.603   -1.555 -2.828 1.00 0.00 ? 3 TRP A CA   1  
ATOM 51   C C    . TRP A 1 3 ? 3.163   -0.478 -1.878 1.00 0.00 ? 3 TRP A C    1  
ATOM 52   O O    . TRP A 1 3 ? 4.378   -0.289 -1.810 1.00 0.00 ? 3 TRP A O    1  
ATOM 53   C CB   . TRP A 1 3 ? 3.207   -1.466 -4.244 1.00 0.00 ? 3 TRP A CB   1  
ATOM 54   C CG   . TRP A 1 3 ? 2.675   -0.375 -5.130 1.00 0.00 ? 3 TRP A CG   1  
ATOM 55   C CD1  . TRP A 1 3 ? 1.735   -0.548 -6.087 1.00 0.00 ? 3 TRP A CD1  1  
ATOM 56   C CD2  . TRP A 1 3 ? 2.998   1.052  -5.157 1.00 0.00 ? 3 TRP A CD2  1  
ATOM 57   N NE1  . TRP A 1 3 ? 1.429   0.658  -6.677 1.00 0.00 ? 3 TRP A NE1  1  
ATOM 58   C CE2  . TRP A 1 3 ? 2.170   1.685  -6.133 1.00 0.00 ? 3 TRP A CE2  1  
ATOM 59   C CE3  . TRP A 1 3 ? 3.898   1.883  -4.453 1.00 0.00 ? 3 TRP A CE3  1  
ATOM 60   C CZ2  . TRP A 1 3 ? 2.214   3.066  -6.380 1.00 0.00 ? 3 TRP A CZ2  1  
ATOM 61   C CZ3  . TRP A 1 3 ? 3.952   3.270  -4.691 1.00 0.00 ? 3 TRP A CZ3  1  
ATOM 62   C CH2  . TRP A 1 3 ? 3.109   3.863  -5.648 1.00 0.00 ? 3 TRP A CH2  1  
ATOM 63   H H    . TRP A 1 3 ? 0.760   -0.533 -2.880 1.00 0.00 ? 3 TRP A H    1  
ATOM 64   H HA   . TRP A 1 3 ? 2.866   -2.525 -2.403 1.00 0.00 ? 3 TRP A HA   1  
ATOM 65   H HB2  . TRP A 1 3 ? 4.290   -1.364 -4.174 1.00 0.00 ? 3 TRP A HB2  1  
ATOM 66   H HB3  . TRP A 1 3 ? 3.018   -2.419 -4.743 1.00 0.00 ? 3 TRP A HB3  1  
ATOM 67   H HD1  . TRP A 1 3 ? 1.276   -1.492 -6.339 1.00 0.00 ? 3 TRP A HD1  1  
ATOM 68   H HE1  . TRP A 1 3 ? 0.746   0.750  -7.413 1.00 0.00 ? 3 TRP A HE1  1  
ATOM 69   H HE3  . TRP A 1 3 ? 4.554   1.455  -3.711 1.00 0.00 ? 3 TRP A HE3  1  
ATOM 70   H HZ2  . TRP A 1 3 ? 1.571   3.510  -7.123 1.00 0.00 ? 3 TRP A HZ2  1  
ATOM 71   H HZ3  . TRP A 1 3 ? 4.643   3.882  -4.133 1.00 0.00 ? 3 TRP A HZ3  1  
ATOM 72   H HH2  . TRP A 1 3 ? 3.158   4.927  -5.825 1.00 0.00 ? 3 TRP A HH2  1  
ATOM 73   N N    . PHE A 1 4 ? 2.279   0.212  -1.144 1.00 0.00 ? 4 PHE A N    1  
ATOM 74   C CA   . PHE A 1 4 ? 2.575   1.341  -0.272 1.00 0.00 ? 4 PHE A CA   1  
ATOM 75   C C    . PHE A 1 4 ? 1.684   1.277  0.981  1.00 0.00 ? 4 PHE A C    1  
ATOM 76   O O    . PHE A 1 4 ? 1.115   0.228  1.287  1.00 0.00 ? 4 PHE A O    1  
ATOM 77   C CB   . PHE A 1 4 ? 2.413   2.653  -1.070 1.00 0.00 ? 4 PHE A CB   1  
ATOM 78   C CG   . PHE A 1 4 ? 1.014   2.975  -1.578 1.00 0.00 ? 4 PHE A CG   1  
ATOM 79   C CD1  . PHE A 1 4 ? 0.489   2.309  -2.706 1.00 0.00 ? 4 PHE A CD1  1  
ATOM 80   C CD2  . PHE A 1 4 ? 0.251   3.984  -0.955 1.00 0.00 ? 4 PHE A CD2  1  
ATOM 81   C CE1  . PHE A 1 4 ? -0.782  2.647  -3.202 1.00 0.00 ? 4 PHE A CE1  1  
ATOM 82   C CE2  . PHE A 1 4 ? -1.019  4.322  -1.454 1.00 0.00 ? 4 PHE A CE2  1  
ATOM 83   C CZ   . PHE A 1 4 ? -1.534  3.658  -2.579 1.00 0.00 ? 4 PHE A CZ   1  
ATOM 84   H H    . PHE A 1 4 ? 1.303   -0.032 -1.229 1.00 0.00 ? 4 PHE A H    1  
ATOM 85   H HA   . PHE A 1 4 ? 3.613   1.278  0.059  1.00 0.00 ? 4 PHE A HA   1  
ATOM 86   H HB2  . PHE A 1 4 ? 2.760   3.481  -0.451 1.00 0.00 ? 4 PHE A HB2  1  
ATOM 87   H HB3  . PHE A 1 4 ? 3.085   2.617  -1.925 1.00 0.00 ? 4 PHE A HB3  1  
ATOM 88   H HD1  . PHE A 1 4 ? 1.063   1.544  -3.201 1.00 0.00 ? 4 PHE A HD1  1  
ATOM 89   H HD2  . PHE A 1 4 ? 0.644   4.513  -0.100 1.00 0.00 ? 4 PHE A HD2  1  
ATOM 90   H HE1  . PHE A 1 4 ? -1.177  2.133  -4.066 1.00 0.00 ? 4 PHE A HE1  1  
ATOM 91   H HE2  . PHE A 1 4 ? -1.594  5.102  -0.976 1.00 0.00 ? 4 PHE A HE2  1  
ATOM 92   H HZ   . PHE A 1 4 ? -2.508  3.923  -2.964 1.00 0.00 ? 4 PHE A HZ   1  
ATOM 93   N N    . TRP A 1 5 ? 1.592   2.395  1.714  1.00 0.00 ? 5 TRP A N    1  
ATOM 94   C CA   . TRP A 1 5 ? 0.763   2.575  2.901  1.00 0.00 ? 5 TRP A CA   1  
ATOM 95   C C    . TRP A 1 5 ? -0.661  2.035  2.708  1.00 0.00 ? 5 TRP A C    1  
ATOM 96   O O    . TRP A 1 5 ? -1.380  2.512  1.828  1.00 0.00 ? 5 TRP A O    1  
ATOM 97   C CB   . TRP A 1 5 ? 0.737   4.064  3.256  1.00 0.00 ? 5 TRP A CB   1  
ATOM 98   C CG   . TRP A 1 5 ? -0.407  4.480  4.125  1.00 0.00 ? 5 TRP A CG   1  
ATOM 99   C CD1  . TRP A 1 5 ? -0.546  4.199  5.436  1.00 0.00 ? 5 TRP A CD1  1  
ATOM 100  C CD2  . TRP A 1 5 ? -1.658  5.115  3.726  1.00 0.00 ? 5 TRP A CD2  1  
ATOM 101  N NE1  . TRP A 1 5 ? -1.723  4.740  5.908  1.00 0.00 ? 5 TRP A NE1  1  
ATOM 102  C CE2  . TRP A 1 5 ? -2.472  5.286  4.885  1.00 0.00 ? 5 TRP A CE2  1  
ATOM 103  C CE3  . TRP A 1 5 ? -2.208  5.498  2.486  1.00 0.00 ? 5 TRP A CE3  1  
ATOM 104  C CZ2  . TRP A 1 5 ? -3.751  5.859  4.818  1.00 0.00 ? 5 TRP A CZ2  1  
ATOM 105  C CZ3  . TRP A 1 5 ? -3.499  6.054  2.404  1.00 0.00 ? 5 TRP A CZ3  1  
ATOM 106  C CH2  . TRP A 1 5 ? -4.265  6.245  3.570  1.00 0.00 ? 5 TRP A CH2  1  
ATOM 107  H H    . TRP A 1 5 ? 2.109   3.207  1.406  1.00 0.00 ? 5 TRP A H    1  
ATOM 108  H HA   . TRP A 1 5 ? 1.234   2.051  3.730  1.00 0.00 ? 5 TRP A HA   1  
ATOM 109  H HB2  . TRP A 1 5 ? 1.674   4.328  3.748  1.00 0.00 ? 5 TRP A HB2  1  
ATOM 110  H HB3  . TRP A 1 5 ? 0.675   4.650  2.337  1.00 0.00 ? 5 TRP A HB3  1  
ATOM 111  H HD1  . TRP A 1 5 ? 0.152   3.607  6.006  1.00 0.00 ? 5 TRP A HD1  1  
ATOM 112  H HE1  . TRP A 1 5 ? -2.014  4.657  6.872  1.00 0.00 ? 5 TRP A HE1  1  
ATOM 113  H HE3  . TRP A 1 5 ? -1.636  5.326  1.586  1.00 0.00 ? 5 TRP A HE3  1  
ATOM 114  H HZ2  . TRP A 1 5 ? -4.342  5.982  5.714  1.00 0.00 ? 5 TRP A HZ2  1  
ATOM 115  H HZ3  . TRP A 1 5 ? -3.905  6.325  1.442  1.00 0.00 ? 5 TRP A HZ3  1  
ATOM 116  H HH2  . TRP A 1 5 ? -5.255  6.670  3.501  1.00 0.00 ? 5 TRP A HH2  1  
ATOM 117  N N    . ARG A 1 6 ? -1.048  1.075  3.571  1.00 0.00 ? 6 ARG A N    1  
ATOM 118  C CA   . ARG A 1 6 ? -2.336  0.369  3.631  1.00 0.00 ? 6 ARG A CA   1  
ATOM 119  C C    . ARG A 1 6 ? -2.826  -0.275 2.317  1.00 0.00 ? 6 ARG A C    1  
ATOM 120  O O    . ARG A 1 6 ? -3.907  -0.866 2.306  1.00 0.00 ? 6 ARG A O    1  
ATOM 121  C CB   . ARG A 1 6 ? -3.424  1.306  4.196  1.00 0.00 ? 6 ARG A CB   1  
ATOM 122  C CG   . ARG A 1 6 ? -3.255  1.591  5.693  1.00 0.00 ? 6 ARG A CG   1  
ATOM 123  C CD   . ARG A 1 6 ? -4.418  2.470  6.168  1.00 0.00 ? 6 ARG A CD   1  
ATOM 124  N NE   . ARG A 1 6 ? -4.209  2.975  7.532  1.00 0.00 ? 6 ARG A NE   1  
ATOM 125  C CZ   . ARG A 1 6 ? -4.971  3.909  8.128  1.00 0.00 ? 6 ARG A CZ   1  
ATOM 126  N NH1  . ARG A 1 6 ? -6.032  4.448  7.513  1.00 0.00 ? 6 ARG A NH1  1  
ATOM 127  N NH2  . ARG A 1 6 ? -4.666  4.311  9.367  1.00 0.00 ? 6 ARG A NH2  1  
ATOM 128  H H    . ARG A 1 6 ? -0.374  0.776  4.262  1.00 0.00 ? 6 ARG A H    1  
ATOM 129  H HA   . ARG A 1 6 ? -2.197  -0.439 4.349  1.00 0.00 ? 6 ARG A HA   1  
ATOM 130  H HB2  . ARG A 1 6 ? -3.420  2.245  3.639  1.00 0.00 ? 6 ARG A HB2  1  
ATOM 131  H HB3  . ARG A 1 6 ? -4.404  0.848  4.061  1.00 0.00 ? 6 ARG A HB3  1  
ATOM 132  H HG2  . ARG A 1 6 ? -3.260  0.654  6.247  1.00 0.00 ? 6 ARG A HG2  1  
ATOM 133  H HG3  . ARG A 1 6 ? -2.307  2.096  5.862  1.00 0.00 ? 6 ARG A HG3  1  
ATOM 134  H HD2  . ARG A 1 6 ? -4.519  3.318  5.491  1.00 0.00 ? 6 ARG A HD2  1  
ATOM 135  H HD3  . ARG A 1 6 ? -5.340  1.889  6.138  1.00 0.00 ? 6 ARG A HD3  1  
ATOM 136  H HE   . ARG A 1 6 ? -3.428  2.594  8.045  1.00 0.00 ? 6 ARG A HE   1  
ATOM 137  H HH11 . ARG A 1 6 ? -6.276  4.153  6.580  1.00 0.00 ? 6 ARG A HH11 1  
ATOM 138  H HH12 . ARG A 1 6 ? -6.588  5.148  7.984  1.00 0.00 ? 6 ARG A HH12 1  
ATOM 139  H HH21 . ARG A 1 6 ? -3.871  3.915  9.848  1.00 0.00 ? 6 ARG A HH21 1  
ATOM 140  H HH22 . ARG A 1 6 ? -5.233  5.014  9.823  1.00 0.00 ? 6 ARG A HH22 1  
ATOM 141  N N    . ARG A 1 1 ? -2.587  -0.219 0.849  1.00 0.00 ? 1 ARG A N    2  
ATOM 142  C CA   . ARG A 1 1 ? -2.656  -1.346 -0.084 1.00 0.00 ? 1 ARG A CA   2  
ATOM 143  C C    . ARG A 1 1 ? -1.956  -1.040 -1.419 1.00 0.00 ? 1 ARG A C    2  
ATOM 144  O O    . ARG A 1 1 ? -1.450  0.062  -1.624 1.00 0.00 ? 1 ARG A O    2  
ATOM 145  C CB   . ARG A 1 1 ? -4.112  -1.846 -0.236 1.00 0.00 ? 1 ARG A CB   2  
ATOM 146  C CG   . ARG A 1 1 ? -5.052  -1.062 -1.171 1.00 0.00 ? 1 ARG A CG   2  
ATOM 147  C CD   . ARG A 1 1 ? -5.402  0.351  -0.689 1.00 0.00 ? 1 ARG A CD   2  
ATOM 148  N NE   . ARG A 1 1 ? -6.414  0.982  -1.549 1.00 0.00 ? 1 ARG A NE   2  
ATOM 149  C CZ   . ARG A 1 1 ? -6.190  1.572  -2.737 1.00 0.00 ? 1 ARG A CZ   2  
ATOM 150  N NH1  . ARG A 1 1 ? -4.964  1.643  -3.267 1.00 0.00 ? 1 ARG A NH1  2  
ATOM 151  N NH2  . ARG A 1 1 ? -7.216  2.103  -3.409 1.00 0.00 ? 1 ARG A NH2  2  
ATOM 152  H H1   . ARG A 1 1 ? -2.777  0.698  0.470  1.00 0.00 ? 1 ARG A H1   2  
ATOM 153  H HA   . ARG A 1 1 ? -2.099  -2.172 0.361  1.00 0.00 ? 1 ARG A HA   2  
ATOM 154  H HB2  . ARG A 1 1 ? -4.065  -2.866 -0.619 1.00 0.00 ? 1 ARG A HB2  2  
ATOM 155  H HB3  . ARG A 1 1 ? -4.572  -1.905 0.752  1.00 0.00 ? 1 ARG A HB3  2  
ATOM 156  H HG2  . ARG A 1 1 ? -4.613  -1.008 -2.163 1.00 0.00 ? 1 ARG A HG2  2  
ATOM 157  H HG3  . ARG A 1 1 ? -5.979  -1.630 -1.255 1.00 0.00 ? 1 ARG A HG3  2  
ATOM 158  H HD2  . ARG A 1 1 ? -5.816  0.281  0.317  1.00 0.00 ? 1 ARG A HD2  2  
ATOM 159  H HD3  . ARG A 1 1 ? -4.505  0.970  -0.663 1.00 0.00 ? 1 ARG A HD3  2  
ATOM 160  H HE   . ARG A 1 1 ? -7.367  0.953  -1.214 1.00 0.00 ? 1 ARG A HE   2  
ATOM 161  H HH11 . ARG A 1 1 ? -4.177  1.243  -2.775 1.00 0.00 ? 1 ARG A HH11 2  
ATOM 162  H HH12 . ARG A 1 1 ? -4.825  2.091  -4.161 1.00 0.00 ? 1 ARG A HH12 2  
ATOM 163  H HH21 . ARG A 1 1 ? -8.152  2.052  -3.031 1.00 0.00 ? 1 ARG A HH21 2  
ATOM 164  H HH22 . ARG A 1 1 ? -7.060  2.544  -4.304 1.00 0.00 ? 1 ARG A HH22 2  
ATOM 165  N N    . ARG A 1 2 ? -1.921  -2.060 -2.296 1.00 0.00 ? 2 ARG A N    2  
ATOM 166  C CA   . ARG A 1 2 ? -1.194  -2.168 -3.568 1.00 0.00 ? 2 ARG A CA   2  
ATOM 167  C C    . ARG A 1 2 ? 0.299   -2.437 -3.344 1.00 0.00 ? 2 ARG A C    2  
ATOM 168  O O    . ARG A 1 2 ? 0.770   -3.522 -3.680 1.00 0.00 ? 2 ARG A O    2  
ATOM 169  C CB   . ARG A 1 2 ? -1.403  -0.972 -4.520 1.00 0.00 ? 2 ARG A CB   2  
ATOM 170  C CG   . ARG A 1 2 ? -2.863  -0.754 -4.947 1.00 0.00 ? 2 ARG A CG   2  
ATOM 171  C CD   . ARG A 1 2 ? -3.005  0.486  -5.838 1.00 0.00 ? 2 ARG A CD   2  
ATOM 172  N NE   . ARG A 1 2 ? -2.314  0.323  -7.129 1.00 0.00 ? 2 ARG A NE   2  
ATOM 173  C CZ   . ARG A 1 2 ? -1.567  1.249  -7.760 1.00 0.00 ? 2 ARG A CZ   2  
ATOM 174  N NH1  . ARG A 1 2 ? -1.349  2.464  -7.242 1.00 0.00 ? 2 ARG A NH1  2  
ATOM 175  N NH2  . ARG A 1 2 ? -1.024  0.945  -8.944 1.00 0.00 ? 2 ARG A NH2  2  
ATOM 176  H H    . ARG A 1 2 ? -2.394  -2.904 -2.011 1.00 0.00 ? 2 ARG A H    2  
ATOM 177  H HA   . ARG A 1 2 ? -1.597  -3.044 -4.078 1.00 0.00 ? 2 ARG A HA   2  
ATOM 178  H HB2  . ARG A 1 2 ? -1.015  -0.057 -4.076 1.00 0.00 ? 2 ARG A HB2  2  
ATOM 179  H HB3  . ARG A 1 2 ? -0.823  -1.170 -5.421 1.00 0.00 ? 2 ARG A HB3  2  
ATOM 180  H HG2  . ARG A 1 2 ? -3.225  -1.634 -5.480 1.00 0.00 ? 2 ARG A HG2  2  
ATOM 181  H HG3  . ARG A 1 2 ? -3.476  -0.607 -4.060 1.00 0.00 ? 2 ARG A HG3  2  
ATOM 182  H HD2  . ARG A 1 2 ? -4.063  0.654  -6.033 1.00 0.00 ? 2 ARG A HD2  2  
ATOM 183  H HD3  . ARG A 1 2 ? -2.614  1.349  -5.300 1.00 0.00 ? 2 ARG A HD3  2  
ATOM 184  H HE   . ARG A 1 2 ? -2.427  -0.572 -7.582 1.00 0.00 ? 2 ARG A HE   2  
ATOM 185  H HH11 . ARG A 1 2 ? -1.745  2.710  -6.347 1.00 0.00 ? 2 ARG A HH11 2  
ATOM 186  H HH12 . ARG A 1 2 ? -0.787  3.134  -7.746 1.00 0.00 ? 2 ARG A HH12 2  
ATOM 187  H HH21 . ARG A 1 2 ? -1.181  0.036  -9.356 1.00 0.00 ? 2 ARG A HH21 2  
ATOM 188  H HH22 . ARG A 1 2 ? -0.468  1.631  -9.437 1.00 0.00 ? 2 ARG A HH22 2  
ATOM 189  N N    . TRP A 1 3 ? 1.031   -1.456 -2.795 1.00 0.00 ? 3 TRP A N    2  
ATOM 190  C CA   . TRP A 1 3 ? 2.483   -1.491 -2.608 1.00 0.00 ? 3 TRP A CA   2  
ATOM 191  C C    . TRP A 1 3 ? 2.971   -0.405 -1.629 1.00 0.00 ? 3 TRP A C    2  
ATOM 192  O O    . TRP A 1 3 ? 4.178   -0.289 -1.414 1.00 0.00 ? 3 TRP A O    2  
ATOM 193  C CB   . TRP A 1 3 ? 3.185   -1.356 -3.975 1.00 0.00 ? 3 TRP A CB   2  
ATOM 194  C CG   . TRP A 1 3 ? 2.747   -0.211 -4.843 1.00 0.00 ? 3 TRP A CG   2  
ATOM 195  C CD1  . TRP A 1 3 ? 1.842   -0.299 -5.844 1.00 0.00 ? 3 TRP A CD1  2  
ATOM 196  C CD2  . TRP A 1 3 ? 3.169   1.189  -4.824 1.00 0.00 ? 3 TRP A CD2  2  
ATOM 197  N NE1  . TRP A 1 3 ? 1.645   0.936  -6.415 1.00 0.00 ? 3 TRP A NE1  2  
ATOM 198  C CE2  . TRP A 1 3 ? 2.439   1.897  -5.827 1.00 0.00 ? 3 TRP A CE2  2  
ATOM 199  C CE3  . TRP A 1 3 ? 4.100   1.937  -4.068 1.00 0.00 ? 3 TRP A CE3  2  
ATOM 200  C CZ2  . TRP A 1 3 ? 2.602   3.274  -6.049 1.00 0.00 ? 3 TRP A CZ2  2  
ATOM 201  C CZ3  . TRP A 1 3 ? 4.274   3.318  -4.284 1.00 0.00 ? 3 TRP A CZ3  2  
ATOM 202  C CH2  . TRP A 1 3 ? 3.525   3.987  -5.267 1.00 0.00 ? 3 TRP A CH2  2  
ATOM 203  H H    . TRP A 1 3 ? 0.562   -0.598 -2.536 1.00 0.00 ? 3 TRP A H    2  
ATOM 204  H HA   . TRP A 1 3 ? 2.750   -2.457 -2.177 1.00 0.00 ? 3 TRP A HA   2  
ATOM 205  H HB2  . TRP A 1 3 ? 4.262   -1.279 -3.822 1.00 0.00 ? 3 TRP A HB2  2  
ATOM 206  H HB3  . TRP A 1 3 ? 3.022   -2.278 -4.533 1.00 0.00 ? 3 TRP A HB3  2  
ATOM 207  H HD1  . TRP A 1 3 ? 1.338   -1.206 -6.142 1.00 0.00 ? 3 TRP A HD1  2  
ATOM 208  H HE1  . TRP A 1 3 ? 1.002   1.090  -7.177 1.00 0.00 ? 3 TRP A HE1  2  
ATOM 209  H HE3  . TRP A 1 3 ? 4.691   1.444  -3.312 1.00 0.00 ? 3 TRP A HE3  2  
ATOM 210  H HZ2  . TRP A 1 3 ? 2.029   3.777  -6.813 1.00 0.00 ? 3 TRP A HZ2  2  
ATOM 211  H HZ3  . TRP A 1 3 ? 4.991   3.865  -3.690 1.00 0.00 ? 3 TRP A HZ3  2  
ATOM 212  H HH2  . TRP A 1 3 ? 3.666   5.045  -5.427 1.00 0.00 ? 3 TRP A HH2  2  
ATOM 213  N N    . PHE A 1 4 ? 2.056   0.378  -1.035 1.00 0.00 ? 4 PHE A N    2  
ATOM 214  C CA   . PHE A 1 4 ? 2.357   1.543  -0.202 1.00 0.00 ? 4 PHE A CA   2  
ATOM 215  C C    . PHE A 1 4 ? 1.779   1.381  1.216  1.00 0.00 ? 4 PHE A C    2  
ATOM 216  O O    . PHE A 1 4 ? 1.505   0.258  1.642  1.00 0.00 ? 4 PHE A O    2  
ATOM 217  C CB   . PHE A 1 4 ? 1.928   2.819  -0.953 1.00 0.00 ? 4 PHE A CB   2  
ATOM 218  C CG   . PHE A 1 4 ? 0.497   2.894  -1.472 1.00 0.00 ? 4 PHE A CG   2  
ATOM 219  C CD1  . PHE A 1 4 ? -0.593  3.049  -0.592 1.00 0.00 ? 4 PHE A CD1  2  
ATOM 220  C CD2  . PHE A 1 4 ? 0.264   2.902  -2.861 1.00 0.00 ? 4 PHE A CD2  2  
ATOM 221  C CE1  . PHE A 1 4 ? -1.892  3.243  -1.096 1.00 0.00 ? 4 PHE A CE1  2  
ATOM 222  C CE2  . PHE A 1 4 ? -1.034  3.094  -3.365 1.00 0.00 ? 4 PHE A CE2  2  
ATOM 223  C CZ   . PHE A 1 4 ? -2.108  3.279  -2.482 1.00 0.00 ? 4 PHE A CZ   2  
ATOM 224  H H    . PHE A 1 4 ? 1.079   0.208  -1.230 1.00 0.00 ? 4 PHE A H    2  
ATOM 225  H HA   . PHE A 1 4 ? 3.436   1.619  -0.075 1.00 0.00 ? 4 PHE A HA   2  
ATOM 226  H HB2  . PHE A 1 4 ? 2.117   3.689  -0.327 1.00 0.00 ? 4 PHE A HB2  2  
ATOM 227  H HB3  . PHE A 1 4 ? 2.599   2.926  -1.806 1.00 0.00 ? 4 PHE A HB3  2  
ATOM 228  H HD1  . PHE A 1 4 ? -0.440  3.058  0.474  1.00 0.00 ? 4 PHE A HD1  2  
ATOM 229  H HD2  . PHE A 1 4 ? 1.087   2.791  -3.551 1.00 0.00 ? 4 PHE A HD2  2  
ATOM 230  H HE1  . PHE A 1 4 ? -2.717  3.389  -0.416 1.00 0.00 ? 4 PHE A HE1  2  
ATOM 231  H HE2  . PHE A 1 4 ? -1.197  3.123  -4.432 1.00 0.00 ? 4 PHE A HE2  2  
ATOM 232  H HZ   . PHE A 1 4 ? -3.097  3.468  -2.869 1.00 0.00 ? 4 PHE A HZ   2  
ATOM 233  N N    . TRP A 1 5 ? 1.664   2.498  1.957  1.00 0.00 ? 5 TRP A N    2  
ATOM 234  C CA   . TRP A 1 5 ? 1.292   2.604  3.373  1.00 0.00 ? 5 TRP A CA   2  
ATOM 235  C C    . TRP A 1 5 ? -0.005  1.879  3.792  1.00 0.00 ? 5 TRP A C    2  
ATOM 236  O O    . TRP A 1 5 ? -0.245  1.727  4.989  1.00 0.00 ? 5 TRP A O    2  
ATOM 237  C CB   . TRP A 1 5 ? 1.194   4.099  3.728  1.00 0.00 ? 5 TRP A CB   2  
ATOM 238  C CG   . TRP A 1 5 ? -0.058  4.780  3.250  1.00 0.00 ? 5 TRP A CG   2  
ATOM 239  C CD1  . TRP A 1 5 ? -1.231  4.778  3.918  1.00 0.00 ? 5 TRP A CD1  2  
ATOM 240  C CD2  . TRP A 1 5 ? -0.329  5.477  1.992  1.00 0.00 ? 5 TRP A CD2  2  
ATOM 241  N NE1  . TRP A 1 5 ? -2.208  5.389  3.167  1.00 0.00 ? 5 TRP A NE1  2  
ATOM 242  C CE2  . TRP A 1 5 ? -1.721  5.795  1.943  1.00 0.00 ? 5 TRP A CE2  2  
ATOM 243  C CE3  . TRP A 1 5 ? 0.444   5.840  0.869  1.00 0.00 ? 5 TRP A CE3  2  
ATOM 244  C CZ2  . TRP A 1 5 ? -2.325  6.383  0.824  1.00 0.00 ? 5 TRP A CZ2  2  
ATOM 245  C CZ3  . TRP A 1 5 ? -0.146  6.449  -0.256 1.00 0.00 ? 5 TRP A CZ3  2  
ATOM 246  C CH2  . TRP A 1 5 ? -1.527  6.710  -0.285 1.00 0.00 ? 5 TRP A CH2  2  
ATOM 247  H H    . TRP A 1 5 ? 1.917   3.370  1.515  1.00 0.00 ? 5 TRP A H    2  
ATOM 248  H HA   . TRP A 1 5 ? 2.109   2.181  3.956  1.00 0.00 ? 5 TRP A HA   2  
ATOM 249  H HB2  . TRP A 1 5 ? 1.235   4.193  4.815  1.00 0.00 ? 5 TRP A HB2  2  
ATOM 250  H HB3  . TRP A 1 5 ? 2.062   4.626  3.330  1.00 0.00 ? 5 TRP A HB3  2  
ATOM 251  H HD1  . TRP A 1 5 ? -1.390  4.295  4.870  1.00 0.00 ? 5 TRP A HD1  2  
ATOM 252  H HE1  . TRP A 1 5 ? -3.165  5.469  3.478  1.00 0.00 ? 5 TRP A HE1  2  
ATOM 253  H HE3  . TRP A 1 5 ? 1.505   5.633  0.866  1.00 0.00 ? 5 TRP A HE3  2  
ATOM 254  H HZ2  . TRP A 1 5 ? -3.388  6.577  0.816  1.00 0.00 ? 5 TRP A HZ2  2  
ATOM 255  H HZ3  . TRP A 1 5 ? 0.467   6.706  -1.108 1.00 0.00 ? 5 TRP A HZ3  2  
ATOM 256  H HH2  . TRP A 1 5 ? -1.972  7.166  -1.157 1.00 0.00 ? 5 TRP A HH2  2  
ATOM 257  N N    . ARG A 1 6 ? -0.834  1.459  2.825  1.00 0.00 ? 6 ARG A N    2  
ATOM 258  C CA   . ARG A 1 6 ? -2.166  0.893  3.034  1.00 0.00 ? 6 ARG A CA   2  
ATOM 259  C C    . ARG A 1 6 ? -2.358  -0.361 2.170  1.00 0.00 ? 6 ARG A C    2  
ATOM 260  O O    . ARG A 1 6 ? -2.256  -1.461 2.711  1.00 0.00 ? 6 ARG A O    2  
ATOM 261  C CB   . ARG A 1 6 ? -3.206  1.992  2.767  1.00 0.00 ? 6 ARG A CB   2  
ATOM 262  C CG   . ARG A 1 6 ? -4.661  1.554  2.983  1.00 0.00 ? 6 ARG A CG   2  
ATOM 263  C CD   . ARG A 1 6 ? -5.616  2.718  2.687  1.00 0.00 ? 6 ARG A CD   2  
ATOM 264  N NE   . ARG A 1 6 ? -5.572  3.108  1.269  1.00 0.00 ? 6 ARG A NE   2  
ATOM 265  C CZ   . ARG A 1 6 ? -5.633  4.362  0.789  1.00 0.00 ? 6 ARG A CZ   2  
ATOM 266  N NH1  . ARG A 1 6 ? -5.823  5.418  1.590  1.00 0.00 ? 6 ARG A NH1  2  
ATOM 267  N NH2  . ARG A 1 6 ? -5.497  4.558  -0.528 1.00 0.00 ? 6 ARG A NH2  2  
ATOM 268  H H    . ARG A 1 6 ? -0.527  1.612  1.877  1.00 0.00 ? 6 ARG A H    2  
ATOM 269  H HA   . ARG A 1 6 ? -2.266  0.591  4.078  1.00 0.00 ? 6 ARG A HA   2  
ATOM 270  H HB2  . ARG A 1 6 ? -3.010  2.812  3.456  1.00 0.00 ? 6 ARG A HB2  2  
ATOM 271  H HB3  . ARG A 1 6 ? -3.075  2.362  1.750  1.00 0.00 ? 6 ARG A HB3  2  
ATOM 272  H HG2  . ARG A 1 6 ? -4.903  0.711  2.338  1.00 0.00 ? 6 ARG A HG2  2  
ATOM 273  H HG3  . ARG A 1 6 ? -4.789  1.245  4.022  1.00 0.00 ? 6 ARG A HG3  2  
ATOM 274  H HD2  . ARG A 1 6 ? -6.634  2.415  2.933  1.00 0.00 ? 6 ARG A HD2  2  
ATOM 275  H HD3  . ARG A 1 6 ? -5.342  3.562  3.319  1.00 0.00 ? 6 ARG A HD3  2  
ATOM 276  H HE   . ARG A 1 6 ? -5.445  2.357  0.604  1.00 0.00 ? 6 ARG A HE   2  
ATOM 277  H HH11 . ARG A 1 6 ? -5.932  5.282  2.584  1.00 0.00 ? 6 ARG A HH11 2  
ATOM 278  H HH12 . ARG A 1 6 ? -5.862  6.348  1.200  1.00 0.00 ? 6 ARG A HH12 2  
ATOM 279  H HH21 . ARG A 1 6 ? -5.349  3.773  -1.144 1.00 0.00 ? 6 ARG A HH21 2  
ATOM 280  H HH22 . ARG A 1 6 ? -5.534  5.496  -0.904 1.00 0.00 ? 6 ARG A HH22 2  
ATOM 281  N N    . ARG A 1 1 ? -2.782  -0.069 0.799  1.00 0.00 ? 1 ARG A N    3  
ATOM 282  C CA   . ARG A 1 1 ? -3.095  -0.959 -0.319 1.00 0.00 ? 1 ARG A CA   3  
ATOM 283  C C    . ARG A 1 1 ? -1.907  -1.064 -1.290 1.00 0.00 ? 1 ARG A C    3  
ATOM 284  O O    . ARG A 1 1 ? -0.979  -0.261 -1.229 1.00 0.00 ? 1 ARG A O    3  
ATOM 285  C CB   . ARG A 1 1 ? -4.344  -0.463 -1.082 1.00 0.00 ? 1 ARG A CB   3  
ATOM 286  C CG   . ARG A 1 1 ? -5.620  -0.296 -0.237 1.00 0.00 ? 1 ARG A CG   3  
ATOM 287  C CD   . ARG A 1 1 ? -5.789  1.094  0.395  1.00 0.00 ? 1 ARG A CD   3  
ATOM 288  N NE   . ARG A 1 1 ? -5.931  2.152  -0.617 1.00 0.00 ? 1 ARG A NE   3  
ATOM 289  C CZ   . ARG A 1 1 ? -5.776  3.469  -0.396 1.00 0.00 ? 1 ARG A CZ   3  
ATOM 290  N NH1  . ARG A 1 1 ? -5.497  3.953  0.820  1.00 0.00 ? 1 ARG A NH1  3  
ATOM 291  N NH2  . ARG A 1 1 ? -5.900  4.322  -1.420 1.00 0.00 ? 1 ARG A NH2  3  
ATOM 292  H H1   . ARG A 1 1 ? -3.032  0.900  0.674  1.00 0.00 ? 1 ARG A H1   3  
ATOM 293  H HA   . ARG A 1 1 ? -3.314  -1.956 0.067  1.00 0.00 ? 1 ARG A HA   3  
ATOM 294  H HB2  . ARG A 1 1 ? -4.112  0.468  -1.595 1.00 0.00 ? 1 ARG A HB2  3  
ATOM 295  H HB3  . ARG A 1 1 ? -4.571  -1.202 -1.850 1.00 0.00 ? 1 ARG A HB3  3  
ATOM 296  H HG2  . ARG A 1 1 ? -6.484  -0.474 -0.879 1.00 0.00 ? 1 ARG A HG2  3  
ATOM 297  H HG3  . ARG A 1 1 ? -5.635  -1.052 0.550  1.00 0.00 ? 1 ARG A HG3  3  
ATOM 298  H HD2  . ARG A 1 1 ? -6.681  1.088  1.022  1.00 0.00 ? 1 ARG A HD2  3  
ATOM 299  H HD3  . ARG A 1 1 ? -4.930  1.312  1.023  1.00 0.00 ? 1 ARG A HD3  3  
ATOM 300  H HE   . ARG A 1 1 ? -6.147  1.849  -1.556 1.00 0.00 ? 1 ARG A HE   3  
ATOM 301  H HH11 . ARG A 1 1 ? -5.399  3.322  1.603  1.00 0.00 ? 1 ARG A HH11 3  
ATOM 302  H HH12 . ARG A 1 1 ? -5.388  4.947  0.956  1.00 0.00 ? 1 ARG A HH12 3  
ATOM 303  H HH21 . ARG A 1 1 ? -6.112  3.974  -2.344 1.00 0.00 ? 1 ARG A HH21 3  
ATOM 304  H HH22 . ARG A 1 1 ? -5.787  5.313  -1.267 1.00 0.00 ? 1 ARG A HH22 3  
ATOM 305  N N    . ARG A 1 2 ? -2.015  -2.027 -2.217 1.00 0.00 ? 2 ARG A N    3  
ATOM 306  C CA   . ARG A 1 2 ? -1.160  -2.297 -3.380 1.00 0.00 ? 2 ARG A CA   3  
ATOM 307  C C    . ARG A 1 2 ? 0.333   -2.516 -3.064 1.00 0.00 ? 2 ARG A C    3  
ATOM 308  O O    . ARG A 1 2 ? 0.789   -3.657 -3.109 1.00 0.00 ? 2 ARG A O    3  
ATOM 309  C CB   . ARG A 1 2 ? -1.367  -1.218 -4.462 1.00 0.00 ? 2 ARG A CB   3  
ATOM 310  C CG   . ARG A 1 2 ? -2.794  -1.169 -5.039 1.00 0.00 ? 2 ARG A CG   3  
ATOM 311  C CD   . ARG A 1 2 ? -2.985  0.006  -6.008 1.00 0.00 ? 2 ARG A CD   3  
ATOM 312  N NE   . ARG A 1 2 ? -2.071  -0.059 -7.161 1.00 0.00 ? 2 ARG A NE   3  
ATOM 313  C CZ   . ARG A 1 2 ? -1.689  0.986  -7.916 1.00 0.00 ? 2 ARG A CZ   3  
ATOM 314  N NH1  . ARG A 1 2 ? -2.132  2.228  -7.681 1.00 0.00 ? 2 ARG A NH1  3  
ATOM 315  N NH2  . ARG A 1 2 ? -0.841  0.783  -8.932 1.00 0.00 ? 2 ARG A NH2  3  
ATOM 316  H H    . ARG A 1 2 ? -2.833  -2.615 -2.144 1.00 0.00 ? 2 ARG A H    3  
ATOM 317  H HA   . ARG A 1 2 ? -1.511  -3.238 -3.805 1.00 0.00 ? 2 ARG A HA   3  
ATOM 318  H HB2  . ARG A 1 2 ? -1.113  -0.240 -4.053 1.00 0.00 ? 2 ARG A HB2  3  
ATOM 319  H HB3  . ARG A 1 2 ? -0.681  -1.431 -5.281 1.00 0.00 ? 2 ARG A HB3  3  
ATOM 320  H HG2  . ARG A 1 2 ? -3.008  -2.104 -5.560 1.00 0.00 ? 2 ARG A HG2  3  
ATOM 321  H HG3  . ARG A 1 2 ? -3.515  -1.052 -4.231 1.00 0.00 ? 2 ARG A HG3  3  
ATOM 322  H HD2  . ARG A 1 2 ? -4.012  -0.007 -6.376 1.00 0.00 ? 2 ARG A HD2  3  
ATOM 323  H HD3  . ARG A 1 2 ? -2.827  0.936  -5.464 1.00 0.00 ? 2 ARG A HD3  3  
ATOM 324  H HE   . ARG A 1 2 ? -1.704  -0.970 -7.393 1.00 0.00 ? 2 ARG A HE   3  
ATOM 325  H HH11 . ARG A 1 2 ? -2.777  2.398  -6.923 1.00 0.00 ? 2 ARG A HH11 3  
ATOM 326  H HH12 . ARG A 1 2 ? -1.830  2.992  -8.268 1.00 0.00 ? 2 ARG A HH12 3  
ATOM 327  H HH21 . ARG A 1 2 ? -0.500  -0.148 -9.127 1.00 0.00 ? 2 ARG A HH21 3  
ATOM 328  H HH22 . ARG A 1 2 ? -0.550  1.559  -9.508 1.00 0.00 ? 2 ARG A HH22 3  
ATOM 329  N N    . TRP A 1 3 ? 1.086   -1.443 -2.784 1.00 0.00 ? 3 TRP A N    3  
ATOM 330  C CA   . TRP A 1 3 ? 2.541   -1.443 -2.609 1.00 0.00 ? 3 TRP A CA   3  
ATOM 331  C C    . TRP A 1 3 ? 3.016   -0.325 -1.660 1.00 0.00 ? 3 TRP A C    3  
ATOM 332  O O    . TRP A 1 3 ? 4.223   -0.154 -1.486 1.00 0.00 ? 3 TRP A O    3  
ATOM 333  C CB   . TRP A 1 3 ? 3.211   -1.327 -3.993 1.00 0.00 ? 3 TRP A CB   3  
ATOM 334  C CG   . TRP A 1 3 ? 2.695   -0.240 -4.894 1.00 0.00 ? 3 TRP A CG   3  
ATOM 335  C CD1  . TRP A 1 3 ? 1.840   -0.435 -5.924 1.00 0.00 ? 3 TRP A CD1  3  
ATOM 336  C CD2  . TRP A 1 3 ? 2.958   1.201  -4.876 1.00 0.00 ? 3 TRP A CD2  3  
ATOM 337  N NE1  . TRP A 1 3 ? 1.525   0.769  -6.513 1.00 0.00 ? 3 TRP A NE1  3  
ATOM 338  C CE2  . TRP A 1 3 ? 2.176   1.817  -5.902 1.00 0.00 ? 3 TRP A CE2  3  
ATOM 339  C CE3  . TRP A 1 3 ? 3.771   2.057  -4.100 1.00 0.00 ? 3 TRP A CE3  3  
ATOM 340  C CZ2  . TRP A 1 3 ? 2.177   3.203  -6.123 1.00 0.00 ? 3 TRP A CZ2  3  
ATOM 341  C CZ3  . TRP A 1 3 ? 3.781   3.448  -4.314 1.00 0.00 ? 3 TRP A CZ3  3  
ATOM 342  C CH2  . TRP A 1 3 ? 2.982   4.022  -5.317 1.00 0.00 ? 3 TRP A CH2  3  
ATOM 343  H H    . TRP A 1 3 ? 0.633   -0.542 -2.751 1.00 0.00 ? 3 TRP A H    3  
ATOM 344  H HA   . TRP A 1 3 ? 2.838   -2.392 -2.161 1.00 0.00 ? 3 TRP A HA   3  
ATOM 345  H HB2  . TRP A 1 3 ? 4.285   -1.196 -3.867 1.00 0.00 ? 3 TRP A HB2  3  
ATOM 346  H HB3  . TRP A 1 3 ? 3.074   -2.279 -4.508 1.00 0.00 ? 3 TRP A HB3  3  
ATOM 347  H HD1  . TRP A 1 3 ? 1.444   -1.393 -6.226 1.00 0.00 ? 3 TRP A HD1  3  
ATOM 348  H HE1  . TRP A 1 3 ? 0.892   0.844  -7.296 1.00 0.00 ? 3 TRP A HE1  3  
ATOM 349  H HE3  . TRP A 1 3 ? 4.397   1.642  -3.327 1.00 0.00 ? 3 TRP A HE3  3  
ATOM 350  H HZ2  . TRP A 1 3 ? 1.567   3.632  -6.904 1.00 0.00 ? 3 TRP A HZ2  3  
ATOM 351  H HZ3  . TRP A 1 3 ? 4.407   4.080  -3.700 1.00 0.00 ? 3 TRP A HZ3  3  
ATOM 352  H HH2  . TRP A 1 3 ? 2.994   5.092  -5.473 1.00 0.00 ? 3 TRP A HH2  3  
ATOM 353  N N    . PHE A 1 4 ? 2.086   0.418  -1.043 1.00 0.00 ? 4 PHE A N    3  
ATOM 354  C CA   . PHE A 1 4 ? 2.340   1.616  -0.248 1.00 0.00 ? 4 PHE A CA   3  
ATOM 355  C C    . PHE A 1 4 ? 1.861   1.425  1.203  1.00 0.00 ? 4 PHE A C    3  
ATOM 356  O O    . PHE A 1 4 ? 1.750   0.291  1.671  1.00 0.00 ? 4 PHE A O    3  
ATOM 357  C CB   . PHE A 1 4 ? 1.738   2.835  -0.977 1.00 0.00 ? 4 PHE A CB   3  
ATOM 358  C CG   . PHE A 1 4 ? 0.280   2.737  -1.409 1.00 0.00 ? 4 PHE A CG   3  
ATOM 359  C CD1  . PHE A 1 4 ? -0.767  2.858  -0.474 1.00 0.00 ? 4 PHE A CD1  3  
ATOM 360  C CD2  . PHE A 1 4 ? -0.032  2.567  -2.771 1.00 0.00 ? 4 PHE A CD2  3  
ATOM 361  C CE1  . PHE A 1 4 ? -2.106  2.823  -0.897 1.00 0.00 ? 4 PHE A CE1  3  
ATOM 362  C CE2  . PHE A 1 4 ? -1.370  2.534  -3.196 1.00 0.00 ? 4 PHE A CE2  3  
ATOM 363  C CZ   . PHE A 1 4 ? -2.410  2.664  -2.260 1.00 0.00 ? 4 PHE A CZ   3  
ATOM 364  H H    . PHE A 1 4 ? 1.114   0.189  -1.199 1.00 0.00 ? 4 PHE A H    3  
ATOM 365  H HA   . PHE A 1 4 ? 3.416   1.789  -0.192 1.00 0.00 ? 4 PHE A HA   3  
ATOM 366  H HB2  . PHE A 1 4 ? 1.866   3.730  -0.369 1.00 0.00 ? 4 PHE A HB2  3  
ATOM 367  H HB3  . PHE A 1 4 ? 2.341   3.006  -1.868 1.00 0.00 ? 4 PHE A HB3  3  
ATOM 368  H HD1  . PHE A 1 4 ? -0.554  2.994  0.572  1.00 0.00 ? 4 PHE A HD1  3  
ATOM 369  H HD2  . PHE A 1 4 ? 0.758   2.477  -3.500 1.00 0.00 ? 4 PHE A HD2  3  
ATOM 370  H HE1  . PHE A 1 4 ? -2.900  2.923  -0.173 1.00 0.00 ? 4 PHE A HE1  3  
ATOM 371  H HE2  . PHE A 1 4 ? -1.597  2.418  -4.245 1.00 0.00 ? 4 PHE A HE2  3  
ATOM 372  H HZ   . PHE A 1 4 ? -3.438  2.643  -2.588 1.00 0.00 ? 4 PHE A HZ   3  
ATOM 373  N N    . TRP A 1 5 ? 1.640   2.541  1.917  1.00 0.00 ? 5 TRP A N    3  
ATOM 374  C CA   . TRP A 1 5 ? 1.272   2.635  3.330  1.00 0.00 ? 5 TRP A CA   3  
ATOM 375  C C    . TRP A 1 5 ? 0.051   1.796  3.758  1.00 0.00 ? 5 TRP A C    3  
ATOM 376  O O    . TRP A 1 5 ? -0.169  1.643  4.959  1.00 0.00 ? 5 TRP A O    3  
ATOM 377  C CB   . TRP A 1 5 ? 1.050   4.122  3.670  1.00 0.00 ? 5 TRP A CB   3  
ATOM 378  C CG   . TRP A 1 5 ? -0.277  4.696  3.251  1.00 0.00 ? 5 TRP A CG   3  
ATOM 379  C CD1  . TRP A 1 5 ? -1.398  4.628  4.000  1.00 0.00 ? 5 TRP A CD1  3  
ATOM 380  C CD2  . TRP A 1 5 ? -0.674  5.381  2.016  1.00 0.00 ? 5 TRP A CD2  3  
ATOM 381  N NE1  . TRP A 1 5 ? -2.465  5.161  3.312  1.00 0.00 ? 5 TRP A NE1  3  
ATOM 382  C CE2  . TRP A 1 5 ? -2.084  5.619  2.070  1.00 0.00 ? 5 TRP A CE2  3  
ATOM 383  C CE3  . TRP A 1 5 ? -0.007  5.817  0.845  1.00 0.00 ? 5 TRP A CE3  3  
ATOM 384  C CZ2  . TRP A 1 5 ? -2.792  6.213  1.014  1.00 0.00 ? 5 TRP A CZ2  3  
ATOM 385  C CZ3  . TRP A 1 5 ? -0.711  6.410  -0.220 1.00 0.00 ? 5 TRP A CZ3  3  
ATOM 386  C CH2  . TRP A 1 5 ? -2.100  6.600  -0.142 1.00 0.00 ? 5 TRP A CH2  3  
ATOM 387  H H    . TRP A 1 5 ? 1.769   3.424  1.446  1.00 0.00 ? 5 TRP A H    3  
ATOM 388  H HA   . TRP A 1 5 ? 2.127   2.290  3.911  1.00 0.00 ? 5 TRP A HA   3  
ATOM 389  H HB2  . TRP A 1 5 ? 1.131   4.232  4.752  1.00 0.00 ? 5 TRP A HB2  3  
ATOM 390  H HB3  . TRP A 1 5 ? 1.849   4.719  3.230  1.00 0.00 ? 5 TRP A HB3  3  
ATOM 391  H HD1  . TRP A 1 5 ? -1.456  4.170  4.977  1.00 0.00 ? 5 TRP A HD1  3  
ATOM 392  H HE1  . TRP A 1 5 ? -3.400  5.187  3.691  1.00 0.00 ? 5 TRP A HE1  3  
ATOM 393  H HE3  . TRP A 1 5 ? 1.059   5.696  0.752  1.00 0.00 ? 5 TRP A HE3  3  
ATOM 394  H HZ2  . TRP A 1 5 ? -3.857  6.376  1.093  1.00 0.00 ? 5 TRP A HZ2  3  
ATOM 395  H HZ3  . TRP A 1 5 ? -0.175  6.722  -1.105 1.00 0.00 ? 5 TRP A HZ3  3  
ATOM 396  H HH2  . TRP A 1 5 ? -2.631  7.057  -0.965 1.00 0.00 ? 5 TRP A HH2  3  
ATOM 397  N N    . ARG A 1 6 ? -0.745  1.283  2.804  1.00 0.00 ? 6 ARG A N    3  
ATOM 398  C CA   . ARG A 1 6 ? -1.978  0.551  3.074  1.00 0.00 ? 6 ARG A CA   3  
ATOM 399  C C    . ARG A 1 6 ? -2.265  -0.484 1.970  1.00 0.00 ? 6 ARG A C    3  
ATOM 400  O O    . ARG A 1 6 ? -1.997  -1.664 2.190  1.00 0.00 ? 6 ARG A O    3  
ATOM 401  C CB   . ARG A 1 6 ? -3.115  1.566  3.281  1.00 0.00 ? 6 ARG A CB   3  
ATOM 402  C CG   . ARG A 1 6 ? -4.399  0.903  3.799  1.00 0.00 ? 6 ARG A CG   3  
ATOM 403  C CD   . ARG A 1 6 ? -5.483  1.958  4.048  1.00 0.00 ? 6 ARG A CD   3  
ATOM 404  N NE   . ARG A 1 6 ? -6.722  1.355  4.567  1.00 0.00 ? 6 ARG A NE   3  
ATOM 405  C CZ   . ARG A 1 6 ? -7.021  1.144  5.861  1.00 0.00 ? 6 ARG A CZ   3  
ATOM 406  N NH1  . ARG A 1 6 ? -6.169  1.459  6.847  1.00 0.00 ? 6 ARG A NH1  3  
ATOM 407  N NH2  . ARG A 1 6 ? -8.203  0.604  6.177  1.00 0.00 ? 6 ARG A NH2  3  
ATOM 408  H H    . ARG A 1 6 ? -0.467  1.408  1.842  1.00 0.00 ? 6 ARG A H    3  
ATOM 409  H HA   . ARG A 1 6 ? -1.850  -0.001 4.006  1.00 0.00 ? 6 ARG A HA   3  
ATOM 410  H HB2  . ARG A 1 6 ? -2.791  2.294  4.026  1.00 0.00 ? 6 ARG A HB2  3  
ATOM 411  H HB3  . ARG A 1 6 ? -3.301  2.113  2.354  1.00 0.00 ? 6 ARG A HB3  3  
ATOM 412  H HG2  . ARG A 1 6 ? -4.764  0.175  3.073  1.00 0.00 ? 6 ARG A HG2  3  
ATOM 413  H HG3  . ARG A 1 6 ? -4.181  0.385  4.734  1.00 0.00 ? 6 ARG A HG3  3  
ATOM 414  H HD2  . ARG A 1 6 ? -5.109  2.706  4.751  1.00 0.00 ? 6 ARG A HD2  3  
ATOM 415  H HD3  . ARG A 1 6 ? -5.711  2.462  3.111  1.00 0.00 ? 6 ARG A HD3  3  
ATOM 416  H HE   . ARG A 1 6 ? -7.409  1.085  3.878  1.00 0.00 ? 6 ARG A HE   3  
ATOM 417  H HH11 . ARG A 1 6 ? -5.270  1.864  6.629  1.00 0.00 ? 6 ARG A HH11 3  
ATOM 418  H HH12 . ARG A 1 6 ? -6.426  1.291  7.809  1.00 0.00 ? 6 ARG A HH12 3  
ATOM 419  H HH21 . ARG A 1 6 ? -8.860  0.361  5.450  1.00 0.00 ? 6 ARG A HH21 3  
ATOM 420  H HH22 . ARG A 1 6 ? -8.442  0.445  7.146  1.00 0.00 ? 6 ARG A HH22 3  
ATOM 421  N N    . ARG A 1 1 ? -2.174  -0.560 1.402  1.00 0.00 ? 1 ARG A N    4  
ATOM 422  C CA   . ARG A 1 1 ? -2.252  -1.649 0.427  1.00 0.00 ? 1 ARG A CA   4  
ATOM 423  C C    . ARG A 1 1 ? -1.679  -1.259 -0.951 1.00 0.00 ? 1 ARG A C    4  
ATOM 424  O O    . ARG A 1 1 ? -1.248  -0.125 -1.159 1.00 0.00 ? 1 ARG A O    4  
ATOM 425  C CB   . ARG A 1 1 ? -3.678  -2.250 0.345  1.00 0.00 ? 1 ARG A CB   4  
ATOM 426  C CG   . ARG A 1 1 ? -4.241  -2.845 1.652  1.00 0.00 ? 1 ARG A CG   4  
ATOM 427  C CD   . ARG A 1 1 ? -4.768  -1.802 2.651  1.00 0.00 ? 1 ARG A CD   4  
ATOM 428  N NE   . ARG A 1 1 ? -5.552  -2.420 3.729  1.00 0.00 ? 1 ARG A NE   4  
ATOM 429  C CZ   . ARG A 1 1 ? -6.863  -2.723 3.680  1.00 0.00 ? 1 ARG A CZ   4  
ATOM 430  N NH1  . ARG A 1 1 ? -7.597  -2.510 2.578  1.00 0.00 ? 1 ARG A NH1  4  
ATOM 431  N NH2  . ARG A 1 1 ? -7.452  -3.249 4.758  1.00 0.00 ? 1 ARG A NH2  4  
ATOM 432  H H1   . ARG A 1 1 ? -1.539  -0.717 2.172  1.00 0.00 ? 1 ARG A H1   4  
ATOM 433  H HA   . ARG A 1 1 ? -1.608  -2.444 0.805  1.00 0.00 ? 1 ARG A HA   4  
ATOM 434  H HB2  . ARG A 1 1 ? -4.376  -1.510 -0.046 1.00 0.00 ? 1 ARG A HB2  4  
ATOM 435  H HB3  . ARG A 1 1 ? -3.655  -3.071 -0.373 1.00 0.00 ? 1 ARG A HB3  4  
ATOM 436  H HG2  . ARG A 1 1 ? -5.069  -3.500 1.379  1.00 0.00 ? 1 ARG A HG2  4  
ATOM 437  H HG3  . ARG A 1 1 ? -3.478  -3.458 2.134  1.00 0.00 ? 1 ARG A HG3  4  
ATOM 438  H HD2  . ARG A 1 1 ? -3.930  -1.280 3.108  1.00 0.00 ? 1 ARG A HD2  4  
ATOM 439  H HD3  . ARG A 1 1 ? -5.385  -1.073 2.123  1.00 0.00 ? 1 ARG A HD3  4  
ATOM 440  H HE   . ARG A 1 1 ? -5.058  -2.611 4.589  1.00 0.00 ? 1 ARG A HE   4  
ATOM 441  H HH11 . ARG A 1 1 ? -7.166  -2.114 1.755  1.00 0.00 ? 1 ARG A HH11 4  
ATOM 442  H HH12 . ARG A 1 1 ? -8.577  -2.748 2.571  1.00 0.00 ? 1 ARG A HH12 4  
ATOM 443  H HH21 . ARG A 1 1 ? -6.915  -3.412 5.598  1.00 0.00 ? 1 ARG A HH21 4  
ATOM 444  H HH22 . ARG A 1 1 ? -8.435  -3.479 4.736  1.00 0.00 ? 1 ARG A HH22 4  
ATOM 445  N N    . ARG A 1 2 ? -1.677  -2.240 -1.872 1.00 0.00 ? 2 ARG A N    4  
ATOM 446  C CA   . ARG A 1 2 ? -1.262  -2.193 -3.282 1.00 0.00 ? 2 ARG A CA   4  
ATOM 447  C C    . ARG A 1 2 ? 0.262   -2.276 -3.437 1.00 0.00 ? 2 ARG A C    4  
ATOM 448  O O    . ARG A 1 2 ? 0.761   -3.249 -4.000 1.00 0.00 ? 2 ARG A O    4  
ATOM 449  C CB   . ARG A 1 2 ? -1.846  -0.981 -4.045 1.00 0.00 ? 2 ARG A CB   4  
ATOM 450  C CG   . ARG A 1 2 ? -3.373  -0.785 -3.967 1.00 0.00 ? 2 ARG A CG   4  
ATOM 451  C CD   . ARG A 1 2 ? -4.187  -1.788 -4.795 1.00 0.00 ? 2 ARG A CD   4  
ATOM 452  N NE   . ARG A 1 2 ? -4.177  -3.143 -4.222 1.00 0.00 ? 2 ARG A NE   4  
ATOM 453  C CZ   . ARG A 1 2 ? -4.634  -4.247 -4.836 1.00 0.00 ? 2 ARG A CZ   4  
ATOM 454  N NH1  . ARG A 1 2 ? -5.195  -4.194 -6.053 1.00 0.00 ? 2 ARG A NH1  4  
ATOM 455  N NH2  . ARG A 1 2 ? -4.527  -5.430 -4.221 1.00 0.00 ? 2 ARG A NH2  4  
ATOM 456  H H    . ARG A 1 2 ? -2.028  -3.136 -1.568 1.00 0.00 ? 2 ARG A H    4  
ATOM 457  H HA   . ARG A 1 2 ? -1.659  -3.091 -3.754 1.00 0.00 ? 2 ARG A HA   4  
ATOM 458  H HB2  . ARG A 1 2 ? -1.372  -0.069 -3.685 1.00 0.00 ? 2 ARG A HB2  4  
ATOM 459  H HB3  . ARG A 1 2 ? -1.569  -1.076 -5.096 1.00 0.00 ? 2 ARG A HB3  4  
ATOM 460  H HG2  . ARG A 1 2 ? -3.709  -0.804 -2.930 1.00 0.00 ? 2 ARG A HG2  4  
ATOM 461  H HG3  . ARG A 1 2 ? -3.592  0.209  -4.359 1.00 0.00 ? 2 ARG A HG3  4  
ATOM 462  H HD2  . ARG A 1 2 ? -5.220  -1.442 -4.838 1.00 0.00 ? 2 ARG A HD2  4  
ATOM 463  H HD3  . ARG A 1 2 ? -3.789  -1.816 -5.810 1.00 0.00 ? 2 ARG A HD3  4  
ATOM 464  H HE   . ARG A 1 2 ? -3.767  -3.242 -3.307 1.00 0.00 ? 2 ARG A HE   4  
ATOM 465  H HH11 . ARG A 1 2 ? -5.284  -3.308 -6.529 1.00 0.00 ? 2 ARG A HH11 4  
ATOM 466  H HH12 . ARG A 1 2 ? -5.529  -5.039 -6.493 1.00 0.00 ? 2 ARG A HH12 4  
ATOM 467  H HH21 . ARG A 1 2 ? -4.101  -5.489 -3.308 1.00 0.00 ? 2 ARG A HH21 4  
ATOM 468  H HH22 . ARG A 1 2 ? -4.862  -6.267 -4.676 1.00 0.00 ? 2 ARG A HH22 4  
ATOM 469  N N    . TRP A 1 3 ? 0.985   -1.264 -2.939 1.00 0.00 ? 3 TRP A N    4  
ATOM 470  C CA   . TRP A 1 3 ? 2.441   -1.126 -3.021 1.00 0.00 ? 3 TRP A CA   4  
ATOM 471  C C    . TRP A 1 3 ? 2.965   -0.091 -2.004 1.00 0.00 ? 3 TRP A C    4  
ATOM 472  O O    . TRP A 1 3 ? 4.153   0.232  -2.018 1.00 0.00 ? 3 TRP A O    4  
ATOM 473  C CB   . TRP A 1 3 ? 2.850   -0.769 -4.464 1.00 0.00 ? 3 TRP A CB   4  
ATOM 474  C CG   . TRP A 1 3 ? 2.097   0.352  -5.120 1.00 0.00 ? 3 TRP A CG   4  
ATOM 475  C CD1  . TRP A 1 3 ? 1.019   0.197  -5.921 1.00 0.00 ? 3 TRP A CD1  4  
ATOM 476  C CD2  . TRP A 1 3 ? 2.333   1.793  -5.059 1.00 0.00 ? 3 TRP A CD2  4  
ATOM 477  N NE1  . TRP A 1 3 ? 0.560   1.425  -6.340 1.00 0.00 ? 3 TRP A NE1  4  
ATOM 478  C CE2  . TRP A 1 3 ? 1.332   2.450  -5.839 1.00 0.00 ? 3 TRP A CE2  4  
ATOM 479  C CE3  . TRP A 1 3 ? 3.284   2.619  -4.416 1.00 0.00 ? 3 TRP A CE3  4  
ATOM 480  C CZ2  . TRP A 1 3 ? 1.278   3.845  -5.973 1.00 0.00 ? 3 TRP A CZ2  4  
ATOM 481  C CZ3  . TRP A 1 3 ? 3.239   4.019  -4.546 1.00 0.00 ? 3 TRP A CZ3  4  
ATOM 482  C CH2  . TRP A 1 3 ? 2.239   4.633  -5.322 1.00 0.00 ? 3 TRP A CH2  4  
ATOM 483  H H    . TRP A 1 3 ? 0.489   -0.506 -2.492 1.00 0.00 ? 3 TRP A H    4  
ATOM 484  H HA   . TRP A 1 3 ? 2.894   -2.084 -2.766 1.00 0.00 ? 3 TRP A HA   4  
ATOM 485  H HB2  . TRP A 1 3 ? 3.914   -0.533 -4.491 1.00 0.00 ? 3 TRP A HB2  4  
ATOM 486  H HB3  . TRP A 1 3 ? 2.720   -1.659 -5.079 1.00 0.00 ? 3 TRP A HB3  4  
ATOM 487  H HD1  . TRP A 1 3 ? 0.577   -0.752 -6.187 1.00 0.00 ? 3 TRP A HD1  4  
ATOM 488  H HE1  . TRP A 1 3 ? -0.240  1.531  -6.948 1.00 0.00 ? 3 TRP A HE1  4  
ATOM 489  H HE3  . TRP A 1 3 ? 4.057   2.168  -3.814 1.00 0.00 ? 3 TRP A HE3  4  
ATOM 490  H HZ2  . TRP A 1 3 ? 0.507   4.308  -6.573 1.00 0.00 ? 3 TRP A HZ2  4  
ATOM 491  H HZ3  . TRP A 1 3 ? 3.978   4.626  -4.045 1.00 0.00 ? 3 TRP A HZ3  4  
ATOM 492  H HH2  . TRP A 1 3 ? 2.213   5.708  -5.417 1.00 0.00 ? 3 TRP A HH2  4  
ATOM 493  N N    . PHE A 1 4 ? 2.091   0.415  -1.120 1.00 0.00 ? 4 PHE A N    4  
ATOM 494  C CA   . PHE A 1 4 ? 2.378   1.441  -0.124 1.00 0.00 ? 4 PHE A CA   4  
ATOM 495  C C    . PHE A 1 4 ? 1.660   1.119  1.197  1.00 0.00 ? 4 PHE A C    4  
ATOM 496  O O    . PHE A 1 4 ? 1.095   0.034  1.349  1.00 0.00 ? 4 PHE A O    4  
ATOM 497  C CB   . PHE A 1 4 ? 2.032   2.828  -0.702 1.00 0.00 ? 4 PHE A CB   4  
ATOM 498  C CG   . PHE A 1 4 ? 0.581   3.079  -1.093 1.00 0.00 ? 4 PHE A CG   4  
ATOM 499  C CD1  . PHE A 1 4 ? 0.067   2.565  -2.298 1.00 0.00 ? 4 PHE A CD1  4  
ATOM 500  C CD2  . PHE A 1 4 ? -0.234  3.905  -0.294 1.00 0.00 ? 4 PHE A CD2  4  
ATOM 501  C CE1  . PHE A 1 4 ? -1.246  2.864  -2.700 1.00 0.00 ? 4 PHE A CE1  4  
ATOM 502  C CE2  . PHE A 1 4 ? -1.539  4.226  -0.709 1.00 0.00 ? 4 PHE A CE2  4  
ATOM 503  C CZ   . PHE A 1 4 ? -2.051  3.698  -1.906 1.00 0.00 ? 4 PHE A CZ   4  
ATOM 504  H H    . PHE A 1 4 ? 1.135   0.088  -1.156 1.00 0.00 ? 4 PHE A H    4  
ATOM 505  H HA   . PHE A 1 4 ? 3.449   1.438  0.086  1.00 0.00 ? 4 PHE A HA   4  
ATOM 506  H HB2  . PHE A 1 4 ? 2.340   3.589  0.016  1.00 0.00 ? 4 PHE A HB2  4  
ATOM 507  H HB3  . PHE A 1 4 ? 2.647   2.986  -1.588 1.00 0.00 ? 4 PHE A HB3  4  
ATOM 508  H HD1  . PHE A 1 4 ? 0.681   1.940  -2.927 1.00 0.00 ? 4 PHE A HD1  4  
ATOM 509  H HD2  . PHE A 1 4 ? 0.144   4.316  0.628  1.00 0.00 ? 4 PHE A HD2  4  
ATOM 510  H HE1  . PHE A 1 4 ? -1.631  2.465  -3.629 1.00 0.00 ? 4 PHE A HE1  4  
ATOM 511  H HE2  . PHE A 1 4 ? -2.148  4.885  -0.108 1.00 0.00 ? 4 PHE A HE2  4  
ATOM 512  H HZ   . PHE A 1 4 ? -3.055  3.941  -2.219 1.00 0.00 ? 4 PHE A HZ   4  
ATOM 513  N N    . TRP A 1 5 ? 1.729   2.048  2.166  1.00 0.00 ? 5 TRP A N    4  
ATOM 514  C CA   . TRP A 1 5 ? 1.251   1.873  3.541  1.00 0.00 ? 5 TRP A CA   4  
ATOM 515  C C    . TRP A 1 5 ? -0.254  1.572  3.669  1.00 0.00 ? 5 TRP A C    4  
ATOM 516  O O    . TRP A 1 5 ? -0.708  1.211  4.756  1.00 0.00 ? 5 TRP A O    4  
ATOM 517  C CB   . TRP A 1 5 ? 1.622   3.114  4.367  1.00 0.00 ? 5 TRP A CB   4  
ATOM 518  C CG   . TRP A 1 5 ? 0.717   4.304  4.219  1.00 0.00 ? 5 TRP A CG   4  
ATOM 519  C CD1  . TRP A 1 5 ? -0.394  4.519  4.957  1.00 0.00 ? 5 TRP A CD1  4  
ATOM 520  C CD2  . TRP A 1 5 ? 0.803   5.441  3.304  1.00 0.00 ? 5 TRP A CD2  4  
ATOM 521  N NE1  . TRP A 1 5 ? -0.990  5.702  4.585  1.00 0.00 ? 5 TRP A NE1  4  
ATOM 522  C CE2  . TRP A 1 5 ? -0.293  6.320  3.568  1.00 0.00 ? 5 TRP A CE2  4  
ATOM 523  C CE3  . TRP A 1 5 ? 1.697   5.825  2.280  1.00 0.00 ? 5 TRP A CE3  4  
ATOM 524  C CZ2  . TRP A 1 5 ? -0.482  7.521  2.868  1.00 0.00 ? 5 TRP A CZ2  4  
ATOM 525  C CZ3  . TRP A 1 5 ? 1.503   7.017  1.554  1.00 0.00 ? 5 TRP A CZ3  4  
ATOM 526  C CH2  . TRP A 1 5 ? 0.421   7.865  1.850  1.00 0.00 ? 5 TRP A CH2  4  
ATOM 527  H H    . TRP A 1 5 ? 2.205   2.916  1.964  1.00 0.00 ? 5 TRP A H    4  
ATOM 528  H HA   . TRP A 1 5 ? 1.789   1.028  3.967  1.00 0.00 ? 5 TRP A HA   4  
ATOM 529  H HB2  . TRP A 1 5 ? 1.617   2.826  5.418  1.00 0.00 ? 5 TRP A HB2  4  
ATOM 530  H HB3  . TRP A 1 5 ? 2.642   3.414  4.126  1.00 0.00 ? 5 TRP A HB3  4  
ATOM 531  H HD1  . TRP A 1 5 ? -0.757  3.849  5.723  1.00 0.00 ? 5 TRP A HD1  4  
ATOM 532  H HE1  . TRP A 1 5 ? -1.827  6.055  5.026  1.00 0.00 ? 5 TRP A HE1  4  
ATOM 533  H HE3  . TRP A 1 5 ? 2.539   5.191  2.045  1.00 0.00 ? 5 TRP A HE3  4  
ATOM 534  H HZ2  . TRP A 1 5 ? -1.310  8.176  3.115  1.00 0.00 ? 5 TRP A HZ2  4  
ATOM 535  H HZ3  . TRP A 1 5 ? 2.196   7.285  0.771  1.00 0.00 ? 5 TRP A HZ3  4  
ATOM 536  H HH2  . TRP A 1 5 ? 0.288   8.783  1.295  1.00 0.00 ? 5 TRP A HH2  4  
ATOM 537  N N    . ARG A 1 6 ? -1.014  1.717  2.574  1.00 0.00 ? 6 ARG A N    4  
ATOM 538  C CA   . ARG A 1 6 ? -2.463  1.587  2.518  1.00 0.00 ? 6 ARG A CA   4  
ATOM 539  C C    . ARG A 1 6 ? -2.820  0.621  1.376  1.00 0.00 ? 6 ARG A C    4  
ATOM 540  O O    . ARG A 1 6 ? -3.622  0.941  0.498  1.00 0.00 ? 6 ARG A O    4  
ATOM 541  C CB   . ARG A 1 6 ? -3.050  3.003  2.399  1.00 0.00 ? 6 ARG A CB   4  
ATOM 542  C CG   . ARG A 1 6 ? -4.520  3.113  2.822  1.00 0.00 ? 6 ARG A CG   4  
ATOM 543  C CD   . ARG A 1 6 ? -4.951  4.587  2.817  1.00 0.00 ? 6 ARG A CD   4  
ATOM 544  N NE   . ARG A 1 6 ? -4.986  5.140  1.452  1.00 0.00 ? 6 ARG A NE   4  
ATOM 545  C CZ   . ARG A 1 6 ? -4.732  6.414  1.109  1.00 0.00 ? 6 ARG A CZ   4  
ATOM 546  N NH1  . ARG A 1 6 ? -4.427  7.347  2.021  1.00 0.00 ? 6 ARG A NH1  4  
ATOM 547  N NH2  . ARG A 1 6 ? -4.786  6.762  -0.181 1.00 0.00 ? 6 ARG A NH2  4  
ATOM 548  H H    . ARG A 1 6 ? -0.561  2.014  1.722  1.00 0.00 ? 6 ARG A H    4  
ATOM 549  H HA   . ARG A 1 6 ? -2.815  1.148  3.453  1.00 0.00 ? 6 ARG A HA   4  
ATOM 550  H HB2  . ARG A 1 6 ? -2.474  3.669  3.042  1.00 0.00 ? 6 ARG A HB2  4  
ATOM 551  H HB3  . ARG A 1 6 ? -2.939  3.347  1.375  1.00 0.00 ? 6 ARG A HB3  4  
ATOM 552  H HG2  . ARG A 1 6 ? -5.154  2.539  2.146  1.00 0.00 ? 6 ARG A HG2  4  
ATOM 553  H HG3  . ARG A 1 6 ? -4.633  2.721  3.833  1.00 0.00 ? 6 ARG A HG3  4  
ATOM 554  H HD2  . ARG A 1 6 ? -5.944  4.674  3.254  1.00 0.00 ? 6 ARG A HD2  4  
ATOM 555  H HD3  . ARG A 1 6 ? -4.253  5.160  3.431  1.00 0.00 ? 6 ARG A HD3  4  
ATOM 556  H HE   . ARG A 1 6 ? -5.211  4.489  0.713  1.00 0.00 ? 6 ARG A HE   4  
ATOM 557  H HH11 . ARG A 1 6 ? -4.386  7.100  3.000  1.00 0.00 ? 6 ARG A HH11 4  
ATOM 558  H HH12 . ARG A 1 6 ? -4.245  8.297  1.732  1.00 0.00 ? 6 ARG A HH12 4  
ATOM 559  H HH21 . ARG A 1 6 ? -5.016  6.072  -0.882 1.00 0.00 ? 6 ARG A HH21 4  
ATOM 560  H HH22 . ARG A 1 6 ? -4.602  7.715  -0.455 1.00 0.00 ? 6 ARG A HH22 4  
ATOM 561  N N    . ARG A 1 1 ? -2.072  -0.593 1.375  1.00 0.00 ? 1 ARG A N    5  
ATOM 562  C CA   . ARG A 1 1 ? -2.143  -1.684 0.402  1.00 0.00 ? 1 ARG A CA   5  
ATOM 563  C C    . ARG A 1 1 ? -1.655  -1.282 -1.001 1.00 0.00 ? 1 ARG A C    5  
ATOM 564  O O    . ARG A 1 1 ? -1.221  -0.153 -1.218 1.00 0.00 ? 1 ARG A O    5  
ATOM 565  C CB   . ARG A 1 1 ? -3.545  -2.339 0.407  1.00 0.00 ? 1 ARG A CB   5  
ATOM 566  C CG   . ARG A 1 1 ? -4.030  -2.753 1.813  1.00 0.00 ? 1 ARG A CG   5  
ATOM 567  C CD   . ARG A 1 1 ? -5.067  -1.787 2.409  1.00 0.00 ? 1 ARG A CD   5  
ATOM 568  N NE   . ARG A 1 1 ? -6.390  -1.949 1.782  1.00 0.00 ? 1 ARG A NE   5  
ATOM 569  C CZ   . ARG A 1 1 ? -7.283  -2.915 2.067  1.00 0.00 ? 1 ARG A CZ   5  
ATOM 570  N NH1  . ARG A 1 1 ? -7.050  -3.842 3.007  1.00 0.00 ? 1 ARG A NH1  5  
ATOM 571  N NH2  . ARG A 1 1 ? -8.437  -2.957 1.391  1.00 0.00 ? 1 ARG A NH2  5  
ATOM 572  H H1   . ARG A 1 1 ? -1.460  -0.768 2.160  1.00 0.00 ? 1 ARG A H1   5  
ATOM 573  H HA   . ARG A 1 1 ? -1.451  -2.449 0.752  1.00 0.00 ? 1 ARG A HA   5  
ATOM 574  H HB2  . ARG A 1 1 ? -4.269  -1.670 -0.059 1.00 0.00 ? 1 ARG A HB2  5  
ATOM 575  H HB3  . ARG A 1 1 ? -3.499  -3.243 -0.200 1.00 0.00 ? 1 ARG A HB3  5  
ATOM 576  H HG2  . ARG A 1 1 ? -4.470  -3.749 1.753  1.00 0.00 ? 1 ARG A HG2  5  
ATOM 577  H HG3  . ARG A 1 1 ? -3.177  -2.824 2.491  1.00 0.00 ? 1 ARG A HG3  5  
ATOM 578  H HD2  . ARG A 1 1 ? -5.149  -1.965 3.481  1.00 0.00 ? 1 ARG A HD2  5  
ATOM 579  H HD3  . ARG A 1 1 ? -4.736  -0.757 2.276  1.00 0.00 ? 1 ARG A HD3  5  
ATOM 580  H HE   . ARG A 1 1 ? -6.631  -1.282 1.064  1.00 0.00 ? 1 ARG A HE   5  
ATOM 581  H HH11 . ARG A 1 1 ? -6.183  -3.829 3.525  1.00 0.00 ? 1 ARG A HH11 5  
ATOM 582  H HH12 . ARG A 1 1 ? -7.738  -4.556 3.195  1.00 0.00 ? 1 ARG A HH12 5  
ATOM 583  H HH21 . ARG A 1 1 ? -8.632  -2.271 0.677  1.00 0.00 ? 1 ARG A HH21 5  
ATOM 584  H HH22 . ARG A 1 1 ? -9.113  -3.681 1.593  1.00 0.00 ? 1 ARG A HH22 5  
ATOM 585  N N    . ARG A 1 2 ? -1.715  -2.250 -1.931 1.00 0.00 ? 2 ARG A N    5  
ATOM 586  C CA   . ARG A 1 2 ? -1.308  -2.206 -3.342 1.00 0.00 ? 2 ARG A CA   5  
ATOM 587  C C    . ARG A 1 2 ? 0.216   -2.254 -3.518 1.00 0.00 ? 2 ARG A C    5  
ATOM 588  O O    . ARG A 1 2 ? 0.719   -3.176 -4.159 1.00 0.00 ? 2 ARG A O    5  
ATOM 589  C CB   . ARG A 1 2 ? -1.915  -1.007 -4.103 1.00 0.00 ? 2 ARG A CB   5  
ATOM 590  C CG   . ARG A 1 2 ? -3.448  -0.871 -4.015 1.00 0.00 ? 2 ARG A CG   5  
ATOM 591  C CD   . ARG A 1 2 ? -4.228  -2.100 -4.505 1.00 0.00 ? 2 ARG A CD   5  
ATOM 592  N NE   . ARG A 1 2 ? -3.932  -2.416 -5.911 1.00 0.00 ? 2 ARG A NE   5  
ATOM 593  C CZ   . ARG A 1 2 ? -4.613  -3.286 -6.678 1.00 0.00 ? 2 ARG A CZ   5  
ATOM 594  N NH1  . ARG A 1 2 ? -5.673  -3.959 -6.210 1.00 0.00 ? 2 ARG A NH1  5  
ATOM 595  N NH2  . ARG A 1 2 ? -4.222  -3.485 -7.941 1.00 0.00 ? 2 ARG A NH2  5  
ATOM 596  H H    . ARG A 1 2 ? -2.077  -3.139 -1.619 1.00 0.00 ? 2 ARG A H    5  
ATOM 597  H HA   . ARG A 1 2 ? -1.702  -3.109 -3.808 1.00 0.00 ? 2 ARG A HA   5  
ATOM 598  H HB2  . ARG A 1 2 ? -1.467  -0.080 -3.745 1.00 0.00 ? 2 ARG A HB2  5  
ATOM 599  H HB3  . ARG A 1 2 ? -1.635  -1.095 -5.153 1.00 0.00 ? 2 ARG A HB3  5  
ATOM 600  H HG2  . ARG A 1 2 ? -3.733  -0.670 -2.982 1.00 0.00 ? 2 ARG A HG2  5  
ATOM 601  H HG3  . ARG A 1 2 ? -3.752  -0.008 -4.611 1.00 0.00 ? 2 ARG A HG3  5  
ATOM 602  H HD2  . ARG A 1 2 ? -3.983  -2.961 -3.882 1.00 0.00 ? 2 ARG A HD2  5  
ATOM 603  H HD3  . ARG A 1 2 ? -5.293  -1.895 -4.401 1.00 0.00 ? 2 ARG A HD3  5  
ATOM 604  H HE   . ARG A 1 2 ? -3.144  -1.940 -6.323 1.00 0.00 ? 2 ARG A HE   5  
ATOM 605  H HH11 . ARG A 1 2 ? -5.982  -3.816 -5.260 1.00 0.00 ? 2 ARG A HH11 5  
ATOM 606  H HH12 . ARG A 1 2 ? -6.165  -4.603 -6.811 1.00 0.00 ? 2 ARG A HH12 5  
ATOM 607  H HH21 . ARG A 1 2 ? -3.425  -2.987 -8.309 1.00 0.00 ? 2 ARG A HH21 5  
ATOM 608  H HH22 . ARG A 1 2 ? -4.725  -4.134 -8.528 1.00 0.00 ? 2 ARG A HH22 5  
ATOM 609  N N    . TRP A 1 3 ? 0.935   -1.273 -2.955 1.00 0.00 ? 3 TRP A N    5  
ATOM 610  C CA   . TRP A 1 3 ? 2.388   -1.107 -3.042 1.00 0.00 ? 3 TRP A CA   5  
ATOM 611  C C    . TRP A 1 3 ? 2.908   -0.114 -1.981 1.00 0.00 ? 3 TRP A C    5  
ATOM 612  O O    . TRP A 1 3 ? 4.081   0.259  -2.024 1.00 0.00 ? 3 TRP A O    5  
ATOM 613  C CB   . TRP A 1 3 ? 2.783   -0.689 -4.477 1.00 0.00 ? 3 TRP A CB   5  
ATOM 614  C CG   . TRP A 1 3 ? 2.006   0.439  -5.092 1.00 0.00 ? 3 TRP A CG   5  
ATOM 615  C CD1  . TRP A 1 3 ? 0.919   0.296  -5.884 1.00 0.00 ? 3 TRP A CD1  5  
ATOM 616  C CD2  . TRP A 1 3 ? 2.209   1.882  -4.971 1.00 0.00 ? 3 TRP A CD2  5  
ATOM 617  N NE1  . TRP A 1 3 ? 0.415   1.529  -6.225 1.00 0.00 ? 3 TRP A NE1  5  
ATOM 618  C CE2  . TRP A 1 3 ? 1.156   2.550  -5.666 1.00 0.00 ? 3 TRP A CE2  5  
ATOM 619  C CE3  . TRP A 1 3 ? 3.155   2.695  -4.310 1.00 0.00 ? 3 TRP A CE3  5  
ATOM 620  C CZ2  . TRP A 1 3 ? 1.032   3.947  -5.680 1.00 0.00 ? 3 TRP A CZ2  5  
ATOM 621  C CZ3  . TRP A 1 3 ? 3.037   4.098  -4.313 1.00 0.00 ? 3 TRP A CZ3  5  
ATOM 622  C CH2  . TRP A 1 3 ? 1.975   4.724  -4.991 1.00 0.00 ? 3 TRP A CH2  5  
ATOM 623  H H    . TRP A 1 3 ? 0.436   -0.555 -2.447 1.00 0.00 ? 3 TRP A H    5  
ATOM 624  H HA   . TRP A 1 3 ? 2.855   -2.069 -2.831 1.00 0.00 ? 3 TRP A HA   5  
ATOM 625  H HB2  . TRP A 1 3 ? 3.843   -0.434 -4.500 1.00 0.00 ? 3 TRP A HB2  5  
ATOM 626  H HB3  . TRP A 1 3 ? 2.669   -1.559 -5.124 1.00 0.00 ? 3 TRP A HB3  5  
ATOM 627  H HD1  . TRP A 1 3 ? 0.493   -0.651 -6.182 1.00 0.00 ? 3 TRP A HD1  5  
ATOM 628  H HE1  . TRP A 1 3 ? -0.407  1.645  -6.801 1.00 0.00 ? 3 TRP A HE1  5  
ATOM 629  H HE3  . TRP A 1 3 ? 3.973   2.231  -3.781 1.00 0.00 ? 3 TRP A HE3  5  
ATOM 630  H HZ2  . TRP A 1 3 ? 0.216   4.418  -6.209 1.00 0.00 ? 3 TRP A HZ2  5  
ATOM 631  H HZ3  . TRP A 1 3 ? 3.765   4.698  -3.787 1.00 0.00 ? 3 TRP A HZ3  5  
ATOM 632  H HH2  . TRP A 1 3 ? 1.889   5.801  -4.985 1.00 0.00 ? 3 TRP A HH2  5  
ATOM 633  N N    . PHE A 1 4 ? 2.053   0.317  -1.037 1.00 0.00 ? 4 PHE A N    5  
ATOM 634  C CA   . PHE A 1 4 ? 2.339   1.374  -0.066 1.00 0.00 ? 4 PHE A CA   5  
ATOM 635  C C    . PHE A 1 4 ? 1.668   1.100  1.290  1.00 0.00 ? 4 PHE A C    5  
ATOM 636  O O    . PHE A 1 4 ? 1.134   0.011  1.514  1.00 0.00 ? 4 PHE A O    5  
ATOM 637  C CB   . PHE A 1 4 ? 1.959   2.739  -0.677 1.00 0.00 ? 4 PHE A CB   5  
ATOM 638  C CG   . PHE A 1 4 ? 0.510   2.957  -1.097 1.00 0.00 ? 4 PHE A CG   5  
ATOM 639  C CD1  . PHE A 1 4 ? 0.030   2.413  -2.305 1.00 0.00 ? 4 PHE A CD1  5  
ATOM 640  C CD2  . PHE A 1 4 ? -0.334  3.793  -0.342 1.00 0.00 ? 4 PHE A CD2  5  
ATOM 641  C CE1  . PHE A 1 4 ? -1.269  2.706  -2.757 1.00 0.00 ? 4 PHE A CE1  5  
ATOM 642  C CE2  . PHE A 1 4 ? -1.628  4.099  -0.801 1.00 0.00 ? 4 PHE A CE2  5  
ATOM 643  C CZ   . PHE A 1 4 ? -2.099  3.551  -2.005 1.00 0.00 ? 4 PHE A CZ   5  
ATOM 644  H H    . PHE A 1 4 ? 1.112   -0.048 -1.034 1.00 0.00 ? 4 PHE A H    5  
ATOM 645  H HA   . PHE A 1 4 ? 3.413   1.396  0.119  1.00 0.00 ? 4 PHE A HA   5  
ATOM 646  H HB2  . PHE A 1 4 ? 2.244   3.527  0.020  1.00 0.00 ? 4 PHE A HB2  5  
ATOM 647  H HB3  . PHE A 1 4 ? 2.582   2.892  -1.559 1.00 0.00 ? 4 PHE A HB3  5  
ATOM 648  H HD1  . PHE A 1 4 ? 0.658   1.769  -2.892 1.00 0.00 ? 4 PHE A HD1  5  
ATOM 649  H HD2  . PHE A 1 4 ? 0.017   4.224  0.580  1.00 0.00 ? 4 PHE A HD2  5  
ATOM 650  H HE1  . PHE A 1 4 ? -1.623  2.292  -3.689 1.00 0.00 ? 4 PHE A HE1  5  
ATOM 651  H HE2  . PHE A 1 4 ? -2.258  4.766  -0.232 1.00 0.00 ? 4 PHE A HE2  5  
ATOM 652  H HZ   . PHE A 1 4 ? -3.093  3.786  -2.356 1.00 0.00 ? 4 PHE A HZ   5  
ATOM 653  N N    . TRP A 1 5 ? 1.739   2.086  2.203  1.00 0.00 ? 5 TRP A N    5  
ATOM 654  C CA   . TRP A 1 5 ? 1.233   2.047  3.582  1.00 0.00 ? 5 TRP A CA   5  
ATOM 655  C C    . TRP A 1 5 ? -0.266  1.722  3.710  1.00 0.00 ? 5 TRP A C    5  
ATOM 656  O O    . TRP A 1 5 ? -0.738  1.458  4.815  1.00 0.00 ? 5 TRP A O    5  
ATOM 657  C CB   . TRP A 1 5 ? 1.549   3.389  4.259  1.00 0.00 ? 5 TRP A CB   5  
ATOM 658  C CG   . TRP A 1 5 ? 0.726   4.546  3.778  1.00 0.00 ? 5 TRP A CG   5  
ATOM 659  C CD1  . TRP A 1 5 ? -0.504  4.855  4.238  1.00 0.00 ? 5 TRP A CD1  5  
ATOM 660  C CD2  . TRP A 1 5 ? 1.000   5.510  2.715  1.00 0.00 ? 5 TRP A CD2  5  
ATOM 661  N NE1  . TRP A 1 5 ? -1.022  5.919  3.531  1.00 0.00 ? 5 TRP A NE1  5  
ATOM 662  C CE2  . TRP A 1 5 ? -0.144  6.348  2.556  1.00 0.00 ? 5 TRP A CE2  5  
ATOM 663  C CE3  . TRP A 1 5 ? 2.084   5.730  1.839  1.00 0.00 ? 5 TRP A CE3  5  
ATOM 664  C CZ2  . TRP A 1 5 ? -0.214  7.343  1.568  1.00 0.00 ? 5 TRP A CZ2  5  
ATOM 665  C CZ3  . TRP A 1 5 ? 2.025   6.725  0.844  1.00 0.00 ? 5 TRP A CZ3  5  
ATOM 666  C CH2  . TRP A 1 5 ? 0.877   7.527  0.704  1.00 0.00 ? 5 TRP A CH2  5  
ATOM 667  H H    . TRP A 1 5 ? 2.200   2.943  1.932  1.00 0.00 ? 5 TRP A H    5  
ATOM 668  H HA   . TRP A 1 5 ? 1.777   1.278  4.124  1.00 0.00 ? 5 TRP A HA   5  
ATOM 669  H HB2  . TRP A 1 5 ? 1.388   3.281  5.332  1.00 0.00 ? 5 TRP A HB2  5  
ATOM 670  H HB3  . TRP A 1 5 ? 2.604   3.624  4.114  1.00 0.00 ? 5 TRP A HB3  5  
ATOM 671  H HD1  . TRP A 1 5 ? -1.014  4.300  5.011  1.00 0.00 ? 5 TRP A HD1  5  
ATOM 672  H HE1  . TRP A 1 5 ? -1.942  6.296  3.703  1.00 0.00 ? 5 TRP A HE1  5  
ATOM 673  H HE3  . TRP A 1 5 ? 2.967   5.115  1.927  1.00 0.00 ? 5 TRP A HE3  5  
ATOM 674  H HZ2  . TRP A 1 5 ? -1.099  7.955  1.467  1.00 0.00 ? 5 TRP A HZ2  5  
ATOM 675  H HZ3  . TRP A 1 5 ? 2.864   6.868  0.179  1.00 0.00 ? 5 TRP A HZ3  5  
ATOM 676  H HH2  . TRP A 1 5 ? 0.839   8.284  -0.065 1.00 0.00 ? 5 TRP A HH2  5  
ATOM 677  N N    . ARG A 1 6 ? -1.003  1.744  2.590  1.00 0.00 ? 6 ARG A N    5  
ATOM 678  C CA   . ARG A 1 6 ? -2.439  1.536  2.507  1.00 0.00 ? 6 ARG A CA   5  
ATOM 679  C C    . ARG A 1 6 ? -2.715  0.587  1.327  1.00 0.00 ? 6 ARG A C    5  
ATOM 680  O O    . ARG A 1 6 ? -3.464  0.913  0.405  1.00 0.00 ? 6 ARG A O    5  
ATOM 681  C CB   . ARG A 1 6 ? -3.102  2.917  2.427  1.00 0.00 ? 6 ARG A CB   5  
ATOM 682  C CG   . ARG A 1 6 ? -4.630  2.886  2.572  1.00 0.00 ? 6 ARG A CG   5  
ATOM 683  C CD   . ARG A 1 6 ? -5.183  4.317  2.611  1.00 0.00 ? 6 ARG A CD   5  
ATOM 684  N NE   . ARG A 1 6 ? -6.654  4.335  2.609  1.00 0.00 ? 6 ARG A NE   5  
ATOM 685  C CZ   . ARG A 1 6 ? -7.456  4.079  3.659  1.00 0.00 ? 6 ARG A CZ   5  
ATOM 686  N NH1  . ARG A 1 6 ? -6.967  3.773  4.868  1.00 0.00 ? 6 ARG A NH1  5  
ATOM 687  N NH2  . ARG A 1 6 ? -8.782  4.130  3.491  1.00 0.00 ? 6 ARG A NH2  5  
ATOM 688  H H    . ARG A 1 6 ? -0.537  1.982  1.726  1.00 0.00 ? 6 ARG A H    5  
ATOM 689  H HA   . ARG A 1 6 ? -2.786  1.052  3.422  1.00 0.00 ? 6 ARG A HA   5  
ATOM 690  H HB2  . ARG A 1 6 ? -2.696  3.525  3.235  1.00 0.00 ? 6 ARG A HB2  5  
ATOM 691  H HB3  . ARG A 1 6 ? -2.824  3.387  1.486  1.00 0.00 ? 6 ARG A HB3  5  
ATOM 692  H HG2  . ARG A 1 6 ? -5.076  2.357  1.733  1.00 0.00 ? 6 ARG A HG2  5  
ATOM 693  H HG3  . ARG A 1 6 ? -4.893  2.369  3.497  1.00 0.00 ? 6 ARG A HG3  5  
ATOM 694  H HD2  . ARG A 1 6 ? -4.807  4.832  3.498  1.00 0.00 ? 6 ARG A HD2  5  
ATOM 695  H HD3  . ARG A 1 6 ? -4.831  4.857  1.730  1.00 0.00 ? 6 ARG A HD3  5  
ATOM 696  H HE   . ARG A 1 6 ? -7.095  4.564  1.730  1.00 0.00 ? 6 ARG A HE   5  
ATOM 697  H HH11 . ARG A 1 6 ? -5.968  3.731  5.011  1.00 0.00 ? 6 ARG A HH11 5  
ATOM 698  H HH12 . ARG A 1 6 ? -7.595  3.585  5.636  1.00 0.00 ? 6 ARG A HH12 5  
ATOM 699  H HH21 . ARG A 1 6 ? -9.169  4.363  2.588  1.00 0.00 ? 6 ARG A HH21 5  
ATOM 700  H HH22 . ARG A 1 6 ? -9.398  3.941  4.269  1.00 0.00 ? 6 ARG A HH22 5  
ATOM 701  N N    . ARG A 1 1 ? -2.323  -0.179 1.151  1.00 0.00 ? 1 ARG A N    6  
ATOM 702  C CA   . ARG A 1 1 ? -2.772  -0.859 -0.071 1.00 0.00 ? 1 ARG A CA   6  
ATOM 703  C C    . ARG A 1 1 ? -1.737  -0.793 -1.205 1.00 0.00 ? 1 ARG A C    6  
ATOM 704  O O    . ARG A 1 1 ? -0.820  0.026  -1.170 1.00 0.00 ? 1 ARG A O    6  
ATOM 705  C CB   . ARG A 1 1 ? -4.150  -0.334 -0.542 1.00 0.00 ? 1 ARG A CB   6  
ATOM 706  C CG   . ARG A 1 1 ? -4.211  1.124  -1.043 1.00 0.00 ? 1 ARG A CG   6  
ATOM 707  C CD   . ARG A 1 1 ? -4.257  2.203  0.044  1.00 0.00 ? 1 ARG A CD   6  
ATOM 708  N NE   . ARG A 1 1 ? -5.457  2.097  0.887  1.00 0.00 ? 1 ARG A NE   6  
ATOM 709  C CZ   . ARG A 1 1 ? -5.854  3.016  1.785  1.00 0.00 ? 1 ARG A CZ   6  
ATOM 710  N NH1  . ARG A 1 1 ? -5.162  4.145  1.987  1.00 0.00 ? 1 ARG A NH1  6  
ATOM 711  N NH2  . ARG A 1 1 ? -6.965  2.797  2.497  1.00 0.00 ? 1 ARG A NH2  6  
ATOM 712  H H1   . ARG A 1 1 ? -1.559  0.483  1.084  1.00 0.00 ? 1 ARG A H1   6  
ATOM 713  H HA   . ARG A 1 1 ? -2.901  -1.915 0.176  1.00 0.00 ? 1 ARG A HA   6  
ATOM 714  H HB2  . ARG A 1 1 ? -4.474  -0.969 -1.367 1.00 0.00 ? 1 ARG A HB2  6  
ATOM 715  H HB3  . ARG A 1 1 ? -4.885  -0.475 0.249  1.00 0.00 ? 1 ARG A HB3  6  
ATOM 716  H HG2  . ARG A 1 1 ? -3.354  1.318  -1.687 1.00 0.00 ? 1 ARG A HG2  6  
ATOM 717  H HG3  . ARG A 1 1 ? -5.108  1.235  -1.652 1.00 0.00 ? 1 ARG A HG3  6  
ATOM 718  H HD2  . ARG A 1 1 ? -3.371  2.135  0.668  1.00 0.00 ? 1 ARG A HD2  6  
ATOM 719  H HD3  . ARG A 1 1 ? -4.255  3.178  -0.442 1.00 0.00 ? 1 ARG A HD3  6  
ATOM 720  H HE   . ARG A 1 1 ? -6.014  1.263  0.780  1.00 0.00 ? 1 ARG A HE   6  
ATOM 721  H HH11 . ARG A 1 1 ? -4.316  4.318  1.463  1.00 0.00 ? 1 ARG A HH11 6  
ATOM 722  H HH12 . ARG A 1 1 ? -5.479  4.817  2.670  1.00 0.00 ? 1 ARG A HH12 6  
ATOM 723  H HH21 . ARG A 1 1 ? -7.497  1.951  2.358  1.00 0.00 ? 1 ARG A HH21 6  
ATOM 724  H HH22 . ARG A 1 1 ? -7.272  3.481  3.174  1.00 0.00 ? 1 ARG A HH22 6  
ATOM 725  N N    . ARG A 1 2 ? -1.953  -1.646 -2.226 1.00 0.00 ? 2 ARG A N    6  
ATOM 726  C CA   . ARG A 1 2 ? -1.115  -1.905 -3.405 1.00 0.00 ? 2 ARG A CA   6  
ATOM 727  C C    . ARG A 1 2 ? 0.286   -2.401 -3.024 1.00 0.00 ? 2 ARG A C    6  
ATOM 728  O O    . ARG A 1 2 ? 0.530   -3.607 -3.036 1.00 0.00 ? 2 ARG A O    6  
ATOM 729  C CB   . ARG A 1 2 ? -1.059  -0.694 -4.366 1.00 0.00 ? 2 ARG A CB   6  
ATOM 730  C CG   . ARG A 1 2 ? -2.296  -0.497 -5.258 1.00 0.00 ? 2 ARG A CG   6  
ATOM 731  C CD   . ARG A 1 2 ? -3.587  -0.166 -4.502 1.00 0.00 ? 2 ARG A CD   6  
ATOM 732  N NE   . ARG A 1 2 ? -4.680  0.141  -5.435 1.00 0.00 ? 2 ARG A NE   6  
ATOM 733  C CZ   . ARG A 1 2 ? -5.987  0.187  -5.124 1.00 0.00 ? 2 ARG A CZ   6  
ATOM 734  N NH1  . ARG A 1 2 ? -6.425  -0.059 -3.882 1.00 0.00 ? 2 ARG A NH1  6  
ATOM 735  N NH2  . ARG A 1 2 ? -6.874  0.487  -6.079 1.00 0.00 ? 2 ARG A NH2  6  
ATOM 736  H H    . ARG A 1 2 ? -2.766  -2.239 -2.147 1.00 0.00 ? 2 ARG A H    6  
ATOM 737  H HA   . ARG A 1 2 ? -1.585  -2.720 -3.957 1.00 0.00 ? 2 ARG A HA   6  
ATOM 738  H HB2  . ARG A 1 2 ? -0.856  0.216  -3.804 1.00 0.00 ? 2 ARG A HB2  6  
ATOM 739  H HB3  . ARG A 1 2 ? -0.213  -0.841 -5.037 1.00 0.00 ? 2 ARG A HB3  6  
ATOM 740  H HG2  . ARG A 1 2 ? -2.083  0.324  -5.944 1.00 0.00 ? 2 ARG A HG2  6  
ATOM 741  H HG3  . ARG A 1 2 ? -2.453  -1.399 -5.849 1.00 0.00 ? 2 ARG A HG3  6  
ATOM 742  H HD2  . ARG A 1 2 ? -3.875  -1.019 -3.888 1.00 0.00 ? 2 ARG A HD2  6  
ATOM 743  H HD3  . ARG A 1 2 ? -3.416  0.700  -3.863 1.00 0.00 ? 2 ARG A HD3  6  
ATOM 744  H HE   . ARG A 1 2 ? -4.414  0.333  -6.391 1.00 0.00 ? 2 ARG A HE   6  
ATOM 745  H HH11 . ARG A 1 2 ? -5.766  -0.290 -3.153 1.00 0.00 ? 2 ARG A HH11 6  
ATOM 746  H HH12 . ARG A 1 2 ? -7.413  -0.022 -3.679 1.00 0.00 ? 2 ARG A HH12 6  
ATOM 747  H HH21 . ARG A 1 2 ? -6.560  0.674  -7.020 1.00 0.00 ? 2 ARG A HH21 6  
ATOM 748  H HH22 . ARG A 1 2 ? -7.860  0.524  -5.861 1.00 0.00 ? 2 ARG A HH22 6  
ATOM 749  N N    . TRP A 1 3 ? 1.187   -1.470 -2.697 1.00 0.00 ? 3 TRP A N    6  
ATOM 750  C CA   . TRP A 1 3 ? 2.577   -1.710 -2.322 1.00 0.00 ? 3 TRP A CA   6  
ATOM 751  C C    . TRP A 1 3 ? 3.079   -0.610 -1.381 1.00 0.00 ? 3 TRP A C    6  
ATOM 752  O O    . TRP A 1 3 ? 3.999   -0.846 -0.599 1.00 0.00 ? 3 TRP A O    6  
ATOM 753  C CB   . TRP A 1 3 ? 3.444   -1.769 -3.588 1.00 0.00 ? 3 TRP A CB   6  
ATOM 754  C CG   . TRP A 1 3 ? 3.374   -0.573 -4.491 1.00 0.00 ? 3 TRP A CG   6  
ATOM 755  C CD1  . TRP A 1 3 ? 2.591   -0.465 -5.587 1.00 0.00 ? 3 TRP A CD1  6  
ATOM 756  C CD2  . TRP A 1 3 ? 4.093   0.698  -4.396 1.00 0.00 ? 3 TRP A CD2  6  
ATOM 757  N NE1  . TRP A 1 3 ? 2.753   0.776  -6.162 1.00 0.00 ? 3 TRP A NE1  6  
ATOM 758  C CE2  . TRP A 1 3 ? 3.665   1.540  -5.468 1.00 0.00 ? 3 TRP A CE2  6  
ATOM 759  C CE3  . TRP A 1 3 ? 5.062   1.227  -3.513 1.00 0.00 ? 3 TRP A CE3  6  
ATOM 760  C CZ2  . TRP A 1 3 ? 4.164   2.839  -5.648 1.00 0.00 ? 3 TRP A CZ2  6  
ATOM 761  C CZ3  . TRP A 1 3 ? 5.568   2.530  -3.685 1.00 0.00 ? 3 TRP A CZ3  6  
ATOM 762  C CH2  . TRP A 1 3 ? 5.120   3.336  -4.748 1.00 0.00 ? 3 TRP A CH2  6  
ATOM 763  H H    . TRP A 1 3 ? 0.890   -0.505 -2.708 1.00 0.00 ? 3 TRP A H    6  
ATOM 764  H HA   . TRP A 1 3 ? 2.646   -2.660 -1.797 1.00 0.00 ? 3 TRP A HA   6  
ATOM 765  H HB2  . TRP A 1 3 ? 4.483   -1.904 -3.285 1.00 0.00 ? 3 TRP A HB2  6  
ATOM 766  H HB3  . TRP A 1 3 ? 3.150   -2.647 -4.161 1.00 0.00 ? 3 TRP A HB3  6  
ATOM 767  H HD1  . TRP A 1 3 ? 1.928   -1.235 -5.953 1.00 0.00 ? 3 TRP A HD1  6  
ATOM 768  H HE1  . TRP A 1 3 ? 2.257   1.060  -6.995 1.00 0.00 ? 3 TRP A HE1  6  
ATOM 769  H HE3  . TRP A 1 3 ? 5.423   0.625  -2.691 1.00 0.00 ? 3 TRP A HE3  6  
ATOM 770  H HZ2  . TRP A 1 3 ? 3.820   3.448  -6.471 1.00 0.00 ? 3 TRP A HZ2  6  
ATOM 771  H HZ3  . TRP A 1 3 ? 6.306   2.913  -2.997 1.00 0.00 ? 3 TRP A HZ3  6  
ATOM 772  H HH2  . TRP A 1 3 ? 5.516   4.333  -4.874 1.00 0.00 ? 3 TRP A HH2  6  
ATOM 773  N N    . PHE A 1 4 ? 2.448   0.571  -1.441 1.00 0.00 ? 4 PHE A N    6  
ATOM 774  C CA   . PHE A 1 4 ? 2.621   1.663  -0.497 1.00 0.00 ? 4 PHE A CA   6  
ATOM 775  C C    . PHE A 1 4 ? 1.799   1.394  0.776  1.00 0.00 ? 4 PHE A C    6  
ATOM 776  O O    . PHE A 1 4 ? 1.262   0.299  0.969  1.00 0.00 ? 4 PHE A O    6  
ATOM 777  C CB   . PHE A 1 4 ? 2.260   2.994  -1.188 1.00 0.00 ? 4 PHE A CB   6  
ATOM 778  C CG   . PHE A 1 4 ? 0.794   3.201  -1.551 1.00 0.00 ? 4 PHE A CG   6  
ATOM 779  C CD1  . PHE A 1 4 ? 0.283   2.695  -2.762 1.00 0.00 ? 4 PHE A CD1  6  
ATOM 780  C CD2  . PHE A 1 4 ? -0.047  3.951  -0.704 1.00 0.00 ? 4 PHE A CD2  6  
ATOM 781  C CE1  . PHE A 1 4 ? -1.056  2.938  -3.122 1.00 0.00 ? 4 PHE A CE1  6  
ATOM 782  C CE2  . PHE A 1 4 ? -1.387  4.184  -1.061 1.00 0.00 ? 4 PHE A CE2  6  
ATOM 783  C CZ   . PHE A 1 4 ? -1.890  3.682  -2.271 1.00 0.00 ? 4 PHE A CZ   6  
ATOM 784  H H    . PHE A 1 4 ? 1.710   0.672  -2.121 1.00 0.00 ? 4 PHE A H    6  
ATOM 785  H HA   . PHE A 1 4 ? 3.673   1.718  -0.216 1.00 0.00 ? 4 PHE A HA   6  
ATOM 786  H HB2  . PHE A 1 4 ? 2.574   3.812  -0.541 1.00 0.00 ? 4 PHE A HB2  6  
ATOM 787  H HB3  . PHE A 1 4 ? 2.853   3.079  -2.100 1.00 0.00 ? 4 PHE A HB3  6  
ATOM 788  H HD1  . PHE A 1 4 ? 0.919   2.126  -3.422 1.00 0.00 ? 4 PHE A HD1  6  
ATOM 789  H HD2  . PHE A 1 4 ? 0.330   4.361  0.222  1.00 0.00 ? 4 PHE A HD2  6  
ATOM 790  H HE1  . PHE A 1 4 ? -1.441  2.556  -4.055 1.00 0.00 ? 4 PHE A HE1  6  
ATOM 791  H HE2  . PHE A 1 4 ? -2.026  4.759  -0.405 1.00 0.00 ? 4 PHE A HE2  6  
ATOM 792  H HZ   . PHE A 1 4 ? -2.917  3.868  -2.549 1.00 0.00 ? 4 PHE A HZ   6  
ATOM 793  N N    . TRP A 1 5 ? 1.713   2.403  1.651  1.00 0.00 ? 5 TRP A N    6  
ATOM 794  C CA   . TRP A 1 5 ? 0.930   2.381  2.878  1.00 0.00 ? 5 TRP A CA   6  
ATOM 795  C C    . TRP A 1 5 ? -0.519  1.925  2.641  1.00 0.00 ? 5 TRP A C    6  
ATOM 796  O O    . TRP A 1 5 ? -1.235  2.516  1.834  1.00 0.00 ? 5 TRP A O    6  
ATOM 797  C CB   . TRP A 1 5 ? 0.980   3.773  3.516  1.00 0.00 ? 5 TRP A CB   6  
ATOM 798  C CG   . TRP A 1 5 ? -0.128  4.072  4.476  1.00 0.00 ? 5 TRP A CG   6  
ATOM 799  C CD1  . TRP A 1 5 ? -0.294  3.538  5.703  1.00 0.00 ? 5 TRP A CD1  6  
ATOM 800  C CD2  . TRP A 1 5 ? -1.300  4.903  4.248  1.00 0.00 ? 5 TRP A CD2  6  
ATOM 801  N NE1  . TRP A 1 5 ? -1.433  4.055  6.288  1.00 0.00 ? 5 TRP A NE1  6  
ATOM 802  C CE2  . TRP A 1 5 ? -2.104  4.899  5.425  1.00 0.00 ? 5 TRP A CE2  6  
ATOM 803  C CE3  . TRP A 1 5 ? -1.777  5.618  3.136  1.00 0.00 ? 5 TRP A CE3  6  
ATOM 804  C CZ2  . TRP A 1 5 ? -3.304  5.623  5.507  1.00 0.00 ? 5 TRP A CZ2  6  
ATOM 805  C CZ3  . TRP A 1 5 ? -2.980  6.347  3.201  1.00 0.00 ? 5 TRP A CZ3  6  
ATOM 806  C CH2  . TRP A 1 5 ? -3.737  6.358  4.389  1.00 0.00 ? 5 TRP A CH2  6  
ATOM 807  H H    . TRP A 1 5 ? 2.188   3.268  1.433  1.00 0.00 ? 5 TRP A H    6  
ATOM 808  H HA   . TRP A 1 5 ? 1.408   1.698  3.572  1.00 0.00 ? 5 TRP A HA   6  
ATOM 809  H HB2  . TRP A 1 5 ? 1.936   3.892  4.027  1.00 0.00 ? 5 TRP A HB2  6  
ATOM 810  H HB3  . TRP A 1 5 ? 0.936   4.524  2.726  1.00 0.00 ? 5 TRP A HB3  6  
ATOM 811  H HD1  . TRP A 1 5 ? 0.363   2.804  6.142  1.00 0.00 ? 5 TRP A HD1  6  
ATOM 812  H HE1  . TRP A 1 5 ? -1.734  3.800  7.217  1.00 0.00 ? 5 TRP A HE1  6  
ATOM 813  H HE3  . TRP A 1 5 ? -1.203  5.578  2.222  1.00 0.00 ? 5 TRP A HE3  6  
ATOM 814  H HZ2  . TRP A 1 5 ? -3.892  5.610  6.413  1.00 0.00 ? 5 TRP A HZ2  6  
ATOM 815  H HZ3  . TRP A 1 5 ? -3.327  6.894  2.335  1.00 0.00 ? 5 TRP A HZ3  6  
ATOM 816  H HH2  . TRP A 1 5 ? -4.659  6.920  4.435  1.00 0.00 ? 5 TRP A HH2  6  
ATOM 817  N N    . ARG A 1 6 ? -0.937  0.907  3.416  1.00 0.00 ? 6 ARG A N    6  
ATOM 818  C CA   . ARG A 1 6 ? -2.296  0.381  3.571  1.00 0.00 ? 6 ARG A CA   6  
ATOM 819  C C    . ARG A 1 6 ? -2.855  -0.394 2.364  1.00 0.00 ? 6 ARG A C    6  
ATOM 820  O O    . ARG A 1 6 ? -3.770  -1.196 2.555  1.00 0.00 ? 6 ARG A O    6  
ATOM 821  C CB   . ARG A 1 6 ? -3.254  1.504  4.021  1.00 0.00 ? 6 ARG A CB   6  
ATOM 822  C CG   . ARG A 1 6 ? -4.380  1.040  4.963  1.00 0.00 ? 6 ARG A CG   6  
ATOM 823  C CD   . ARG A 1 6 ? -3.998  1.153  6.446  1.00 0.00 ? 6 ARG A CD   6  
ATOM 824  N NE   . ARG A 1 6 ? -2.826  0.335  6.792  1.00 0.00 ? 6 ARG A NE   6  
ATOM 825  C CZ   . ARG A 1 6 ? -1.917  0.613  7.741  1.00 0.00 ? 6 ARG A CZ   6  
ATOM 826  N NH1  . ARG A 1 6 ? -2.034  1.680  8.544  1.00 0.00 ? 6 ARG A NH1  6  
ATOM 827  N NH2  . ARG A 1 6 ? -0.861  -0.196 7.889  1.00 0.00 ? 6 ARG A NH2  6  
ATOM 828  H H    . ARG A 1 6 ? -0.254  0.483  4.022  1.00 0.00 ? 6 ARG A H    6  
ATOM 829  H HA   . ARG A 1 6 ? -2.224  -0.341 4.382  1.00 0.00 ? 6 ARG A HA   6  
ATOM 830  H HB2  . ARG A 1 6 ? -2.697  2.292  4.522  1.00 0.00 ? 6 ARG A HB2  6  
ATOM 831  H HB3  . ARG A 1 6 ? -3.697  1.946  3.132  1.00 0.00 ? 6 ARG A HB3  6  
ATOM 832  H HG2  . ARG A 1 6 ? -5.247  1.680  4.797  1.00 0.00 ? 6 ARG A HG2  6  
ATOM 833  H HG3  . ARG A 1 6 ? -4.672  0.014  4.734  1.00 0.00 ? 6 ARG A HG3  6  
ATOM 834  H HD2  . ARG A 1 6 ? -3.797  2.201  6.671  1.00 0.00 ? 6 ARG A HD2  6  
ATOM 835  H HD3  . ARG A 1 6 ? -4.844  0.827  7.053  1.00 0.00 ? 6 ARG A HD3  6  
ATOM 836  H HE   . ARG A 1 6 ? -2.685  -0.497 6.237  1.00 0.00 ? 6 ARG A HE   6  
ATOM 837  H HH11 . ARG A 1 6 ? -2.828  2.294  8.452  1.00 0.00 ? 6 ARG A HH11 6  
ATOM 838  H HH12 . ARG A 1 6 ? -1.334  1.860  9.249  1.00 0.00 ? 6 ARG A HH12 6  
ATOM 839  H HH21 . ARG A 1 6 ? -0.758  -1.006 7.296  1.00 0.00 ? 6 ARG A HH21 6  
ATOM 840  H HH22 . ARG A 1 6 ? -0.170  0.001  8.597  1.00 0.00 ? 6 ARG A HH22 6  
ATOM 841  N N    . ARG A 1 1 ? -2.231  -0.022 1.004  1.00 0.00 ? 1 ARG A N    7  
ATOM 842  C CA   . ARG A 1 1 ? -2.560  -1.146 0.104  1.00 0.00 ? 1 ARG A CA   7  
ATOM 843  C C    . ARG A 1 1 ? -1.612  -1.202 -1.106 1.00 0.00 ? 1 ARG A C    7  
ATOM 844  O O    . ARG A 1 1 ? -1.000  -0.194 -1.450 1.00 0.00 ? 1 ARG A O    7  
ATOM 845  C CB   . ARG A 1 1 ? -4.013  -1.064 -0.428 1.00 0.00 ? 1 ARG A CB   7  
ATOM 846  C CG   . ARG A 1 1 ? -4.314  0.223  -1.217 1.00 0.00 ? 1 ARG A CG   7  
ATOM 847  C CD   . ARG A 1 1 ? -5.794  0.339  -1.594 1.00 0.00 ? 1 ARG A CD   7  
ATOM 848  N NE   . ARG A 1 1 ? -6.206  -0.688 -2.570 1.00 0.00 ? 1 ARG A NE   7  
ATOM 849  C CZ   . ARG A 1 1 ? -6.893  -1.815 -2.307 1.00 0.00 ? 1 ARG A CZ   7  
ATOM 850  N NH1  . ARG A 1 1 ? -7.300  -2.127 -1.070 1.00 0.00 ? 1 ARG A NH1  7  
ATOM 851  N NH2  . ARG A 1 1 ? -7.177  -2.656 -3.308 1.00 0.00 ? 1 ARG A NH2  7  
ATOM 852  H H1   . ARG A 1 1 ? -1.366  0.465  0.828  1.00 0.00 ? 1 ARG A H1   7  
ATOM 853  H HA   . ARG A 1 1 ? -2.454  -2.073 0.667  1.00 0.00 ? 1 ARG A HA   7  
ATOM 854  H HB2  . ARG A 1 1 ? -4.192  -1.923 -1.075 1.00 0.00 ? 1 ARG A HB2  7  
ATOM 855  H HB3  . ARG A 1 1 ? -4.720  -1.157 0.394  1.00 0.00 ? 1 ARG A HB3  7  
ATOM 856  H HG2  . ARG A 1 1 ? -4.060  1.091  -0.610 1.00 0.00 ? 1 ARG A HG2  7  
ATOM 857  H HG3  . ARG A 1 1 ? -3.713  0.252  -2.127 1.00 0.00 ? 1 ARG A HG3  7  
ATOM 858  H HD2  . ARG A 1 1 ? -6.397  0.283  -0.688 1.00 0.00 ? 1 ARG A HD2  7  
ATOM 859  H HD3  . ARG A 1 1 ? -5.950  1.321  -2.040 1.00 0.00 ? 1 ARG A HD3  7  
ATOM 860  H HE   . ARG A 1 1 ? -5.934  -0.521 -3.529 1.00 0.00 ? 1 ARG A HE   7  
ATOM 861  H HH11 . ARG A 1 1 ? -7.094  -1.508 -0.298 1.00 0.00 ? 1 ARG A HH11 7  
ATOM 862  H HH12 . ARG A 1 1 ? -7.816  -2.980 -0.907 1.00 0.00 ? 1 ARG A HH12 7  
ATOM 863  H HH21 . ARG A 1 1 ? -6.876  -2.445 -4.247 1.00 0.00 ? 1 ARG A HH21 7  
ATOM 864  H HH22 . ARG A 1 1 ? -7.694  -3.503 -3.123 1.00 0.00 ? 1 ARG A HH22 7  
ATOM 865  N N    . ARG A 1 2 ? -1.612  -2.360 -1.796 1.00 0.00 ? 2 ARG A N    7  
ATOM 866  C CA   . ARG A 1 2 ? -1.002  -2.680 -3.099 1.00 0.00 ? 2 ARG A CA   7  
ATOM 867  C C    . ARG A 1 2 ? 0.528   -2.537 -3.192 1.00 0.00 ? 2 ARG A C    7  
ATOM 868  O O    . ARG A 1 2 ? 1.205   -3.523 -3.474 1.00 0.00 ? 2 ARG A O    7  
ATOM 869  C CB   . ARG A 1 2 ? -1.690  -1.893 -4.234 1.00 0.00 ? 2 ARG A CB   7  
ATOM 870  C CG   . ARG A 1 2 ? -3.172  -2.250 -4.432 1.00 0.00 ? 2 ARG A CG   7  
ATOM 871  C CD   . ARG A 1 2 ? -3.741  -1.481 -5.631 1.00 0.00 ? 2 ARG A CD   7  
ATOM 872  N NE   . ARG A 1 2 ? -5.143  -1.839 -5.908 1.00 0.00 ? 2 ARG A NE   7  
ATOM 873  C CZ   . ARG A 1 2 ? -5.560  -2.883 -6.647 1.00 0.00 ? 2 ARG A CZ   7  
ATOM 874  N NH1  . ARG A 1 2 ? -4.700  -3.750 -7.198 1.00 0.00 ? 2 ARG A NH1  7  
ATOM 875  N NH2  . ARG A 1 2 ? -6.871  -3.062 -6.842 1.00 0.00 ? 2 ARG A NH2  7  
ATOM 876  H H    . ARG A 1 2 ? -2.164  -3.109 -1.399 1.00 0.00 ? 2 ARG A H    7  
ATOM 877  H HA   . ARG A 1 2 ? -1.211  -3.735 -3.290 1.00 0.00 ? 2 ARG A HA   7  
ATOM 878  H HB2  . ARG A 1 2 ? -1.596  -0.821 -4.046 1.00 0.00 ? 2 ARG A HB2  7  
ATOM 879  H HB3  . ARG A 1 2 ? -1.165  -2.119 -5.162 1.00 0.00 ? 2 ARG A HB3  7  
ATOM 880  H HG2  . ARG A 1 2 ? -3.264  -3.322 -4.614 1.00 0.00 ? 2 ARG A HG2  7  
ATOM 881  H HG3  . ARG A 1 2 ? -3.743  -1.992 -3.540 1.00 0.00 ? 2 ARG A HG3  7  
ATOM 882  H HD2  . ARG A 1 2 ? -3.691  -0.413 -5.421 1.00 0.00 ? 2 ARG A HD2  7  
ATOM 883  H HD3  . ARG A 1 2 ? -3.134  -1.683 -6.513 1.00 0.00 ? 2 ARG A HD3  7  
ATOM 884  H HE   . ARG A 1 2 ? -5.844  -1.218 -5.533 1.00 0.00 ? 2 ARG A HE   7  
ATOM 885  H HH11 . ARG A 1 2 ? -3.707  -3.629 -7.068 1.00 0.00 ? 2 ARG A HH11 7  
ATOM 886  H HH12 . ARG A 1 2 ? -5.045  -4.520 -7.754 1.00 0.00 ? 2 ARG A HH12 7  
ATOM 887  H HH21 . ARG A 1 2 ? -7.537  -2.412 -6.451 1.00 0.00 ? 2 ARG A HH21 7  
ATOM 888  H HH22 . ARG A 1 2 ? -7.196  -3.839 -7.400 1.00 0.00 ? 2 ARG A HH22 7  
ATOM 889  N N    . TRP A 1 3 ? 1.062   -1.326 -2.991 1.00 0.00 ? 3 TRP A N    7  
ATOM 890  C CA   . TRP A 1 3 ? 2.465   -0.956 -3.189 1.00 0.00 ? 3 TRP A CA   7  
ATOM 891  C C    . TRP A 1 3 ? 2.918   0.132  -2.194 1.00 0.00 ? 3 TRP A C    7  
ATOM 892  O O    . TRP A 1 3 ? 4.060   0.586  -2.272 1.00 0.00 ? 3 TRP A O    7  
ATOM 893  C CB   . TRP A 1 3 ? 2.666   -0.523 -4.656 1.00 0.00 ? 3 TRP A CB   7  
ATOM 894  C CG   . TRP A 1 3 ? 1.668   0.457  -5.208 1.00 0.00 ? 3 TRP A CG   7  
ATOM 895  C CD1  . TRP A 1 3 ? 0.608   0.129  -5.979 1.00 0.00 ? 3 TRP A CD1  7  
ATOM 896  C CD2  . TRP A 1 3 ? 1.593   1.910  -5.043 1.00 0.00 ? 3 TRP A CD2  7  
ATOM 897  N NE1  . TRP A 1 3 ? -0.136  1.251  -6.267 1.00 0.00 ? 3 TRP A NE1  7  
ATOM 898  C CE2  . TRP A 1 3 ? 0.416   2.380  -5.703 1.00 0.00 ? 3 TRP A CE2  7  
ATOM 899  C CE3  . TRP A 1 3 ? 2.389   2.880  -4.396 1.00 0.00 ? 3 TRP A CE3  7  
ATOM 900  C CZ2  . TRP A 1 3 ? 0.035   3.731  -5.694 1.00 0.00 ? 3 TRP A CZ2  7  
ATOM 901  C CZ3  . TRP A 1 3 ? 2.017   4.238  -4.381 1.00 0.00 ? 3 TRP A CZ3  7  
ATOM 902  C CH2  . TRP A 1 3 ? 0.841   4.664  -5.022 1.00 0.00 ? 3 TRP A CH2  7  
ATOM 903  H H    . TRP A 1 3 ? 0.437   -0.568 -2.763 1.00 0.00 ? 3 TRP A H    7  
ATOM 904  H HA   . TRP A 1 3 ? 3.086   -1.834 -3.005 1.00 0.00 ? 3 TRP A HA   7  
ATOM 905  H HB2  . TRP A 1 3 ? 3.667   -0.109 -4.778 1.00 0.00 ? 3 TRP A HB2  7  
ATOM 906  H HB3  . TRP A 1 3 ? 2.624   -1.421 -5.274 1.00 0.00 ? 3 TRP A HB3  7  
ATOM 907  H HD1  . TRP A 1 3 ? 0.365   -0.871 -6.303 1.00 0.00 ? 3 TRP A HD1  7  
ATOM 908  H HE1  . TRP A 1 3 ? -0.975  1.222  -6.828 1.00 0.00 ? 3 TRP A HE1  7  
ATOM 909  H HE3  . TRP A 1 3 ? 3.295   2.578  -3.894 1.00 0.00 ? 3 TRP A HE3  7  
ATOM 910  H HZ2  . TRP A 1 3 ? -0.865  4.048  -6.200 1.00 0.00 ? 3 TRP A HZ2  7  
ATOM 911  H HZ3  . TRP A 1 3 ? 2.639   4.957  -3.870 1.00 0.00 ? 3 TRP A HZ3  7  
ATOM 912  H HH2  . TRP A 1 3 ? 0.561   5.706  -5.004 1.00 0.00 ? 3 TRP A HH2  7  
ATOM 913  N N    . PHE A 1 4 ? 2.046   0.527  -1.253 1.00 0.00 ? 4 PHE A N    7  
ATOM 914  C CA   . PHE A 1 4 ? 2.315   1.489  -0.187 1.00 0.00 ? 4 PHE A CA   7  
ATOM 915  C C    . PHE A 1 4 ? 1.569   1.090  1.099  1.00 0.00 ? 4 PHE A C    7  
ATOM 916  O O    . PHE A 1 4 ? 0.901   0.054  1.131  1.00 0.00 ? 4 PHE A O    7  
ATOM 917  C CB   . PHE A 1 4 ? 1.999   2.920  -0.657 1.00 0.00 ? 4 PHE A CB   7  
ATOM 918  C CG   . PHE A 1 4 ? 0.541   3.275  -0.911 1.00 0.00 ? 4 PHE A CG   7  
ATOM 919  C CD1  . PHE A 1 4 ? -0.169  2.703  -1.987 1.00 0.00 ? 4 PHE A CD1  7  
ATOM 920  C CD2  . PHE A 1 4 ? -0.090  4.249  -0.113 1.00 0.00 ? 4 PHE A CD2  7  
ATOM 921  C CE1  . PHE A 1 4 ? -1.492  3.089  -2.252 1.00 0.00 ? 4 PHE A CE1  7  
ATOM 922  C CE2  . PHE A 1 4 ? -1.406  4.655  -0.392 1.00 0.00 ? 4 PHE A CE2  7  
ATOM 923  C CZ   . PHE A 1 4 ? -2.112  4.070  -1.458 1.00 0.00 ? 4 PHE A CZ   7  
ATOM 924  H H    . PHE A 1 4 ? 1.127   0.108  -1.250 1.00 0.00 ? 4 PHE A H    7  
ATOM 925  H HA   . PHE A 1 4 ? 3.381   1.454  0.042  1.00 0.00 ? 4 PHE A HA   7  
ATOM 926  H HB2  . PHE A 1 4 ? 2.399   3.611  0.085  1.00 0.00 ? 4 PHE A HB2  7  
ATOM 927  H HB3  . PHE A 1 4 ? 2.557   3.109  -1.573 1.00 0.00 ? 4 PHE A HB3  7  
ATOM 928  H HD1  . PHE A 1 4 ? 0.299   1.967  -2.621 1.00 0.00 ? 4 PHE A HD1  7  
ATOM 929  H HD2  . PHE A 1 4 ? 0.442   4.706  0.707  1.00 0.00 ? 4 PHE A HD2  7  
ATOM 930  H HE1  . PHE A 1 4 ? -2.028  2.641  -3.075 1.00 0.00 ? 4 PHE A HE1  7  
ATOM 931  H HE2  . PHE A 1 4 ? -1.874  5.411  0.220  1.00 0.00 ? 4 PHE A HE2  7  
ATOM 932  H HZ   . PHE A 1 4 ? -3.127  4.374  -1.669 1.00 0.00 ? 4 PHE A HZ   7  
ATOM 933  N N    . TRP A 1 5 ? 1.725   1.891  2.168  1.00 0.00 ? 5 TRP A N    7  
ATOM 934  C CA   . TRP A 1 5 ? 1.285   1.557  3.526  1.00 0.00 ? 5 TRP A CA   7  
ATOM 935  C C    . TRP A 1 5 ? -0.213  1.198  3.621  1.00 0.00 ? 5 TRP A C    7  
ATOM 936  O O    . TRP A 1 5 ? -0.580  0.287  4.363  1.00 0.00 ? 5 TRP A O    7  
ATOM 937  C CB   . TRP A 1 5 ? 1.693   2.683  4.499  1.00 0.00 ? 5 TRP A CB   7  
ATOM 938  C CG   . TRP A 1 5 ? 0.805   3.894  4.552  1.00 0.00 ? 5 TRP A CG   7  
ATOM 939  C CD1  . TRP A 1 5 ? -0.293  3.993  5.330  1.00 0.00 ? 5 TRP A CD1  7  
ATOM 940  C CD2  . TRP A 1 5 ? 0.897   5.180  3.857  1.00 0.00 ? 5 TRP A CD2  7  
ATOM 941  N NE1  . TRP A 1 5 ? -0.953  5.175  5.081  1.00 0.00 ? 5 TRP A NE1  7  
ATOM 942  C CE2  . TRP A 1 5 ? -0.272  5.944  4.162  1.00 0.00 ? 5 TRP A CE2  7  
ATOM 943  C CE3  . TRP A 1 5 ? 1.858   5.805  3.033  1.00 0.00 ? 5 TRP A CE3  7  
ATOM 944  C CZ2  . TRP A 1 5 ? -0.518  7.208  3.602  1.00 0.00 ? 5 TRP A CZ2  7  
ATOM 945  C CZ3  . TRP A 1 5 ? 1.621   7.068  2.456  1.00 0.00 ? 5 TRP A CZ3  7  
ATOM 946  C CH2  . TRP A 1 5 ? 0.428   7.761  2.725  1.00 0.00 ? 5 TRP A CH2  7  
ATOM 947  H H    . TRP A 1 5 ? 2.274   2.733  2.063  1.00 0.00 ? 5 TRP A H    7  
ATOM 948  H HA   . TRP A 1 5 ? 1.851   0.673  3.822  1.00 0.00 ? 5 TRP A HA   7  
ATOM 949  H HB2  . TRP A 1 5 ? 1.720   2.254  5.501  1.00 0.00 ? 5 TRP A HB2  7  
ATOM 950  H HB3  . TRP A 1 5 ? 2.710   3.003  4.267  1.00 0.00 ? 5 TRP A HB3  7  
ATOM 951  H HD1  . TRP A 1 5 ? -0.613  3.234  6.021  1.00 0.00 ? 5 TRP A HD1  7  
ATOM 952  H HE1  . TRP A 1 5 ? -1.813  5.431  5.544  1.00 0.00 ? 5 TRP A HE1  7  
ATOM 953  H HE3  . TRP A 1 5 ? 2.807   5.327  2.868  1.00 0.00 ? 5 TRP A HE3  7  
ATOM 954  H HZ2  . TRP A 1 5 ? -1.415  7.753  3.855  1.00 0.00 ? 5 TRP A HZ2  7  
ATOM 955  H HZ3  . TRP A 1 5 ? 2.367   7.512  1.814  1.00 0.00 ? 5 TRP A HZ3  7  
ATOM 956  H HH2  . TRP A 1 5 ? 0.257   8.733  2.285  1.00 0.00 ? 5 TRP A HH2  7  
ATOM 957  N N    . ARG A 1 6 ? -1.058  1.889  2.843  1.00 0.00 ? 6 ARG A N    7  
ATOM 958  C CA   . ARG A 1 6 ? -2.507  1.701  2.753  1.00 0.00 ? 6 ARG A CA   7  
ATOM 959  C C    . ARG A 1 6 ? -2.954  0.413  2.049  1.00 0.00 ? 6 ARG A C    7  
ATOM 960  O O    . ARG A 1 6 ? -3.953  -0.165 2.475  1.00 0.00 ? 6 ARG A O    7  
ATOM 961  C CB   . ARG A 1 6 ? -3.039  2.950  2.036  1.00 0.00 ? 6 ARG A CB   7  
ATOM 962  C CG   . ARG A 1 6 ? -4.529  3.250  2.227  1.00 0.00 ? 6 ARG A CG   7  
ATOM 963  C CD   . ARG A 1 6 ? -4.921  3.581  3.676  1.00 0.00 ? 6 ARG A CD   7  
ATOM 964  N NE   . ARG A 1 6 ? -5.235  2.376  4.467  1.00 0.00 ? 6 ARG A NE   7  
ATOM 965  C CZ   . ARG A 1 6 ? -6.352  1.633  4.372  1.00 0.00 ? 6 ARG A CZ   7  
ATOM 966  N NH1  . ARG A 1 6 ? -7.358  1.965  3.552  1.00 0.00 ? 6 ARG A NH1  7  
ATOM 967  N NH2  . ARG A 1 6 ? -6.462  0.526  5.114  1.00 0.00 ? 6 ARG A NH2  7  
ATOM 968  H H    . ARG A 1 6 ? -0.686  2.697  2.361  1.00 0.00 ? 6 ARG A H    7  
ATOM 969  H HA   . ARG A 1 6 ? -2.937  1.651  3.745  1.00 0.00 ? 6 ARG A HA   7  
ATOM 970  H HB2  . ARG A 1 6 ? -2.480  3.827  2.379  1.00 0.00 ? 6 ARG A HB2  7  
ATOM 971  H HB3  . ARG A 1 6 ? -2.839  2.837  0.971  1.00 0.00 ? 6 ARG A HB3  7  
ATOM 972  H HG2  . ARG A 1 6 ? -4.756  4.125  1.620  1.00 0.00 ? 6 ARG A HG2  7  
ATOM 973  H HG3  . ARG A 1 6 ? -5.120  2.413  1.855  1.00 0.00 ? 6 ARG A HG3  7  
ATOM 974  H HD2  . ARG A 1 6 ? -4.105  4.128  4.154  1.00 0.00 ? 6 ARG A HD2  7  
ATOM 975  H HD3  . ARG A 1 6 ? -5.793  4.236  3.664  1.00 0.00 ? 6 ARG A HD3  7  
ATOM 976  H HE   . ARG A 1 6 ? -4.521  2.070  5.112  1.00 0.00 ? 6 ARG A HE   7  
ATOM 977  H HH11 . ARG A 1 6 ? -7.292  2.798  2.985  1.00 0.00 ? 6 ARG A HH11 7  
ATOM 978  H HH12 . ARG A 1 6 ? -8.184  1.385  3.505  1.00 0.00 ? 6 ARG A HH12 7  
ATOM 979  H HH21 . ARG A 1 6 ? -5.712  0.256  5.734  1.00 0.00 ? 6 ARG A HH21 7  
ATOM 980  H HH22 . ARG A 1 6 ? -7.293  -0.044 5.053  1.00 0.00 ? 6 ARG A HH22 7  
ATOM 981  N N    . ARG A 1 1 ? -2.326  0.023  0.897  1.00 0.00 ? 1 ARG A N    8  
ATOM 982  C CA   . ARG A 1 1 ? -2.643  -1.098 0.009  1.00 0.00 ? 1 ARG A CA   8  
ATOM 983  C C    . ARG A 1 1 ? -1.701  -1.134 -1.204 1.00 0.00 ? 1 ARG A C    8  
ATOM 984  O O    . ARG A 1 1 ? -0.999  -0.163 -1.470 1.00 0.00 ? 1 ARG A O    8  
ATOM 985  C CB   . ARG A 1 1 ? -4.119  -1.013 -0.436 1.00 0.00 ? 1 ARG A CB   8  
ATOM 986  C CG   . ARG A 1 1 ? -4.469  0.261  -1.229 1.00 0.00 ? 1 ARG A CG   8  
ATOM 987  C CD   . ARG A 1 1 ? -5.979  0.397  -1.457 1.00 0.00 ? 1 ARG A CD   8  
ATOM 988  N NE   . ARG A 1 1 ? -6.536  -0.734 -2.220 1.00 0.00 ? 1 ARG A NE   8  
ATOM 989  C CZ   . ARG A 1 1 ? -7.835  -0.913 -2.516 1.00 0.00 ? 1 ARG A CZ   8  
ATOM 990  N NH1  . ARG A 1 1 ? -8.767  -0.016 -2.168 1.00 0.00 ? 1 ARG A NH1  8  
ATOM 991  N NH2  . ARG A 1 1 ? -8.213  -2.017 -3.172 1.00 0.00 ? 1 ARG A NH2  8  
ATOM 992  H H1   . ARG A 1 1 ? -1.791  0.776  0.494  1.00 0.00 ? 1 ARG A H1   8  
ATOM 993  H HA   . ARG A 1 1 ? -2.509  -2.028 0.566  1.00 0.00 ? 1 ARG A HA   8  
ATOM 994  H HB2  . ARG A 1 1 ? -4.351  -1.888 -1.045 1.00 0.00 ? 1 ARG A HB2  8  
ATOM 995  H HB3  . ARG A 1 1 ? -4.757  -1.059 0.446  1.00 0.00 ? 1 ARG A HB3  8  
ATOM 996  H HG2  . ARG A 1 1 ? -4.141  1.141  -0.675 1.00 0.00 ? 1 ARG A HG2  8  
ATOM 997  H HG3  . ARG A 1 1 ? -3.955  0.253  -2.190 1.00 0.00 ? 1 ARG A HG3  8  
ATOM 998  H HD2  . ARG A 1 1 ? -6.474  0.458  -0.486 1.00 0.00 ? 1 ARG A HD2  8  
ATOM 999  H HD3  . ARG A 1 1 ? -6.165  1.324  -1.999 1.00 0.00 ? 1 ARG A HD3  8  
ATOM 1000 H HE   . ARG A 1 1 ? -5.882  -1.447 -2.511 1.00 0.00 ? 1 ARG A HE   8  
ATOM 1001 H HH11 . ARG A 1 1 ? -8.499  0.822  -1.671 1.00 0.00 ? 1 ARG A HH11 8  
ATOM 1002 H HH12 . ARG A 1 1 ? -9.736  -0.177 -2.399 1.00 0.00 ? 1 ARG A HH12 8  
ATOM 1003 H HH21 . ARG A 1 1 ? -7.527  -2.710 -3.434 1.00 0.00 ? 1 ARG A HH21 8  
ATOM 1004 H HH22 . ARG A 1 1 ? -9.187  -2.164 -3.393 1.00 0.00 ? 1 ARG A HH22 8  
ATOM 1005 N N    . ARG A 1 2 ? -1.749  -2.247 -1.959 1.00 0.00 ? 2 ARG A N    8  
ATOM 1006 C CA   . ARG A 1 2 ? -0.996  -2.560 -3.183 1.00 0.00 ? 2 ARG A CA   8  
ATOM 1007 C C    . ARG A 1 2 ? 0.526   -2.546 -3.004 1.00 0.00 ? 2 ARG A C    8  
ATOM 1008 O O    . ARG A 1 2 ? 1.135   -3.607 -2.887 1.00 0.00 ? 2 ARG A O    8  
ATOM 1009 C CB   . ARG A 1 2 ? -1.413  -1.663 -4.370 1.00 0.00 ? 2 ARG A CB   8  
ATOM 1010 C CG   . ARG A 1 2 ? -2.687  -2.123 -5.107 1.00 0.00 ? 2 ARG A CG   8  
ATOM 1011 C CD   . ARG A 1 2 ? -3.971  -2.141 -4.265 1.00 0.00 ? 2 ARG A CD   8  
ATOM 1012 N NE   . ARG A 1 2 ? -5.096  -2.728 -5.011 1.00 0.00 ? 2 ARG A NE   8  
ATOM 1013 C CZ   . ARG A 1 2 ? -5.991  -2.065 -5.765 1.00 0.00 ? 2 ARG A CZ   8  
ATOM 1014 N NH1  . ARG A 1 2 ? -5.946  -0.735 -5.916 1.00 0.00 ? 2 ARG A NH1  8  
ATOM 1015 N NH2  . ARG A 1 2 ? -6.956  -2.756 -6.384 1.00 0.00 ? 2 ARG A NH2  8  
ATOM 1016 H H    . ARG A 1 2 ? -2.377  -2.974 -1.647 1.00 0.00 ? 2 ARG A H    8  
ATOM 1017 H HA   . ARG A 1 2 ? -1.254  -3.584 -3.458 1.00 0.00 ? 2 ARG A HA   8  
ATOM 1018 H HB2  . ARG A 1 2 ? -1.483  -0.616 -4.058 1.00 0.00 ? 2 ARG A HB2  8  
ATOM 1019 H HB3  . ARG A 1 2 ? -0.602  -1.702 -5.100 1.00 0.00 ? 2 ARG A HB3  8  
ATOM 1020 H HG2  . ARG A 1 2 ? -2.845  -1.463 -5.962 1.00 0.00 ? 2 ARG A HG2  8  
ATOM 1021 H HG3  . ARG A 1 2 ? -2.513  -3.128 -5.491 1.00 0.00 ? 2 ARG A HG3  8  
ATOM 1022 H HD2  . ARG A 1 2 ? -3.818  -2.754 -3.380 1.00 0.00 ? 2 ARG A HD2  8  
ATOM 1023 H HD3  . ARG A 1 2 ? -4.213  -1.127 -3.952 1.00 0.00 ? 2 ARG A HD3  8  
ATOM 1024 H HE   . ARG A 1 2 ? -5.190  -3.732 -4.952 1.00 0.00 ? 2 ARG A HE   8  
ATOM 1025 H HH11 . ARG A 1 2 ? -5.217  -0.201 -5.462 1.00 0.00 ? 2 ARG A HH11 8  
ATOM 1026 H HH12 . ARG A 1 2 ? -6.630  -0.269 -6.494 1.00 0.00 ? 2 ARG A HH12 8  
ATOM 1027 H HH21 . ARG A 1 2 ? -6.999  -3.761 -6.288 1.00 0.00 ? 2 ARG A HH21 8  
ATOM 1028 H HH22 . ARG A 1 2 ? -7.632  -2.276 -6.959 1.00 0.00 ? 2 ARG A HH22 8  
ATOM 1029 N N    . TRP A 1 3 ? 1.124   -1.349 -3.022 1.00 0.00 ? 3 TRP A N    8  
ATOM 1030 C CA   . TRP A 1 3 ? 2.562   -1.105 -3.084 1.00 0.00 ? 3 TRP A CA   8  
ATOM 1031 C C    . TRP A 1 3 ? 2.984   -0.023 -2.075 1.00 0.00 ? 3 TRP A C    8  
ATOM 1032 O O    . TRP A 1 3 ? 4.155   0.353  -2.037 1.00 0.00 ? 3 TRP A O    8  
ATOM 1033 C CB   . TRP A 1 3 ? 2.931   -0.740 -4.536 1.00 0.00 ? 3 TRP A CB   8  
ATOM 1034 C CG   . TRP A 1 3 ? 2.282   0.496  -5.097 1.00 0.00 ? 3 TRP A CG   8  
ATOM 1035 C CD1  . TRP A 1 3 ? 1.151   0.537  -5.838 1.00 0.00 ? 3 TRP A CD1  8  
ATOM 1036 C CD2  . TRP A 1 3 ? 2.707   1.887  -4.975 1.00 0.00 ? 3 TRP A CD2  8  
ATOM 1037 N NE1  . TRP A 1 3 ? 0.807   1.843  -6.110 1.00 0.00 ? 3 TRP A NE1  8  
ATOM 1038 C CE2  . TRP A 1 3 ? 1.724   2.725  -5.581 1.00 0.00 ? 3 TRP A CE2  8  
ATOM 1039 C CE3  . TRP A 1 3 ? 3.834   2.522  -4.411 1.00 0.00 ? 3 TRP A CE3  8  
ATOM 1040 C CZ2  . TRP A 1 3 ? 1.817   4.124  -5.567 1.00 0.00 ? 3 TRP A CZ2  8  
ATOM 1041 C CZ3  . TRP A 1 3 ? 3.940   3.927  -4.393 1.00 0.00 ? 3 TRP A CZ3  8  
ATOM 1042 C CH2  . TRP A 1 3 ? 2.929   4.728  -4.957 1.00 0.00 ? 3 TRP A CH2  8  
ATOM 1043 H H    . TRP A 1 3 ? 0.536   -0.531 -3.097 1.00 0.00 ? 3 TRP A H    8  
ATOM 1044 H HA   . TRP A 1 3 ? 3.089   -2.021 -2.818 1.00 0.00 ? 3 TRP A HA   8  
ATOM 1045 H HB2  . TRP A 1 3 ? 4.014   -0.612 -4.597 1.00 0.00 ? 3 TRP A HB2  8  
ATOM 1046 H HB3  . TRP A 1 3 ? 2.674   -1.584 -5.178 1.00 0.00 ? 3 TRP A HB3  8  
ATOM 1047 H HD1  . TRP A 1 3 ? 0.585   -0.321 -6.156 1.00 0.00 ? 3 TRP A HD1  8  
ATOM 1048 H HE1  . TRP A 1 3 ? -0.020  2.094  -6.634 1.00 0.00 ? 3 TRP A HE1  8  
ATOM 1049 H HE3  . TRP A 1 3 ? 4.626   1.911  -3.999 1.00 0.00 ? 3 TRP A HE3  8  
ATOM 1050 H HZ2  . TRP A 1 3 ? 1.047   4.730  -6.023 1.00 0.00 ? 3 TRP A HZ2  8  
ATOM 1051 H HZ3  . TRP A 1 3 ? 4.804   4.392  -3.944 1.00 0.00 ? 3 TRP A HZ3  8  
ATOM 1052 H HH2  . TRP A 1 3 ? 3.016   5.803  -4.937 1.00 0.00 ? 3 TRP A HH2  8  
ATOM 1053 N N    . PHE A 1 4 ? 2.042   0.453  -1.242 1.00 0.00 ? 4 PHE A N    8  
ATOM 1054 C CA   . PHE A 1 4 ? 2.228   1.511  -0.260 1.00 0.00 ? 4 PHE A CA   8  
ATOM 1055 C C    . PHE A 1 4 ? 1.518   1.161  1.062  1.00 0.00 ? 4 PHE A C    8  
ATOM 1056 O O    . PHE A 1 4 ? 0.855   0.128  1.164  1.00 0.00 ? 4 PHE A O    8  
ATOM 1057 C CB   . PHE A 1 4 ? 1.784   2.854  -0.871 1.00 0.00 ? 4 PHE A CB   8  
ATOM 1058 C CG   . PHE A 1 4 ? 0.320   2.994  -1.265 1.00 0.00 ? 4 PHE A CG   8  
ATOM 1059 C CD1  . PHE A 1 4 ? -0.128  2.503  -2.507 1.00 0.00 ? 4 PHE A CD1  8  
ATOM 1060 C CD2  . PHE A 1 4 ? -0.582  3.683  -0.433 1.00 0.00 ? 4 PHE A CD2  8  
ATOM 1061 C CE1  . PHE A 1 4 ? -1.464  2.683  -2.906 1.00 0.00 ? 4 PHE A CE1  8  
ATOM 1062 C CE2  . PHE A 1 4 ? -1.910  3.891  -0.844 1.00 0.00 ? 4 PHE A CE2  8  
ATOM 1063 C CZ   . PHE A 1 4 ? -2.356  3.381  -2.075 1.00 0.00 ? 4 PHE A CZ   8  
ATOM 1064 H H    . PHE A 1 4 ? 1.109   0.075  -1.314 1.00 0.00 ? 4 PHE A H    8  
ATOM 1065 H HA   . PHE A 1 4 ? 3.293   1.593  -0.041 1.00 0.00 ? 4 PHE A HA   8  
ATOM 1066 H HB2  . PHE A 1 4 ? 2.033   3.647  -0.171 1.00 0.00 ? 4 PHE A HB2  8  
ATOM 1067 H HB3  . PHE A 1 4 ? 2.388   3.036  -1.759 1.00 0.00 ? 4 PHE A HB3  8  
ATOM 1068 H HD1  . PHE A 1 4 ? 0.552   1.974  -3.154 1.00 0.00 ? 4 PHE A HD1  8  
ATOM 1069 H HD2  . PHE A 1 4 ? -0.254  4.072  0.518  1.00 0.00 ? 4 PHE A HD2  8  
ATOM 1070 H HE1  . PHE A 1 4 ? -1.800  2.293  -3.855 1.00 0.00 ? 4 PHE A HE1  8  
ATOM 1071 H HE2  . PHE A 1 4 ? -2.588  4.446  -0.212 1.00 0.00 ? 4 PHE A HE2  8  
ATOM 1072 H HZ   . PHE A 1 4 ? -3.380  3.531  -2.384 1.00 0.00 ? 4 PHE A HZ   8  
ATOM 1073 N N    . TRP A 1 5 ? 1.708   2.020  2.077  1.00 0.00 ? 5 TRP A N    8  
ATOM 1074 C CA   . TRP A 1 5 ? 1.333   1.825  3.482  1.00 0.00 ? 5 TRP A CA   8  
ATOM 1075 C C    . TRP A 1 5 ? -0.105  1.315  3.702  1.00 0.00 ? 5 TRP A C    8  
ATOM 1076 O O    . TRP A 1 5 ? -0.319  0.447  4.548  1.00 0.00 ? 5 TRP A O    8  
ATOM 1077 C CB   . TRP A 1 5 ? 1.638   3.129  4.232  1.00 0.00 ? 5 TRP A CB   8  
ATOM 1078 C CG   . TRP A 1 5 ? 0.796   4.294  3.825  1.00 0.00 ? 5 TRP A CG   8  
ATOM 1079 C CD1  . TRP A 1 5 ? -0.368  4.605  4.418  1.00 0.00 ? 5 TRP A CD1  8  
ATOM 1080 C CD2  . TRP A 1 5 ? 0.952   5.243  2.727  1.00 0.00 ? 5 TRP A CD2  8  
ATOM 1081 N NE1  . TRP A 1 5 ? -0.983  5.638  3.748  1.00 0.00 ? 5 TRP A NE1  8  
ATOM 1082 C CE2  . TRP A 1 5 ? -0.227  6.048  2.668  1.00 0.00 ? 5 TRP A CE2  8  
ATOM 1083 C CE3  . TRP A 1 5 ? 1.946   5.487  1.752  1.00 0.00 ? 5 TRP A CE3  8  
ATOM 1084 C CZ2  . TRP A 1 5 ? -0.435  7.003  1.663  1.00 0.00 ? 5 TRP A CZ2  8  
ATOM 1085 C CZ3  . TRP A 1 5 ? 1.751   6.456  0.747  1.00 0.00 ? 5 TRP A CZ3  8  
ATOM 1086 C CH2  . TRP A 1 5 ? 0.562   7.204  0.695  1.00 0.00 ? 5 TRP A CH2  8  
ATOM 1087 H H    . TRP A 1 5 ? 2.236   2.859  1.887  1.00 0.00 ? 5 TRP A H    8  
ATOM 1088 H HA   . TRP A 1 5 ? 1.988   1.085  3.922  1.00 0.00 ? 5 TRP A HA   8  
ATOM 1089 H HB2  . TRP A 1 5 ? 1.499   2.953  5.299  1.00 0.00 ? 5 TRP A HB2  8  
ATOM 1090 H HB3  . TRP A 1 5 ? 2.687   3.390  4.079  1.00 0.00 ? 5 TRP A HB3  8  
ATOM 1091 H HD1  . TRP A 1 5 ? -0.754  4.057  5.257  1.00 0.00 ? 5 TRP A HD1  8  
ATOM 1092 H HE1  . TRP A 1 5 ? -1.885  6.004  4.014  1.00 0.00 ? 5 TRP A HE1  8  
ATOM 1093 H HE3  . TRP A 1 5 ? 2.864   4.909  1.758  1.00 0.00 ? 5 TRP A HE3  8  
ATOM 1094 H HZ2  . TRP A 1 5 ? -1.351  7.572  1.631  1.00 0.00 ? 5 TRP A HZ2  8  
ATOM 1095 H HZ3  . TRP A 1 5 ? 2.517   6.617  0.003  1.00 0.00 ? 5 TRP A HZ3  8  
ATOM 1096 H HH2  . TRP A 1 5 ? 0.416   7.937  -0.086 1.00 0.00 ? 5 TRP A HH2  8  
ATOM 1097 N N    . ARG A 1 6 ? -1.064  1.817  2.918  1.00 0.00 ? 6 ARG A N    8  
ATOM 1098 C CA   . ARG A 1 6 ? -2.471  1.430  2.936  1.00 0.00 ? 6 ARG A CA   8  
ATOM 1099 C C    . ARG A 1 6 ? -2.773  0.140  2.158  1.00 0.00 ? 6 ARG A C    8  
ATOM 1100 O O    . ARG A 1 6 ? -3.429  -0.740 2.714  1.00 0.00 ? 6 ARG A O    8  
ATOM 1101 C CB   . ARG A 1 6 ? -3.232  2.636  2.371  1.00 0.00 ? 6 ARG A CB   8  
ATOM 1102 C CG   . ARG A 1 6 ? -4.753  2.472  2.471  1.00 0.00 ? 6 ARG A CG   8  
ATOM 1103 C CD   . ARG A 1 6 ? -5.453  3.800  2.166  1.00 0.00 ? 6 ARG A CD   8  
ATOM 1104 N NE   . ARG A 1 6 ? -6.917  3.646  2.125  1.00 0.00 ? 6 ARG A NE   8  
ATOM 1105 C CZ   . ARG A 1 6 ? -7.737  3.549  3.188  1.00 0.00 ? 6 ARG A CZ   8  
ATOM 1106 N NH1  . ARG A 1 6 ? -7.278  3.606  4.446  1.00 0.00 ? 6 ARG A NH1  8  
ATOM 1107 N NH2  . ARG A 1 6 ? -9.050  3.388  2.987  1.00 0.00 ? 6 ARG A NH2  8  
ATOM 1108 H H    . ARG A 1 6 ? -0.827  2.622  2.356  1.00 0.00 ? 6 ARG A H    8  
ATOM 1109 H HA   . ARG A 1 6 ? -2.806  1.252  3.960  1.00 0.00 ? 6 ARG A HA   8  
ATOM 1110 H HB2  . ARG A 1 6 ? -2.917  3.527  2.918  1.00 0.00 ? 6 ARG A HB2  8  
ATOM 1111 H HB3  . ARG A 1 6 ? -2.939  2.776  1.329  1.00 0.00 ? 6 ARG A HB3  8  
ATOM 1112 H HG2  . ARG A 1 6 ? -5.086  1.714  1.761  1.00 0.00 ? 6 ARG A HG2  8  
ATOM 1113 H HG3  . ARG A 1 6 ? -5.017  2.152  3.480  1.00 0.00 ? 6 ARG A HG3  8  
ATOM 1114 H HD2  . ARG A 1 6 ? -5.177  4.537  2.925  1.00 0.00 ? 6 ARG A HD2  8  
ATOM 1115 H HD3  . ARG A 1 6 ? -5.109  4.169  1.199  1.00 0.00 ? 6 ARG A HD3  8  
ATOM 1116 H HE   . ARG A 1 6 ? -7.336  3.603  1.207  1.00 0.00 ? 6 ARG A HE   8  
ATOM 1117 H HH11 . ARG A 1 6 ? -6.290  3.725  4.618  1.00 0.00 ? 6 ARG A HH11 8  
ATOM 1118 H HH12 . ARG A 1 6 ? -7.920  3.528  5.221  1.00 0.00 ? 6 ARG A HH12 8  
ATOM 1119 H HH21 . ARG A 1 6 ? -9.417  3.344  2.047  1.00 0.00 ? 6 ARG A HH21 8  
ATOM 1120 H HH22 . ARG A 1 6 ? -9.675  3.310  3.776  1.00 0.00 ? 6 ARG A HH22 8  
ATOM 1121 N N    . ARG A 1 1 ? -2.477  -0.026 1.201  1.00 0.00 ? 1 ARG A N    9  
ATOM 1122 C CA   . ARG A 1 1 ? -2.992  -0.389 -0.118 1.00 0.00 ? 1 ARG A CA   9  
ATOM 1123 C C    . ARG A 1 1 ? -1.811  -0.636 -1.066 1.00 0.00 ? 1 ARG A C    9  
ATOM 1124 O O    . ARG A 1 1 ? -0.930  0.216  -1.168 1.00 0.00 ? 1 ARG A O    9  
ATOM 1125 C CB   . ARG A 1 1 ? -3.811  0.797  -0.667 1.00 0.00 ? 1 ARG A CB   9  
ATOM 1126 C CG   . ARG A 1 1 ? -5.281  0.812  -0.227 1.00 0.00 ? 1 ARG A CG   9  
ATOM 1127 C CD   . ARG A 1 1 ? -5.887  2.191  -0.502 1.00 0.00 ? 1 ARG A CD   9  
ATOM 1128 N NE   . ARG A 1 1 ? -7.358  2.160  -0.463 1.00 0.00 ? 1 ARG A NE   9  
ATOM 1129 C CZ   . ARG A 1 1 ? -8.169  1.996  -1.524 1.00 0.00 ? 1 ARG A CZ   9  
ATOM 1130 N NH1  . ARG A 1 1 ? -7.689  1.820  -2.764 1.00 0.00 ? 1 ARG A NH1  9  
ATOM 1131 N NH2  . ARG A 1 1 ? -9.494  2.006  -1.343 1.00 0.00 ? 1 ARG A NH2  9  
ATOM 1132 H H1   . ARG A 1 1 ? -1.621  0.511  1.209  1.00 0.00 ? 1 ARG A H1   9  
ATOM 1133 H HA   . ARG A 1 1 ? -3.621  -1.278 -0.049 1.00 0.00 ? 1 ARG A HA   9  
ATOM 1134 H HB2  . ARG A 1 1 ? -3.332  1.729  -0.360 1.00 0.00 ? 1 ARG A HB2  9  
ATOM 1135 H HB3  . ARG A 1 1 ? -3.798  0.765  -1.758 1.00 0.00 ? 1 ARG A HB3  9  
ATOM 1136 H HG2  . ARG A 1 1 ? -5.820  0.047  -0.785 1.00 0.00 ? 1 ARG A HG2  9  
ATOM 1137 H HG3  . ARG A 1 1 ? -5.372  0.606  0.837  1.00 0.00 ? 1 ARG A HG3  9  
ATOM 1138 H HD2  . ARG A 1 1 ? -5.527  2.887  0.260  1.00 0.00 ? 1 ARG A HD2  9  
ATOM 1139 H HD3  . ARG A 1 1 ? -5.550  2.553  -1.474 1.00 0.00 ? 1 ARG A HD3  9  
ATOM 1140 H HE   . ARG A 1 1 ? -7.786  2.274  0.444  1.00 0.00 ? 1 ARG A HE   9  
ATOM 1141 H HH11 . ARG A 1 1 ? -6.691  1.810  -2.921 1.00 0.00 ? 1 ARG A HH11 9  
ATOM 1142 H HH12 . ARG A 1 1 ? -8.324  1.704  -3.539 1.00 0.00 ? 1 ARG A HH12 9  
ATOM 1143 H HH21 . ARG A 1 1 ? -9.877  2.136  -0.418 1.00 0.00 ? 1 ARG A HH21 9  
ATOM 1144 H HH22 . ARG A 1 1 ? -10.111 1.887  -2.132 1.00 0.00 ? 1 ARG A HH22 9  
ATOM 1145 N N    . ARG A 1 2 ? -1.845  -1.752 -1.816 1.00 0.00 ? 2 ARG A N    9  
ATOM 1146 C CA   . ARG A 1 2 ? -0.874  -2.107 -2.852 1.00 0.00 ? 2 ARG A CA   9  
ATOM 1147 C C    . ARG A 1 2 ? 0.582   -2.045 -2.337 1.00 0.00 ? 2 ARG A C    9  
ATOM 1148 O O    . ARG A 1 2 ? 0.848   -2.381 -1.183 1.00 0.00 ? 2 ARG A O    9  
ATOM 1149 C CB   . ARG A 1 2 ? -1.144  -1.270 -4.127 1.00 0.00 ? 2 ARG A CB   9  
ATOM 1150 C CG   . ARG A 1 2 ? -2.568  -1.382 -4.698 1.00 0.00 ? 2 ARG A CG   9  
ATOM 1151 C CD   . ARG A 1 2 ? -2.894  -2.810 -5.156 1.00 0.00 ? 2 ARG A CD   9  
ATOM 1152 N NE   . ARG A 1 2 ? -4.208  -2.876 -5.811 1.00 0.00 ? 2 ARG A NE   9  
ATOM 1153 C CZ   . ARG A 1 2 ? -4.588  -3.803 -6.709 1.00 0.00 ? 2 ARG A CZ   9  
ATOM 1154 N NH1  . ARG A 1 2 ? -3.762  -4.781 -7.109 1.00 0.00 ? 2 ARG A NH1  9  
ATOM 1155 N NH2  . ARG A 1 2 ? -5.822  -3.750 -7.219 1.00 0.00 ? 2 ARG A NH2  9  
ATOM 1156 H H    . ARG A 1 2 ? -2.607  -2.401 -1.691 1.00 0.00 ? 2 ARG A H    9  
ATOM 1157 H HA   . ARG A 1 2 ? -1.048  -3.150 -3.114 1.00 0.00 ? 2 ARG A HA   9  
ATOM 1158 H HB2  . ARG A 1 2 ? -0.945  -0.221 -3.908 1.00 0.00 ? 2 ARG A HB2  9  
ATOM 1159 H HB3  . ARG A 1 2 ? -0.455  -1.580 -4.914 1.00 0.00 ? 2 ARG A HB3  9  
ATOM 1160 H HG2  . ARG A 1 2 ? -3.300  -1.059 -3.957 1.00 0.00 ? 2 ARG A HG2  9  
ATOM 1161 H HG3  . ARG A 1 2 ? -2.643  -0.717 -5.558 1.00 0.00 ? 2 ARG A HG3  9  
ATOM 1162 H HD2  . ARG A 1 2 ? -2.120  -3.138 -5.852 1.00 0.00 ? 2 ARG A HD2  9  
ATOM 1163 H HD3  . ARG A 1 2 ? -2.902  -3.477 -4.293 1.00 0.00 ? 2 ARG A HD3  9  
ATOM 1164 H HE   . ARG A 1 2 ? -4.878  -2.166 -5.552 1.00 0.00 ? 2 ARG A HE   9  
ATOM 1165 H HH11 . ARG A 1 2 ? -2.825  -4.833 -6.736 1.00 0.00 ? 2 ARG A HH11 9  
ATOM 1166 H HH12 . ARG A 1 2 ? -4.073  -5.459 -7.789 1.00 0.00 ? 2 ARG A HH12 9  
ATOM 1167 H HH21 . ARG A 1 2 ? -6.459  -3.023 -6.929 1.00 0.00 ? 2 ARG A HH21 9  
ATOM 1168 H HH22 . ARG A 1 2 ? -6.118  -4.440 -7.895 1.00 0.00 ? 2 ARG A HH22 9  
ATOM 1169 N N    . TRP A 1 3 ? 1.516   -1.658 -3.216 1.00 0.00 ? 3 TRP A N    9  
ATOM 1170 C CA   . TRP A 1 3 ? 2.954   -1.521 -2.971 1.00 0.00 ? 3 TRP A CA   9  
ATOM 1171 C C    . TRP A 1 3 ? 3.322   -0.361 -2.022 1.00 0.00 ? 3 TRP A C    9  
ATOM 1172 O O    . TRP A 1 3 ? 4.502   -0.188 -1.719 1.00 0.00 ? 3 TRP A O    9  
ATOM 1173 C CB   . TRP A 1 3 ? 3.676   -1.403 -4.329 1.00 0.00 ? 3 TRP A CB   9  
ATOM 1174 C CG   . TRP A 1 3 ? 3.162   -0.356 -5.279 1.00 0.00 ? 3 TRP A CG   9  
ATOM 1175 C CD1  . TRP A 1 3 ? 2.407   -0.596 -6.377 1.00 0.00 ? 3 TRP A CD1  9  
ATOM 1176 C CD2  . TRP A 1 3 ? 3.354   1.096  -5.253 1.00 0.00 ? 3 TRP A CD2  9  
ATOM 1177 N NE1  . TRP A 1 3 ? 2.068   0.590  -6.987 1.00 0.00 ? 3 TRP A NE1  9  
ATOM 1178 C CE2  . TRP A 1 3 ? 2.615   1.671  -6.330 1.00 0.00 ? 3 TRP A CE2  9  
ATOM 1179 C CE3  . TRP A 1 3 ? 4.074   1.991  -4.430 1.00 0.00 ? 3 TRP A CE3  9  
ATOM 1180 C CZ2  . TRP A 1 3 ? 2.560   3.057  -6.555 1.00 0.00 ? 3 TRP A CZ2  9  
ATOM 1181 C CZ3  . TRP A 1 3 ? 4.032   3.381  -4.648 1.00 0.00 ? 3 TRP A CZ3  9  
ATOM 1182 C CH2  . TRP A 1 3 ? 3.270   3.915  -5.701 1.00 0.00 ? 3 TRP A CH2  9  
ATOM 1183 H H    . TRP A 1 3 ? 1.194   -1.382 -4.128 1.00 0.00 ? 3 TRP A H    9  
ATOM 1184 H HA   . TRP A 1 3 ? 3.295   -2.442 -2.496 1.00 0.00 ? 3 TRP A HA   9  
ATOM 1185 H HB2  . TRP A 1 3 ? 4.737   -1.221 -4.155 1.00 0.00 ? 3 TRP A HB2  9  
ATOM 1186 H HB3  . TRP A 1 3 ? 3.603   -2.371 -4.828 1.00 0.00 ? 3 TRP A HB3  9  
ATOM 1187 H HD1  . TRP A 1 3 ? 2.100   -1.574 -6.726 1.00 0.00 ? 3 TRP A HD1  9  
ATOM 1188 H HE1  . TRP A 1 3 ? 1.496   0.632  -7.818 1.00 0.00 ? 3 TRP A HE1  9  
ATOM 1189 H HE3  . TRP A 1 3 ? 4.669   1.606  -3.617 1.00 0.00 ? 3 TRP A HE3  9  
ATOM 1190 H HZ2  . TRP A 1 3 ? 1.984   3.455  -7.377 1.00 0.00 ? 3 TRP A HZ2  9  
ATOM 1191 H HZ3  . TRP A 1 3 ? 4.588   4.042  -3.999 1.00 0.00 ? 3 TRP A HZ3  9  
ATOM 1192 H HH2  . TRP A 1 3 ? 3.240   4.983  -5.860 1.00 0.00 ? 3 TRP A HH2  9  
ATOM 1193 N N    . PHE A 1 4 ? 2.330   0.396  -1.527 1.00 0.00 ? 4 PHE A N    9  
ATOM 1194 C CA   . PHE A 1 4 ? 2.482   1.498  -0.578 1.00 0.00 ? 4 PHE A CA   9  
ATOM 1195 C C    . PHE A 1 4 ? 1.665   1.216  0.697  1.00 0.00 ? 4 PHE A C    9  
ATOM 1196 O O    . PHE A 1 4 ? 1.112   0.126  0.857  1.00 0.00 ? 4 PHE A O    9  
ATOM 1197 C CB   . PHE A 1 4 ? 2.117   2.826  -1.270 1.00 0.00 ? 4 PHE A CB   9  
ATOM 1198 C CG   . PHE A 1 4 ? 0.711   2.927  -1.840 1.00 0.00 ? 4 PHE A CG   9  
ATOM 1199 C CD1  . PHE A 1 4 ? 0.435   2.475  -3.145 1.00 0.00 ? 4 PHE A CD1  9  
ATOM 1200 C CD2  . PHE A 1 4 ? -0.322  3.509  -1.079 1.00 0.00 ? 4 PHE A CD2  9  
ATOM 1201 C CE1  . PHE A 1 4 ? -0.860  2.594  -3.680 1.00 0.00 ? 4 PHE A CE1  9  
ATOM 1202 C CE2  . PHE A 1 4 ? -1.618  3.626  -1.610 1.00 0.00 ? 4 PHE A CE2  9  
ATOM 1203 C CZ   . PHE A 1 4 ? -1.888  3.167  -2.911 1.00 0.00 ? 4 PHE A CZ   9  
ATOM 1204 H H    . PHE A 1 4 ? 1.384   0.184  -1.810 1.00 0.00 ? 4 PHE A H    9  
ATOM 1205 H HA   . PHE A 1 4 ? 3.526   1.573  -0.276 1.00 0.00 ? 4 PHE A HA   9  
ATOM 1206 H HB2  . PHE A 1 4 ? 2.270   3.643  -0.564 1.00 0.00 ? 4 PHE A HB2  9  
ATOM 1207 H HB3  . PHE A 1 4 ? 2.826   2.990  -2.080 1.00 0.00 ? 4 PHE A HB3  9  
ATOM 1208 H HD1  . PHE A 1 4 ? 1.216   2.033  -3.742 1.00 0.00 ? 4 PHE A HD1  9  
ATOM 1209 H HD2  . PHE A 1 4 ? -0.118  3.870  -0.084 1.00 0.00 ? 4 PHE A HD2  9  
ATOM 1210 H HE1  . PHE A 1 4 ? -1.064  2.248  -4.681 1.00 0.00 ? 4 PHE A HE1  9  
ATOM 1211 H HE2  . PHE A 1 4 ? -2.403  4.072  -1.018 1.00 0.00 ? 4 PHE A HE2  9  
ATOM 1212 H HZ   . PHE A 1 4 ? -2.883  3.258  -3.320 1.00 0.00 ? 4 PHE A HZ   9  
ATOM 1213 N N    . TRP A 1 5 ? 1.631   2.179  1.633  1.00 0.00 ? 5 TRP A N    9  
ATOM 1214 C CA   . TRP A 1 5 ? 0.948   2.028  2.915  1.00 0.00 ? 5 TRP A CA   9  
ATOM 1215 C C    . TRP A 1 5 ? -0.555  1.784  2.712  1.00 0.00 ? 5 TRP A C    9  
ATOM 1216 O O    . TRP A 1 5 ? -1.186  2.428  1.874  1.00 0.00 ? 5 TRP A O    9  
ATOM 1217 C CB   . TRP A 1 5 ? 1.230   3.240  3.829  1.00 0.00 ? 5 TRP A CB   9  
ATOM 1218 C CG   . TRP A 1 5 ? 0.036   4.025  4.293  1.00 0.00 ? 5 TRP A CG   9  
ATOM 1219 C CD1  . TRP A 1 5 ? -0.598  3.882  5.477  1.00 0.00 ? 5 TRP A CD1  9  
ATOM 1220 C CD2  . TRP A 1 5 ? -0.727  5.034  3.565  1.00 0.00 ? 5 TRP A CD2  9  
ATOM 1221 N NE1  . TRP A 1 5 ? -1.681  4.735  5.540  1.00 0.00 ? 5 TRP A NE1  9  
ATOM 1222 C CE2  . TRP A 1 5 ? -1.823  5.457  4.374  1.00 0.00 ? 5 TRP A CE2  9  
ATOM 1223 C CE3  . TRP A 1 5 ? -0.618  5.602  2.280  1.00 0.00 ? 5 TRP A CE3  9  
ATOM 1224 C CZ2  . TRP A 1 5 ? -2.760  6.404  3.928  1.00 0.00 ? 5 TRP A CZ2  9  
ATOM 1225 C CZ3  . TRP A 1 5 ? -1.550  6.552  1.822  1.00 0.00 ? 5 TRP A CZ3  9  
ATOM 1226 C CH2  . TRP A 1 5 ? -2.618  6.954  2.643  1.00 0.00 ? 5 TRP A CH2  9  
ATOM 1227 H H    . TRP A 1 5 ? 2.108   3.051  1.460  1.00 0.00 ? 5 TRP A H    9  
ATOM 1228 H HA   . TRP A 1 5 ? 1.376   1.150  3.402  1.00 0.00 ? 5 TRP A HA   9  
ATOM 1229 H HB2  . TRP A 1 5 ? 1.756   2.877  4.713  1.00 0.00 ? 5 TRP A HB2  9  
ATOM 1230 H HB3  . TRP A 1 5 ? 1.909   3.931  3.327  1.00 0.00 ? 5 TRP A HB3  9  
ATOM 1231 H HD1  . TRP A 1 5 ? -0.315  3.180  6.246  1.00 0.00 ? 5 TRP A HD1  9  
ATOM 1232 H HE1  . TRP A 1 5 ? -2.289  4.786  6.344  1.00 0.00 ? 5 TRP A HE1  9  
ATOM 1233 H HE3  . TRP A 1 5 ? 0.193   5.285  1.643  1.00 0.00 ? 5 TRP A HE3  9  
ATOM 1234 H HZ2  . TRP A 1 5 ? -3.578  6.706  4.565  1.00 0.00 ? 5 TRP A HZ2  9  
ATOM 1235 H HZ3  . TRP A 1 5 ? -1.443  6.971  0.832  1.00 0.00 ? 5 TRP A HZ3  9  
ATOM 1236 H HH2  . TRP A 1 5 ? -3.328  7.685  2.285  1.00 0.00 ? 5 TRP A HH2  9  
ATOM 1237 N N    . ARG A 1 6 ? -1.106  0.876  3.535  1.00 0.00 ? 6 ARG A N    9  
ATOM 1238 C CA   . ARG A 1 6 ? -2.515  0.472  3.628  1.00 0.00 ? 6 ARG A CA   9  
ATOM 1239 C C    . ARG A 1 6 ? -3.106  -0.200 2.370  1.00 0.00 ? 6 ARG A C    9  
ATOM 1240 O O    . ARG A 1 6 ? -4.123  -0.885 2.479  1.00 0.00 ? 6 ARG A O    9  
ATOM 1241 C CB   . ARG A 1 6 ? -3.340  1.690  4.085  1.00 0.00 ? 6 ARG A CB   9  
ATOM 1242 C CG   . ARG A 1 6 ? -4.738  1.352  4.623  1.00 0.00 ? 6 ARG A CG   9  
ATOM 1243 C CD   . ARG A 1 6 ? -5.387  2.569  5.302  1.00 0.00 ? 6 ARG A CD   9  
ATOM 1244 N NE   . ARG A 1 6 ? -5.440  3.748  4.421  1.00 0.00 ? 6 ARG A NE   9  
ATOM 1245 C CZ   . ARG A 1 6 ? -6.303  3.944  3.410  1.00 0.00 ? 6 ARG A CZ   9  
ATOM 1246 N NH1  . ARG A 1 6 ? -7.273  3.063  3.128  1.00 0.00 ? 6 ARG A NH1  9  
ATOM 1247 N NH2  . ARG A 1 6 ? -6.187  5.047  2.664  1.00 0.00 ? 6 ARG A NH2  9  
ATOM 1248 H H    . ARG A 1 6 ? -0.485  0.441  4.200  1.00 0.00 ? 6 ARG A H    9  
ATOM 1249 H HA   . ARG A 1 6 ? -2.560  -0.268 4.429  1.00 0.00 ? 6 ARG A HA   9  
ATOM 1250 H HB2  . ARG A 1 6 ? -2.794  2.194  4.881  1.00 0.00 ? 6 ARG A HB2  9  
ATOM 1251 H HB3  . ARG A 1 6 ? -3.441  2.383  3.247  1.00 0.00 ? 6 ARG A HB3  9  
ATOM 1252 H HG2  . ARG A 1 6 ? -5.375  1.013  3.805  1.00 0.00 ? 6 ARG A HG2  9  
ATOM 1253 H HG3  . ARG A 1 6 ? -4.657  0.550  5.358  1.00 0.00 ? 6 ARG A HG3  9  
ATOM 1254 H HD2  . ARG A 1 6 ? -6.395  2.305  5.625  1.00 0.00 ? 6 ARG A HD2  9  
ATOM 1255 H HD3  . ARG A 1 6 ? -4.804  2.828  6.187  1.00 0.00 ? 6 ARG A HD3  9  
ATOM 1256 H HE   . ARG A 1 6 ? -4.738  4.456  4.584  1.00 0.00 ? 6 ARG A HE   9  
ATOM 1257 H HH11 . ARG A 1 6 ? -7.371  2.228  3.687  1.00 0.00 ? 6 ARG A HH11 9  
ATOM 1258 H HH12 . ARG A 1 6 ? -7.915  3.244  2.371  1.00 0.00 ? 6 ARG A HH12 9  
ATOM 1259 H HH21 . ARG A 1 6 ? -5.457  5.717  2.865  1.00 0.00 ? 6 ARG A HH21 9  
ATOM 1260 H HH22 . ARG A 1 6 ? -6.828  5.214  1.903  1.00 0.00 ? 6 ARG A HH22 9  
ATOM 1261 N N    . ARG A 1 1 ? -1.965  -0.653 1.310  1.00 0.00 ? 1 ARG A N    10 
ATOM 1262 C CA   . ARG A 1 1 ? -2.103  -1.681 0.282  1.00 0.00 ? 1 ARG A CA   10 
ATOM 1263 C C    . ARG A 1 1 ? -1.683  -1.174 -1.108 1.00 0.00 ? 1 ARG A C    10 
ATOM 1264 O O    . ARG A 1 1 ? -1.243  -0.034 -1.239 1.00 0.00 ? 1 ARG A O    10 
ATOM 1265 C CB   . ARG A 1 1 ? -3.505  -2.334 0.334  1.00 0.00 ? 1 ARG A CB   10 
ATOM 1266 C CG   . ARG A 1 1 ? -3.845  -2.966 1.702  1.00 0.00 ? 1 ARG A CG   10 
ATOM 1267 C CD   . ARG A 1 1 ? -4.483  -2.019 2.733  1.00 0.00 ? 1 ARG A CD   10 
ATOM 1268 N NE   . ARG A 1 1 ? -5.852  -1.643 2.360  1.00 0.00 ? 1 ARG A NE   10 
ATOM 1269 C CZ   . ARG A 1 1 ? -6.692  -0.925 3.124  1.00 0.00 ? 1 ARG A CZ   10 
ATOM 1270 N NH1  . ARG A 1 1 ? -6.312  -0.433 4.312  1.00 0.00 ? 1 ARG A NH1  10 
ATOM 1271 N NH2  . ARG A 1 1 ? -7.937  -0.697 2.694  1.00 0.00 ? 1 ARG A NH2  10 
ATOM 1272 H H1   . ARG A 1 1 ? -1.301  -0.858 2.043  1.00 0.00 ? 1 ARG A H1   10 
ATOM 1273 H HA   . ARG A 1 1 ? -1.390  -2.467 0.537  1.00 0.00 ? 1 ARG A HA   10 
ATOM 1274 H HB2  . ARG A 1 1 ? -4.272  -1.612 0.052  1.00 0.00 ? 1 ARG A HB2  10 
ATOM 1275 H HB3  . ARG A 1 1 ? -3.528  -3.136 -0.403 1.00 0.00 ? 1 ARG A HB3  10 
ATOM 1276 H HG2  . ARG A 1 1 ? -4.540  -3.790 1.533  1.00 0.00 ? 1 ARG A HG2  10 
ATOM 1277 H HG3  . ARG A 1 1 ? -2.938  -3.394 2.130  1.00 0.00 ? 1 ARG A HG3  10 
ATOM 1278 H HD2  . ARG A 1 1 ? -4.512  -2.523 3.697  1.00 0.00 ? 1 ARG A HD2  10 
ATOM 1279 H HD3  . ARG A 1 1 ? -3.888  -1.117 2.862  1.00 0.00 ? 1 ARG A HD3  10 
ATOM 1280 H HE   . ARG A 1 1 ? -6.192  -1.989 1.472  1.00 0.00 ? 1 ARG A HE   10 
ATOM 1281 H HH11 . ARG A 1 1 ? -5.378  -0.606 4.653  1.00 0.00 ? 1 ARG A HH11 10 
ATOM 1282 H HH12 . ARG A 1 1 ? -6.966  0.094  4.874  1.00 0.00 ? 1 ARG A HH12 10 
ATOM 1283 H HH21 . ARG A 1 1 ? -8.240  -1.073 1.807  1.00 0.00 ? 1 ARG A HH21 10 
ATOM 1284 H HH22 . ARG A 1 1 ? -8.580  -0.170 3.265  1.00 0.00 ? 1 ARG A HH22 10 
ATOM 1285 N N    . ARG A 1 2 ? -1.775  -2.059 -2.118 1.00 0.00 ? 2 ARG A N    10 
ATOM 1286 C CA   . ARG A 1 2 ? -1.254  -1.947 -3.491 1.00 0.00 ? 2 ARG A CA   10 
ATOM 1287 C C    . ARG A 1 2 ? 0.240   -2.276 -3.465 1.00 0.00 ? 2 ARG A C    10 
ATOM 1288 O O    . ARG A 1 2 ? 0.670   -3.305 -3.983 1.00 0.00 ? 2 ARG A O    10 
ATOM 1289 C CB   . ARG A 1 2 ? -1.495  -0.564 -4.148 1.00 0.00 ? 2 ARG A CB   10 
ATOM 1290 C CG   . ARG A 1 2 ? -2.986  -0.198 -4.270 1.00 0.00 ? 2 ARG A CG   10 
ATOM 1291 C CD   . ARG A 1 2 ? -3.207  1.321  -4.303 1.00 0.00 ? 2 ARG A CD   10 
ATOM 1292 N NE   . ARG A 1 2 ? -2.987  1.919  -2.976 1.00 0.00 ? 2 ARG A NE   10 
ATOM 1293 C CZ   . ARG A 1 2 ? -2.910  3.231  -2.703 1.00 0.00 ? 2 ARG A CZ   10 
ATOM 1294 N NH1  . ARG A 1 2 ? -3.034  4.157  -3.662 1.00 0.00 ? 2 ARG A NH1  10 
ATOM 1295 N NH2  . ARG A 1 2 ? -2.699  3.621  -1.440 1.00 0.00 ? 2 ARG A NH2  10 
ATOM 1296 H H    . ARG A 1 2 ? -2.157  -2.961 -1.876 1.00 0.00 ? 2 ARG A H    10 
ATOM 1297 H HA   . ARG A 1 2 ? -1.756  -2.699 -4.101 1.00 0.00 ? 2 ARG A HA   10 
ATOM 1298 H HB2  . ARG A 1 2 ? -0.952  0.212  -3.609 1.00 0.00 ? 2 ARG A HB2  10 
ATOM 1299 H HB3  . ARG A 1 2 ? -1.050  -0.574 -5.146 1.00 0.00 ? 2 ARG A HB3  10 
ATOM 1300 H HG2  . ARG A 1 2 ? -3.380  -0.636 -5.186 1.00 0.00 ? 2 ARG A HG2  10 
ATOM 1301 H HG3  . ARG A 1 2 ? -3.553  -0.604 -3.432 1.00 0.00 ? 2 ARG A HG3  10 
ATOM 1302 H HD2  . ARG A 1 2 ? -2.531  1.771  -5.032 1.00 0.00 ? 2 ARG A HD2  10 
ATOM 1303 H HD3  . ARG A 1 2 ? -4.234  1.520  -4.607 1.00 0.00 ? 2 ARG A HD3  10 
ATOM 1304 H HE   . ARG A 1 2 ? -2.876  1.271  -2.207 1.00 0.00 ? 2 ARG A HE   10 
ATOM 1305 H HH11 . ARG A 1 2 ? -3.191  3.873  -4.618 1.00 0.00 ? 2 ARG A HH11 10 
ATOM 1306 H HH12 . ARG A 1 2 ? -2.963  5.139  -3.434 1.00 0.00 ? 2 ARG A HH12 10 
ATOM 1307 H HH21 . ARG A 1 2 ? -2.599  2.930  -0.710 1.00 0.00 ? 2 ARG A HH21 10 
ATOM 1308 H HH22 . ARG A 1 2 ? -2.618  4.604  -1.222 1.00 0.00 ? 2 ARG A HH22 10 
ATOM 1309 N N    . TRP A 1 3 ? 0.991   -1.392 -2.803 1.00 0.00 ? 3 TRP A N    10 
ATOM 1310 C CA   . TRP A 1 3 ? 2.391   -1.493 -2.424 1.00 0.00 ? 3 TRP A CA   10 
ATOM 1311 C C    . TRP A 1 3 ? 2.709   -0.414 -1.368 1.00 0.00 ? 3 TRP A C    10 
ATOM 1312 O O    . TRP A 1 3 ? 3.676   -0.560 -0.621 1.00 0.00 ? 3 TRP A O    10 
ATOM 1313 C CB   . TRP A 1 3 ? 3.277   -1.337 -3.668 1.00 0.00 ? 3 TRP A CB   10 
ATOM 1314 C CG   . TRP A 1 3 ? 3.121   -0.050 -4.422 1.00 0.00 ? 3 TRP A CG   10 
ATOM 1315 C CD1  . TRP A 1 3 ? 2.381   0.142  -5.538 1.00 0.00 ? 3 TRP A CD1  10 
ATOM 1316 C CD2  . TRP A 1 3 ? 3.718   1.242  -4.120 1.00 0.00 ? 3 TRP A CD2  10 
ATOM 1317 N NE1  . TRP A 1 3 ? 2.493   1.451  -5.954 1.00 0.00 ? 3 TRP A NE1  10 
ATOM 1318 C CE2  . TRP A 1 3 ? 3.322   2.177  -5.122 1.00 0.00 ? 3 TRP A CE2  10 
ATOM 1319 C CE3  . TRP A 1 3 ? 4.560   1.710  -3.090 1.00 0.00 ? 3 TRP A CE3  10 
ATOM 1320 C CZ2  . TRP A 1 3 ? 3.767   3.507  -5.120 1.00 0.00 ? 3 TRP A CZ2  10 
ATOM 1321 C CZ3  . TRP A 1 3 ? 5.000   3.047  -3.070 1.00 0.00 ? 3 TRP A CZ3  10 
ATOM 1322 C CH2  . TRP A 1 3 ? 4.614   3.941  -4.086 1.00 0.00 ? 3 TRP A CH2  10 
ATOM 1323 H H    . TRP A 1 3 ? 0.511   -0.579 -2.443 1.00 0.00 ? 3 TRP A H    10 
ATOM 1324 H HA   . TRP A 1 3 ? 2.563   -2.472 -1.982 1.00 0.00 ? 3 TRP A HA   10 
ATOM 1325 H HB2  . TRP A 1 3 ? 4.320   -1.422 -3.359 1.00 0.00 ? 3 TRP A HB2  10 
ATOM 1326 H HB3  . TRP A 1 3 ? 3.081   -2.164 -4.352 1.00 0.00 ? 3 TRP A HB3  10 
ATOM 1327 H HD1  . TRP A 1 3 ? 1.799   -0.620 -6.037 1.00 0.00 ? 3 TRP A HD1  10 
ATOM 1328 H HE1  . TRP A 1 3 ? 2.030   1.805  -6.780 1.00 0.00 ? 3 TRP A HE1  10 
ATOM 1329 H HE3  . TRP A 1 3 ? 4.859   1.020  -2.307 1.00 0.00 ? 3 TRP A HE3  10 
ATOM 1330 H HZ2  . TRP A 1 3 ? 3.455   4.190  -5.897 1.00 0.00 ? 3 TRP A HZ2  10 
ATOM 1331 H HZ3  . TRP A 1 3 ? 5.645   3.389  -2.274 1.00 0.00 ? 3 TRP A HZ3  10 
ATOM 1332 H HH2  . TRP A 1 3 ? 4.959   4.965  -4.067 1.00 0.00 ? 3 TRP A HH2  10 
ATOM 1333 N N    . PHE A 1 4 ? 1.874   0.640  -1.294 1.00 0.00 ? 4 PHE A N    10 
ATOM 1334 C CA   . PHE A 1 4 ? 1.883   1.715  -0.305 1.00 0.00 ? 4 PHE A CA   10 
ATOM 1335 C C    . PHE A 1 4 ? 1.673   1.208  1.128  1.00 0.00 ? 4 PHE A C    10 
ATOM 1336 O O    . PHE A 1 4 ? 1.391   0.032  1.366  1.00 0.00 ? 4 PHE A O    10 
ATOM 1337 C CB   . PHE A 1 4 ? 0.775   2.725  -0.667 1.00 0.00 ? 4 PHE A CB   10 
ATOM 1338 C CG   . PHE A 1 4 ? 1.135   3.708  -1.757 1.00 0.00 ? 4 PHE A CG   10 
ATOM 1339 C CD1  . PHE A 1 4 ? 2.003   4.773  -1.461 1.00 0.00 ? 4 PHE A CD1  10 
ATOM 1340 C CD2  . PHE A 1 4 ? 0.542   3.618  -3.028 1.00 0.00 ? 4 PHE A CD2  10 
ATOM 1341 C CE1  . PHE A 1 4 ? 2.253   5.769  -2.417 1.00 0.00 ? 4 PHE A CE1  10 
ATOM 1342 C CE2  . PHE A 1 4 ? 0.791   4.616  -3.985 1.00 0.00 ? 4 PHE A CE2  10 
ATOM 1343 C CZ   . PHE A 1 4 ? 1.639   5.696  -3.680 1.00 0.00 ? 4 PHE A CZ   10 
ATOM 1344 H H    . PHE A 1 4 ? 1.117   0.668  -1.961 1.00 0.00 ? 4 PHE A H    10 
ATOM 1345 H HA   . PHE A 1 4 ? 2.841   2.232  -0.347 1.00 0.00 ? 4 PHE A HA   10 
ATOM 1346 H HB2  . PHE A 1 4 ? -0.132  2.192  -0.942 1.00 0.00 ? 4 PHE A HB2  10 
ATOM 1347 H HB3  . PHE A 1 4 ? 0.518   3.325  0.203  1.00 0.00 ? 4 PHE A HB3  10 
ATOM 1348 H HD1  . PHE A 1 4 ? 2.468   4.840  -0.490 1.00 0.00 ? 4 PHE A HD1  10 
ATOM 1349 H HD2  . PHE A 1 4 ? -0.119  2.798  -3.268 1.00 0.00 ? 4 PHE A HD2  10 
ATOM 1350 H HE1  . PHE A 1 4 ? 2.909   6.589  -2.167 1.00 0.00 ? 4 PHE A HE1  10 
ATOM 1351 H HE2  . PHE A 1 4 ? 0.320   4.551  -4.952 1.00 0.00 ? 4 PHE A HE2  10 
ATOM 1352 H HZ   . PHE A 1 4 ? 1.825   6.464  -4.418 1.00 0.00 ? 4 PHE A HZ   10 
ATOM 1353 N N    . TRP A 1 5 ? 1.749   2.153  2.078  1.00 0.00 ? 5 TRP A N    10 
ATOM 1354 C CA   . TRP A 1 5 ? 1.384   1.997  3.481  1.00 0.00 ? 5 TRP A CA   10 
ATOM 1355 C C    . TRP A 1 5 ? -0.080  1.553  3.686  1.00 0.00 ? 5 TRP A C    10 
ATOM 1356 O O    . TRP A 1 5 ? -0.449  1.155  4.790  1.00 0.00 ? 5 TRP A O    10 
ATOM 1357 C CB   . TRP A 1 5 ? 1.646   3.352  4.160  1.00 0.00 ? 5 TRP A CB   10 
ATOM 1358 C CG   . TRP A 1 5 ? 0.583   4.398  3.973  1.00 0.00 ? 5 TRP A CG   10 
ATOM 1359 C CD1  . TRP A 1 5 ? -0.542  4.500  4.715  1.00 0.00 ? 5 TRP A CD1  10 
ATOM 1360 C CD2  . TRP A 1 5 ? 0.494   5.471  2.983  1.00 0.00 ? 5 TRP A CD2  10 
ATOM 1361 N NE1  . TRP A 1 5 ? -1.315  5.547  4.267  1.00 0.00 ? 5 TRP A NE1  10 
ATOM 1362 C CE2  . TRP A 1 5 ? -0.734  6.172  3.184  1.00 0.00 ? 5 TRP A CE2  10 
ATOM 1363 C CE3  . TRP A 1 5 ? 1.321   5.922  1.932  1.00 0.00 ? 5 TRP A CE3  10 
ATOM 1364 C CZ2  . TRP A 1 5 ? -1.127  7.252  2.379  1.00 0.00 ? 5 TRP A CZ2  10 
ATOM 1365 C CZ3  . TRP A 1 5 ? 0.937   7.003  1.114  1.00 0.00 ? 5 TRP A CZ3  10 
ATOM 1366 C CH2  . TRP A 1 5 ? -0.285  7.665  1.334  1.00 0.00 ? 5 TRP A CH2  10 
ATOM 1367 H H    . TRP A 1 5 ? 1.976   3.099  1.804  1.00 0.00 ? 5 TRP A H    10 
ATOM 1368 H HA   . TRP A 1 5 ? 2.047   1.250  3.920  1.00 0.00 ? 5 TRP A HA   10 
ATOM 1369 H HB2  . TRP A 1 5 ? 1.759   3.180  5.226  1.00 0.00 ? 5 TRP A HB2  10 
ATOM 1370 H HB3  . TRP A 1 5 ? 2.590   3.758  3.790  1.00 0.00 ? 5 TRP A HB3  10 
ATOM 1371 H HD1  . TRP A 1 5 ? -0.809  3.830  5.521  1.00 0.00 ? 5 TRP A HD1  10 
ATOM 1372 H HE1  . TRP A 1 5 ? -2.197  5.796  4.689  1.00 0.00 ? 5 TRP A HE1  10 
ATOM 1373 H HE3  . TRP A 1 5 ? 2.267   5.432  1.753  1.00 0.00 ? 5 TRP A HE3  10 
ATOM 1374 H HZ2  . TRP A 1 5 ? -2.061  7.759  2.565  1.00 0.00 ? 5 TRP A HZ2  10 
ATOM 1375 H HZ3  . TRP A 1 5 ? 1.586   7.330  0.316  1.00 0.00 ? 5 TRP A HZ3  10 
ATOM 1376 H HH2  . TRP A 1 5 ? -0.570  8.496  0.705  1.00 0.00 ? 5 TRP A HH2  10 
ATOM 1377 N N    . ARG A 1 6 ? -0.903  1.634  2.626  1.00 0.00 ? 6 ARG A N    10 
ATOM 1378 C CA   . ARG A 1 6 ? -2.336  1.377  2.603  1.00 0.00 ? 6 ARG A CA   10 
ATOM 1379 C C    . ARG A 1 6 ? -2.635  0.512  1.371  1.00 0.00 ? 6 ARG A C    10 
ATOM 1380 O O    . ARG A 1 6 ? -3.421  0.885  0.500  1.00 0.00 ? 6 ARG A O    10 
ATOM 1381 C CB   . ARG A 1 6 ? -3.067  2.725  2.625  1.00 0.00 ? 6 ARG A CB   10 
ATOM 1382 C CG   . ARG A 1 6 ? -4.590  2.643  2.816  1.00 0.00 ? 6 ARG A CG   10 
ATOM 1383 C CD   . ARG A 1 6 ? -5.195  4.051  2.901  1.00 0.00 ? 6 ARG A CD   10 
ATOM 1384 N NE   . ARG A 1 6 ? -5.016  4.802  1.647  1.00 0.00 ? 6 ARG A NE   10 
ATOM 1385 C CZ   . ARG A 1 6 ? -4.829  6.128  1.540  1.00 0.00 ? 6 ARG A CZ   10 
ATOM 1386 N NH1  . ARG A 1 6 ? -4.834  6.935  2.610  1.00 0.00 ? 6 ARG A NH1  10 
ATOM 1387 N NH2  . ARG A 1 6 ? -4.632  6.662  0.329  1.00 0.00 ? 6 ARG A NH2  10 
ATOM 1388 H H    . ARG A 1 6 ? -0.506  1.964  1.758  1.00 0.00 ? 6 ARG A H    10 
ATOM 1389 H HA   . ARG A 1 6 ? -2.616  0.821  3.499  1.00 0.00 ? 6 ARG A HA   10 
ATOM 1390 H HB2  . ARG A 1 6 ? -2.674  3.291  3.467  1.00 0.00 ? 6 ARG A HB2  10 
ATOM 1391 H HB3  . ARG A 1 6 ? -2.836  3.256  1.702  1.00 0.00 ? 6 ARG A HB3  10 
ATOM 1392 H HG2  . ARG A 1 6 ? -5.056  2.104  1.992  1.00 0.00 ? 6 ARG A HG2  10 
ATOM 1393 H HG3  . ARG A 1 6 ? -4.803  2.112  3.744  1.00 0.00 ? 6 ARG A HG3  10 
ATOM 1394 H HD2  . ARG A 1 6 ? -6.263  3.964  3.108  1.00 0.00 ? 6 ARG A HD2  10 
ATOM 1395 H HD3  . ARG A 1 6 ? -4.724  4.583  3.728  1.00 0.00 ? 6 ARG A HD3  10 
ATOM 1396 H HE   . ARG A 1 6 ? -5.009  4.255  0.799  1.00 0.00 ? 6 ARG A HE   10 
ATOM 1397 H HH11 . ARG A 1 6 ? -4.985  6.549  3.531  1.00 0.00 ? 6 ARG A HH11 10 
ATOM 1398 H HH12 . ARG A 1 6 ? -4.693  7.927  2.495  1.00 0.00 ? 6 ARG A HH12 10 
ATOM 1399 H HH21 . ARG A 1 6 ? -4.635  6.072  -0.491 1.00 0.00 ? 6 ARG A HH21 10 
ATOM 1400 H HH22 . ARG A 1 6 ? -4.492  7.657  0.232  1.00 0.00 ? 6 ARG A HH22 10 
# 
